data_6H4S
#
_entry.id   6H4S
#
_cell.length_a   57.690
_cell.length_b   101.373
_cell.length_c   142.930
_cell.angle_alpha   90.00
_cell.angle_beta   99.25
_cell.angle_gamma   90.00
#
_symmetry.space_group_name_H-M   'P 1 21 1'
#
loop_
_entity.id
_entity.type
_entity.pdbx_description
1 polymer 'Lysine-specific demethylase 4A'
2 non-polymer 'ZINC ION'
3 non-polymer 8-[4-[2-[4-[3-[2-(dimethylamino)ethyl]phenyl]piperidin-1-yl]ethyl]pyrazol-1-yl]-3~{H}-pyrido[3,4-d]pyrimidin-4-one
4 non-polymer 'DIMETHYL SULFOXIDE'
5 non-polymer 'CHLORIDE ION'
6 water water
#
_entity_poly.entity_id   1
_entity_poly.type   'polypeptide(L)'
_entity_poly.pdbx_seq_one_letter_code
;SMASESETLNPSARIMTFYPTMEEFRNFSRYIAYIESQGAHRAGLAKVVPPKEWKPRASYDDIDDLVIPAPIQQLVTGQS
GLFTQYNIQKKAMTVREFRKIANSDKYCTPRYSEFEELERKYWKNLTFNPPIYGADVNGTLYEKHVDEWNIGRLRTILDL
VEKESGITIEGVNTPYLYFGMWKTSFAWHTEDMDLYSINYLHFGEPKSWYSVPPEHGKRLERLAKGFFPGSAQSCEAFLR
HKMTLISPLMLKKYGIPFDKVTQEAGEFMITFPYGYHAGFNHGFNCAESTNFATRRWIEYGKQAVLCSCRKDMVKISMDV
FVRKFQPERYKLWKAGKDNTVIDHTLPTPEAAEFLKESEL
;
_entity_poly.pdbx_strand_id   A,B,C,D
#
# COMPACT_ATOMS: atom_id res chain seq x y z
N LEU A 9 20.86 -42.83 5.99
CA LEU A 9 19.89 -41.75 6.09
C LEU A 9 20.54 -40.39 6.52
N ASN A 10 21.48 -39.93 5.68
CA ASN A 10 22.25 -38.68 5.82
C ASN A 10 22.83 -38.52 7.26
N PRO A 11 23.65 -39.47 7.76
CA PRO A 11 24.21 -39.30 9.12
C PRO A 11 25.06 -38.05 9.30
N SER A 12 25.67 -37.56 8.21
CA SER A 12 26.54 -36.38 8.22
C SER A 12 25.78 -35.05 8.21
N ALA A 13 24.46 -35.10 7.93
CA ALA A 13 23.56 -33.94 7.81
C ALA A 13 24.12 -32.88 6.84
N ARG A 14 24.63 -33.35 5.66
CA ARG A 14 25.17 -32.51 4.57
C ARG A 14 24.06 -32.19 3.57
N ILE A 15 24.11 -31.00 2.94
CA ILE A 15 23.15 -30.53 1.93
C ILE A 15 23.18 -31.49 0.75
N MET A 16 22.02 -32.06 0.43
CA MET A 16 21.85 -32.99 -0.67
C MET A 16 21.26 -32.30 -1.87
N THR A 17 21.60 -32.79 -3.08
CA THR A 17 21.14 -32.29 -4.36
C THR A 17 20.41 -33.42 -5.08
N PHE A 18 19.21 -33.09 -5.59
CA PHE A 18 18.36 -34.05 -6.31
C PHE A 18 18.14 -33.60 -7.75
N TYR A 19 18.04 -34.57 -8.65
CA TYR A 19 17.81 -34.36 -10.08
C TYR A 19 16.58 -35.15 -10.53
N PRO A 20 15.34 -34.72 -10.15
CA PRO A 20 14.14 -35.49 -10.55
C PRO A 20 13.88 -35.49 -12.05
N THR A 21 13.26 -36.58 -12.53
CA THR A 21 12.85 -36.72 -13.91
C THR A 21 11.54 -35.94 -14.03
N MET A 22 10.98 -35.79 -15.25
CA MET A 22 9.72 -35.08 -15.42
C MET A 22 8.57 -35.72 -14.63
N GLU A 23 8.51 -37.07 -14.60
CA GLU A 23 7.50 -37.86 -13.89
C GLU A 23 7.60 -37.68 -12.37
N GLU A 24 8.84 -37.73 -11.81
CA GLU A 24 9.09 -37.54 -10.37
C GLU A 24 8.71 -36.11 -9.92
N PHE A 25 9.10 -35.12 -10.74
CA PHE A 25 8.91 -33.69 -10.55
C PHE A 25 7.45 -33.22 -10.58
N ARG A 26 6.57 -33.92 -11.28
CA ARG A 26 5.16 -33.53 -11.42
C ARG A 26 4.40 -33.38 -10.07
N ASN A 27 4.67 -34.26 -9.09
CA ASN A 27 4.00 -34.19 -7.81
C ASN A 27 4.94 -33.59 -6.78
N PHE A 28 4.69 -32.31 -6.41
CA PHE A 28 5.49 -31.52 -5.47
C PHE A 28 5.61 -32.19 -4.09
N SER A 29 4.48 -32.37 -3.38
CA SER A 29 4.41 -32.97 -2.04
C SER A 29 4.97 -34.38 -1.98
N ARG A 30 4.76 -35.18 -3.04
CA ARG A 30 5.30 -36.53 -3.15
C ARG A 30 6.83 -36.45 -3.22
N TYR A 31 7.37 -35.54 -4.02
CA TYR A 31 8.82 -35.39 -4.13
C TYR A 31 9.48 -34.82 -2.87
N ILE A 32 8.75 -33.99 -2.11
CA ILE A 32 9.23 -33.46 -0.83
C ILE A 32 9.34 -34.65 0.15
N ALA A 33 8.33 -35.53 0.13
CA ALA A 33 8.26 -36.76 0.91
C ALA A 33 9.41 -37.70 0.52
N TYR A 34 9.73 -37.79 -0.79
CA TYR A 34 10.84 -38.62 -1.26
C TYR A 34 12.20 -38.12 -0.78
N ILE A 35 12.46 -36.81 -0.88
CA ILE A 35 13.77 -36.25 -0.46
C ILE A 35 13.95 -36.37 1.05
N GLU A 36 12.83 -36.38 1.81
CA GLU A 36 12.82 -36.58 3.26
C GLU A 36 13.15 -38.03 3.64
N SER A 37 12.71 -39.00 2.82
CA SER A 37 12.96 -40.42 3.02
C SER A 37 14.46 -40.72 2.80
N GLN A 38 15.15 -39.84 2.04
CA GLN A 38 16.60 -39.90 1.73
C GLN A 38 17.42 -39.09 2.76
N GLY A 39 16.70 -38.53 3.75
CA GLY A 39 17.24 -37.79 4.88
C GLY A 39 17.76 -36.41 4.59
N ALA A 40 17.27 -35.77 3.48
CA ALA A 40 17.65 -34.42 3.03
C ALA A 40 17.36 -33.36 4.07
N HIS A 41 16.27 -33.56 4.84
CA HIS A 41 15.79 -32.66 5.90
C HIS A 41 16.78 -32.48 7.06
N ARG A 42 17.70 -33.44 7.26
CA ARG A 42 18.68 -33.41 8.33
C ARG A 42 19.65 -32.23 8.24
N ALA A 43 19.98 -31.80 7.02
CA ALA A 43 20.85 -30.65 6.78
C ALA A 43 20.08 -29.34 6.94
N GLY A 44 18.76 -29.41 6.86
CA GLY A 44 17.85 -28.27 6.97
C GLY A 44 17.66 -27.50 5.66
N LEU A 45 18.44 -27.88 4.64
CA LEU A 45 18.47 -27.26 3.32
C LEU A 45 18.82 -28.28 2.31
N ALA A 46 18.13 -28.26 1.16
CA ALA A 46 18.39 -29.17 0.05
C ALA A 46 18.20 -28.42 -1.28
N LYS A 47 18.85 -28.91 -2.34
CA LYS A 47 18.78 -28.36 -3.70
C LYS A 47 18.08 -29.34 -4.60
N VAL A 48 17.14 -28.83 -5.40
CA VAL A 48 16.42 -29.63 -6.39
C VAL A 48 16.62 -29.00 -7.76
N VAL A 49 17.34 -29.71 -8.62
CA VAL A 49 17.60 -29.26 -9.99
C VAL A 49 16.47 -29.82 -10.86
N PRO A 50 15.58 -28.97 -11.43
CA PRO A 50 14.46 -29.49 -12.21
C PRO A 50 14.87 -30.07 -13.56
N PRO A 51 13.98 -30.86 -14.26
CA PRO A 51 14.36 -31.38 -15.58
C PRO A 51 14.63 -30.23 -16.57
N LYS A 52 15.66 -30.39 -17.44
CA LYS A 52 16.08 -29.40 -18.45
C LYS A 52 14.94 -28.87 -19.33
N GLU A 53 13.93 -29.73 -19.61
CA GLU A 53 12.74 -29.42 -20.43
C GLU A 53 11.69 -28.59 -19.67
N TRP A 54 11.89 -28.37 -18.35
CA TRP A 54 10.99 -27.59 -17.52
C TRP A 54 11.43 -26.14 -17.38
N LYS A 55 10.48 -25.21 -17.61
CA LYS A 55 10.63 -23.75 -17.50
C LYS A 55 9.34 -23.12 -16.96
N PRO A 56 9.40 -22.26 -15.90
CA PRO A 56 8.16 -21.66 -15.36
C PRO A 56 7.63 -20.44 -16.14
N ARG A 57 8.43 -19.93 -17.09
CA ARG A 57 8.14 -18.73 -17.89
C ARG A 57 9.03 -18.76 -19.14
N ALA A 58 8.44 -18.46 -20.30
CA ALA A 58 9.12 -18.48 -21.59
C ALA A 58 10.23 -17.46 -21.76
N SER A 59 10.06 -16.26 -21.14
CA SER A 59 11.01 -15.14 -21.23
C SER A 59 10.86 -14.17 -20.04
N TYR A 60 11.96 -13.51 -19.65
CA TYR A 60 12.00 -12.53 -18.55
C TYR A 60 12.26 -11.09 -19.06
N ASP A 61 11.89 -10.78 -20.32
CA ASP A 61 12.10 -9.48 -20.99
C ASP A 61 10.95 -8.49 -20.87
N ASP A 62 9.86 -8.89 -20.20
CA ASP A 62 8.67 -8.08 -20.04
C ASP A 62 8.49 -7.55 -18.61
N ILE A 63 9.55 -7.63 -17.78
CA ILE A 63 9.39 -7.23 -16.39
C ILE A 63 10.09 -5.88 -16.03
N ASP A 64 10.56 -5.09 -17.00
CA ASP A 64 11.26 -3.81 -16.73
C ASP A 64 10.44 -2.80 -15.95
N ASP A 65 9.11 -2.77 -16.21
CA ASP A 65 8.17 -1.86 -15.55
C ASP A 65 7.48 -2.49 -14.36
N LEU A 66 8.05 -3.58 -13.84
CA LEU A 66 7.56 -4.21 -12.61
C LEU A 66 8.07 -3.33 -11.46
N VAL A 67 7.16 -2.99 -10.53
CA VAL A 67 7.44 -2.14 -9.40
C VAL A 67 7.87 -2.98 -8.20
N ILE A 68 8.99 -2.57 -7.58
CA ILE A 68 9.52 -3.06 -6.32
C ILE A 68 9.02 -1.98 -5.31
N PRO A 69 7.92 -2.23 -4.56
CA PRO A 69 7.35 -1.18 -3.69
C PRO A 69 8.23 -0.70 -2.54
N ALA A 70 9.01 -1.59 -1.94
CA ALA A 70 9.83 -1.19 -0.80
C ALA A 70 11.28 -1.65 -0.88
N PRO A 71 12.10 -1.08 -1.82
CA PRO A 71 13.52 -1.46 -1.87
C PRO A 71 14.16 -1.15 -0.53
N ILE A 72 15.00 -2.02 -0.05
CA ILE A 72 15.65 -1.77 1.22
C ILE A 72 17.16 -1.60 1.07
N GLN A 73 17.72 -0.49 1.57
CA GLN A 73 19.15 -0.32 1.62
C GLN A 73 19.64 -1.08 2.90
N GLN A 74 20.66 -1.96 2.74
CA GLN A 74 21.14 -2.80 3.84
C GLN A 74 22.41 -2.30 4.46
N LEU A 75 22.29 -1.74 5.66
CA LEU A 75 23.43 -1.24 6.42
C LEU A 75 23.85 -2.28 7.44
N VAL A 76 25.12 -2.67 7.41
CA VAL A 76 25.69 -3.72 8.26
C VAL A 76 26.71 -3.11 9.20
N THR A 77 26.59 -3.46 10.47
CA THR A 77 27.50 -3.01 11.50
C THR A 77 28.09 -4.23 12.22
N GLY A 78 29.38 -4.21 12.46
CA GLY A 78 30.04 -5.31 13.13
C GLY A 78 31.51 -5.49 12.84
N GLN A 79 32.06 -6.56 13.40
CA GLN A 79 33.45 -6.96 13.31
C GLN A 79 33.59 -8.41 13.78
N SER A 80 34.76 -9.00 13.51
CA SER A 80 35.18 -10.35 13.87
C SER A 80 34.08 -11.42 13.62
N GLY A 81 33.50 -11.38 12.45
CA GLY A 81 32.47 -12.32 12.02
C GLY A 81 31.07 -12.14 12.58
N LEU A 82 30.86 -11.12 13.43
CA LEU A 82 29.56 -10.82 14.04
C LEU A 82 29.04 -9.49 13.59
N PHE A 83 27.87 -9.51 12.95
CA PHE A 83 27.26 -8.32 12.34
C PHE A 83 25.76 -8.20 12.61
N THR A 84 25.25 -6.95 12.55
CA THR A 84 23.85 -6.58 12.64
C THR A 84 23.50 -5.81 11.40
N GLN A 85 22.43 -6.22 10.75
CA GLN A 85 21.96 -5.57 9.56
C GLN A 85 20.71 -4.73 9.87
N TYR A 86 20.76 -3.46 9.46
CA TYR A 86 19.71 -2.49 9.58
C TYR A 86 19.20 -2.19 8.21
N ASN A 87 17.88 -2.21 8.06
CA ASN A 87 17.23 -2.00 6.78
C ASN A 87 16.72 -0.57 6.70
N ILE A 88 16.99 0.11 5.58
CA ILE A 88 16.50 1.46 5.34
C ILE A 88 15.54 1.36 4.14
N GLN A 89 14.23 1.53 4.37
CA GLN A 89 13.27 1.47 3.26
C GLN A 89 13.44 2.69 2.41
N LYS A 90 13.55 2.46 1.09
CA LYS A 90 13.75 3.46 0.07
C LYS A 90 12.44 3.56 -0.73
N LYS A 91 12.27 4.61 -1.55
CA LYS A 91 11.04 4.70 -2.32
C LYS A 91 11.05 3.67 -3.48
N ALA A 92 9.82 3.30 -3.91
CA ALA A 92 9.51 2.35 -4.97
C ALA A 92 10.36 2.58 -6.21
N MET A 93 10.86 1.48 -6.81
CA MET A 93 11.64 1.54 -8.04
C MET A 93 11.29 0.39 -8.96
N THR A 94 11.60 0.52 -10.25
CA THR A 94 11.29 -0.49 -11.24
C THR A 94 12.45 -1.47 -11.34
N VAL A 95 12.24 -2.62 -12.01
CA VAL A 95 13.28 -3.62 -12.21
C VAL A 95 14.36 -2.99 -13.06
N ARG A 96 13.96 -2.15 -14.02
CA ARG A 96 14.85 -1.44 -14.91
C ARG A 96 15.80 -0.56 -14.12
N GLU A 97 15.28 0.23 -13.14
CA GLU A 97 16.03 1.17 -12.29
C GLU A 97 16.96 0.38 -11.38
N PHE A 98 16.47 -0.77 -10.88
CA PHE A 98 17.20 -1.68 -10.01
C PHE A 98 18.37 -2.36 -10.75
N ARG A 99 18.12 -2.96 -11.93
CA ARG A 99 19.10 -3.61 -12.79
C ARG A 99 20.24 -2.64 -13.19
N LYS A 100 19.90 -1.40 -13.51
CA LYS A 100 20.89 -0.41 -13.86
C LYS A 100 21.79 -0.10 -12.69
N ILE A 101 21.21 0.06 -11.52
CA ILE A 101 21.96 0.30 -10.30
C ILE A 101 22.81 -0.92 -9.92
N ALA A 102 22.23 -2.10 -10.06
CA ALA A 102 22.87 -3.35 -9.72
C ALA A 102 24.12 -3.59 -10.55
N ASN A 103 24.02 -3.28 -11.82
CA ASN A 103 25.10 -3.50 -12.75
C ASN A 103 26.06 -2.32 -12.85
N SER A 104 25.80 -1.22 -12.13
CA SER A 104 26.65 -0.02 -12.18
C SER A 104 28.01 -0.29 -11.54
N ASP A 105 29.02 0.55 -11.84
CA ASP A 105 30.37 0.46 -11.30
C ASP A 105 30.40 0.46 -9.75
N LYS A 106 29.52 1.26 -9.12
CA LYS A 106 29.42 1.39 -7.66
C LYS A 106 28.98 0.09 -7.01
N TYR A 107 28.07 -0.66 -7.65
CA TYR A 107 27.48 -1.85 -7.05
C TYR A 107 27.74 -3.19 -7.70
N CYS A 108 28.40 -3.23 -8.88
N CYS A 108 28.34 -3.25 -8.91
CA CYS A 108 28.71 -4.46 -9.61
CA CYS A 108 28.56 -4.54 -9.57
C CYS A 108 29.56 -5.47 -8.77
C CYS A 108 29.54 -5.46 -8.82
N THR A 109 29.43 -6.76 -9.09
CA THR A 109 30.18 -7.86 -8.49
C THR A 109 31.68 -7.68 -8.76
N PRO A 110 32.57 -7.89 -7.78
CA PRO A 110 34.01 -7.77 -8.10
C PRO A 110 34.51 -8.93 -8.96
N ARG A 111 35.68 -8.77 -9.60
CA ARG A 111 36.29 -9.84 -10.42
C ARG A 111 36.80 -10.92 -9.47
N TYR A 112 36.51 -12.20 -9.78
CA TYR A 112 36.87 -13.35 -8.93
C TYR A 112 37.10 -14.62 -9.74
N SER A 113 37.95 -15.51 -9.22
CA SER A 113 38.30 -16.79 -9.82
C SER A 113 37.32 -17.87 -9.32
N GLU A 114 37.49 -18.30 -8.05
CA GLU A 114 36.67 -19.32 -7.41
C GLU A 114 35.65 -18.69 -6.43
N PHE A 115 34.61 -19.44 -6.02
CA PHE A 115 33.59 -18.95 -5.06
C PHE A 115 34.24 -18.56 -3.73
N GLU A 116 35.23 -19.34 -3.27
CA GLU A 116 35.98 -19.10 -2.03
C GLU A 116 36.53 -17.65 -2.01
N GLU A 117 37.01 -17.16 -3.18
CA GLU A 117 37.51 -15.79 -3.35
C GLU A 117 36.35 -14.77 -3.20
N LEU A 118 35.19 -15.02 -3.84
CA LEU A 118 34.00 -14.15 -3.73
C LEU A 118 33.46 -14.10 -2.31
N GLU A 119 33.39 -15.29 -1.65
CA GLU A 119 32.95 -15.47 -0.27
C GLU A 119 33.86 -14.62 0.67
N ARG A 120 35.20 -14.70 0.51
CA ARG A 120 36.14 -13.90 1.31
C ARG A 120 35.91 -12.40 1.14
N LYS A 121 35.62 -11.95 -0.11
CA LYS A 121 35.34 -10.55 -0.48
C LYS A 121 34.02 -10.07 0.14
N TYR A 122 33.08 -10.99 0.27
CA TYR A 122 31.81 -10.67 0.88
C TYR A 122 31.98 -10.41 2.36
N TRP A 123 32.64 -11.33 3.09
CA TRP A 123 32.84 -11.19 4.52
C TRP A 123 33.80 -10.05 4.87
N LYS A 124 34.64 -9.63 3.92
CA LYS A 124 35.59 -8.55 4.16
C LYS A 124 34.94 -7.17 3.90
N ASN A 125 33.98 -7.09 2.96
CA ASN A 125 33.37 -5.83 2.57
C ASN A 125 31.87 -5.65 2.87
N LEU A 126 31.24 -6.54 3.65
CA LEU A 126 29.79 -6.44 3.82
C LEU A 126 29.32 -5.18 4.59
N THR A 127 30.21 -4.52 5.36
CA THR A 127 29.92 -3.29 6.09
C THR A 127 30.10 -2.07 5.22
N PHE A 128 30.77 -2.20 4.06
CA PHE A 128 31.03 -1.05 3.17
C PHE A 128 30.05 -0.96 2.04
N ASN A 129 29.88 0.24 1.48
CA ASN A 129 29.01 0.50 0.35
C ASN A 129 27.64 -0.25 0.45
N PRO A 130 26.76 0.10 1.42
CA PRO A 130 25.48 -0.61 1.54
C PRO A 130 24.70 -0.84 0.23
N PRO A 131 24.37 -2.10 -0.10
CA PRO A 131 23.62 -2.35 -1.33
C PRO A 131 22.11 -2.16 -1.13
N ILE A 132 21.35 -2.21 -2.24
CA ILE A 132 19.89 -2.15 -2.22
C ILE A 132 19.34 -3.56 -2.55
N TYR A 133 18.43 -4.05 -1.73
CA TYR A 133 17.79 -5.34 -1.94
C TYR A 133 16.32 -5.08 -2.29
N GLY A 134 15.90 -5.54 -3.47
CA GLY A 134 14.53 -5.44 -3.94
C GLY A 134 13.76 -6.63 -3.40
N ALA A 135 13.67 -6.73 -2.08
CA ALA A 135 13.08 -7.84 -1.33
C ALA A 135 11.59 -7.72 -1.02
N ASP A 136 10.94 -8.88 -0.80
CA ASP A 136 9.54 -9.04 -0.36
C ASP A 136 8.54 -8.38 -1.26
N VAL A 137 8.70 -8.59 -2.57
CA VAL A 137 7.82 -8.03 -3.58
C VAL A 137 6.73 -9.02 -3.79
N ASN A 138 5.49 -8.66 -3.47
CA ASN A 138 4.35 -9.54 -3.66
C ASN A 138 4.18 -9.81 -5.15
N GLY A 139 4.25 -11.08 -5.53
CA GLY A 139 4.09 -11.46 -6.93
C GLY A 139 4.73 -12.76 -7.36
N THR A 140 4.50 -13.14 -8.62
CA THR A 140 5.05 -14.35 -9.19
C THR A 140 5.57 -14.10 -10.59
N LEU A 141 6.56 -14.89 -11.01
CA LEU A 141 7.04 -14.82 -12.38
C LEU A 141 6.63 -16.11 -13.15
N TYR A 142 5.85 -16.99 -12.45
CA TYR A 142 5.26 -18.21 -13.00
C TYR A 142 4.12 -17.92 -13.97
N GLU A 143 4.15 -18.54 -15.17
CA GLU A 143 3.07 -18.36 -16.13
C GLU A 143 1.79 -19.02 -15.58
N LYS A 144 0.63 -18.76 -16.21
CA LYS A 144 -0.64 -19.27 -15.70
C LYS A 144 -0.76 -20.81 -15.72
N HIS A 145 -0.45 -21.43 -16.88
CA HIS A 145 -0.59 -22.86 -17.20
C HIS A 145 0.33 -23.84 -16.43
N VAL A 146 1.52 -23.35 -15.98
CA VAL A 146 2.56 -24.13 -15.26
C VAL A 146 2.00 -24.79 -14.00
N ASP A 147 1.78 -26.12 -14.05
CA ASP A 147 1.20 -26.90 -12.95
C ASP A 147 2.22 -27.52 -11.98
N GLU A 148 3.50 -27.68 -12.41
CA GLU A 148 4.56 -28.28 -11.60
C GLU A 148 5.32 -27.23 -10.80
N TRP A 149 5.48 -27.48 -9.47
CA TRP A 149 6.24 -26.66 -8.51
C TRP A 149 5.90 -25.15 -8.59
N ASN A 150 4.61 -24.83 -8.85
CA ASN A 150 4.14 -23.45 -8.95
C ASN A 150 4.08 -22.82 -7.57
N ILE A 151 5.11 -22.01 -7.22
CA ILE A 151 5.24 -21.35 -5.91
C ILE A 151 3.94 -20.56 -5.54
N GLY A 152 3.21 -20.10 -6.56
CA GLY A 152 1.96 -19.37 -6.39
C GLY A 152 0.77 -20.21 -5.95
N ARG A 153 0.85 -21.56 -6.11
CA ARG A 153 -0.21 -22.52 -5.78
C ARG A 153 0.35 -23.96 -5.59
N LEU A 154 1.13 -24.20 -4.50
CA LEU A 154 1.73 -25.51 -4.24
C LEU A 154 0.75 -26.57 -3.72
N ARG A 155 -0.40 -26.14 -3.20
CA ARG A 155 -1.50 -27.00 -2.69
C ARG A 155 -1.07 -27.96 -1.56
N THR A 156 -0.29 -27.45 -0.58
CA THR A 156 0.15 -28.22 0.60
C THR A 156 -0.95 -28.16 1.69
N ILE A 157 -0.73 -28.83 2.83
CA ILE A 157 -1.68 -28.80 3.94
C ILE A 157 -1.77 -27.37 4.55
N LEU A 158 -0.80 -26.50 4.22
CA LEU A 158 -0.76 -25.11 4.66
C LEU A 158 -1.99 -24.32 4.20
N ASP A 159 -2.57 -24.69 3.05
CA ASP A 159 -3.79 -24.08 2.47
C ASP A 159 -4.99 -24.11 3.41
N LEU A 160 -4.97 -24.98 4.46
CA LEU A 160 -6.02 -25.12 5.47
C LEU A 160 -6.21 -23.84 6.30
N VAL A 161 -5.18 -22.96 6.33
CA VAL A 161 -5.19 -21.65 7.02
C VAL A 161 -6.34 -20.76 6.51
N GLY A 171 -0.58 -13.49 4.80
CA GLY A 171 0.52 -13.47 3.83
C GLY A 171 1.56 -14.55 4.08
N VAL A 172 1.11 -15.81 4.24
CA VAL A 172 2.01 -16.95 4.50
C VAL A 172 2.01 -17.96 3.32
N ASN A 173 0.90 -18.04 2.57
CA ASN A 173 0.73 -18.94 1.43
C ASN A 173 0.83 -18.17 0.09
N THR A 174 1.35 -16.92 0.12
CA THR A 174 1.49 -16.05 -1.07
C THR A 174 2.94 -15.99 -1.55
N PRO A 175 3.20 -15.81 -2.88
CA PRO A 175 4.60 -15.72 -3.34
C PRO A 175 5.23 -14.33 -3.21
N TYR A 176 6.56 -14.32 -2.98
CA TYR A 176 7.35 -13.11 -2.85
C TYR A 176 8.53 -13.17 -3.81
N LEU A 177 8.83 -12.04 -4.45
CA LEU A 177 9.94 -11.88 -5.40
C LEU A 177 11.11 -11.11 -4.74
N TYR A 178 12.34 -11.51 -5.04
CA TYR A 178 13.56 -10.90 -4.49
C TYR A 178 14.52 -10.59 -5.62
N PHE A 179 14.71 -9.29 -5.88
CA PHE A 179 15.62 -8.76 -6.86
C PHE A 179 16.90 -8.39 -6.10
N GLY A 180 17.92 -9.25 -6.23
CA GLY A 180 19.17 -9.06 -5.52
C GLY A 180 20.25 -8.34 -6.31
N MET A 181 21.35 -7.97 -5.62
CA MET A 181 22.54 -7.35 -6.22
C MET A 181 23.73 -7.80 -5.37
N TRP A 182 24.93 -7.68 -5.89
CA TRP A 182 26.10 -8.15 -5.15
C TRP A 182 26.06 -7.68 -3.71
N LYS A 183 26.35 -8.59 -2.76
CA LYS A 183 26.45 -8.29 -1.31
C LYS A 183 25.10 -8.13 -0.59
N THR A 184 23.96 -8.26 -1.27
CA THR A 184 22.68 -8.20 -0.56
C THR A 184 22.60 -9.48 0.23
N SER A 185 22.10 -9.40 1.46
CA SER A 185 22.07 -10.53 2.37
C SER A 185 20.78 -10.86 3.05
N PHE A 186 20.66 -12.12 3.45
CA PHE A 186 19.58 -12.58 4.26
C PHE A 186 20.26 -13.14 5.51
N ALA A 187 19.85 -12.63 6.66
CA ALA A 187 20.39 -12.97 7.95
C ALA A 187 19.95 -14.34 8.47
N TRP A 188 20.64 -14.83 9.48
CA TRP A 188 20.34 -16.14 10.09
C TRP A 188 18.92 -16.19 10.63
N HIS A 189 18.15 -17.21 10.19
CA HIS A 189 16.74 -17.35 10.60
C HIS A 189 16.17 -18.68 10.18
N THR A 190 15.05 -19.05 10.81
CA THR A 190 14.23 -20.19 10.41
C THR A 190 13.01 -19.51 9.80
N GLU A 191 12.14 -20.28 9.17
CA GLU A 191 10.90 -19.74 8.61
C GLU A 191 9.89 -19.37 9.72
N ASP A 192 8.97 -18.48 9.41
CA ASP A 192 8.00 -18.11 10.39
C ASP A 192 7.19 -19.36 10.61
N MET A 193 6.97 -19.67 11.89
CA MET A 193 6.26 -20.85 12.41
C MET A 193 7.01 -22.15 12.16
N ASP A 194 8.32 -22.06 11.96
CA ASP A 194 9.19 -23.18 11.64
C ASP A 194 8.64 -23.95 10.47
N LEU A 195 8.17 -23.23 9.45
CA LEU A 195 7.61 -23.83 8.25
C LEU A 195 8.71 -24.23 7.29
N TYR A 196 8.32 -24.81 6.15
CA TYR A 196 9.26 -25.12 5.06
C TYR A 196 9.25 -23.90 4.17
N SER A 197 10.21 -23.83 3.24
CA SER A 197 10.20 -22.81 2.21
C SER A 197 10.79 -23.38 0.92
N ILE A 198 10.34 -22.80 -0.18
CA ILE A 198 10.79 -23.11 -1.54
C ILE A 198 11.32 -21.79 -2.09
N ASN A 199 12.51 -21.85 -2.72
CA ASN A 199 13.16 -20.71 -3.34
C ASN A 199 13.63 -21.13 -4.74
N TYR A 200 13.12 -20.47 -5.78
CA TYR A 200 13.53 -20.75 -7.15
C TYR A 200 14.25 -19.52 -7.69
N LEU A 201 15.49 -19.72 -8.21
CA LEU A 201 16.26 -18.62 -8.79
C LEU A 201 15.83 -18.51 -10.24
N HIS A 202 14.92 -17.56 -10.55
CA HIS A 202 14.38 -17.32 -11.89
C HIS A 202 15.46 -17.03 -12.91
N PHE A 203 16.36 -16.09 -12.58
CA PHE A 203 17.44 -15.71 -13.48
C PHE A 203 18.55 -15.00 -12.74
N GLY A 204 19.64 -14.84 -13.45
CA GLY A 204 20.75 -14.06 -12.94
C GLY A 204 21.91 -14.78 -12.32
N GLU A 205 22.62 -14.02 -11.47
CA GLU A 205 23.82 -14.39 -10.76
C GLU A 205 23.45 -15.29 -9.61
N PRO A 206 24.36 -16.18 -9.17
CA PRO A 206 24.01 -17.09 -8.08
C PRO A 206 23.64 -16.44 -6.72
N LYS A 207 23.12 -17.29 -5.84
CA LYS A 207 22.76 -17.01 -4.46
C LYS A 207 23.44 -18.10 -3.62
N SER A 208 24.30 -17.68 -2.66
CA SER A 208 25.01 -18.63 -1.82
C SER A 208 24.40 -18.71 -0.44
N TRP A 209 24.26 -19.93 0.05
CA TRP A 209 23.56 -20.24 1.30
C TRP A 209 24.46 -20.92 2.28
N TYR A 210 24.14 -20.73 3.56
CA TYR A 210 24.70 -21.40 4.73
C TYR A 210 23.53 -22.01 5.47
N SER A 211 23.69 -23.22 5.97
CA SER A 211 22.66 -23.87 6.76
C SER A 211 23.23 -24.57 8.01
N VAL A 212 22.44 -24.56 9.10
CA VAL A 212 22.75 -25.24 10.36
C VAL A 212 21.67 -26.34 10.47
N PRO A 213 22.09 -27.62 10.63
CA PRO A 213 21.10 -28.71 10.75
C PRO A 213 20.08 -28.45 11.86
N PRO A 214 18.76 -28.73 11.66
CA PRO A 214 17.79 -28.57 12.76
C PRO A 214 18.21 -29.17 14.10
N GLU A 215 18.92 -30.34 14.09
CA GLU A 215 19.38 -30.98 15.32
C GLU A 215 20.42 -30.12 16.11
N HIS A 216 21.02 -29.10 15.47
CA HIS A 216 21.97 -28.19 16.11
C HIS A 216 21.48 -26.73 16.17
N GLY A 217 20.22 -26.50 15.81
CA GLY A 217 19.59 -25.18 15.80
C GLY A 217 19.66 -24.43 17.13
N LYS A 218 19.52 -25.16 18.24
CA LYS A 218 19.57 -24.66 19.62
C LYS A 218 20.98 -24.22 20.00
N ARG A 219 22.01 -24.86 19.41
CA ARG A 219 23.43 -24.52 19.63
C ARG A 219 23.71 -23.15 19.01
N LEU A 220 23.15 -22.87 17.85
CA LEU A 220 23.31 -21.60 17.17
C LEU A 220 22.62 -20.49 17.98
N GLU A 221 21.35 -20.71 18.40
CA GLU A 221 20.56 -19.79 19.22
C GLU A 221 21.32 -19.41 20.51
N ARG A 222 21.95 -20.41 21.20
CA ARG A 222 22.72 -20.22 22.42
C ARG A 222 23.98 -19.39 22.18
N LEU A 223 24.63 -19.58 21.02
CA LEU A 223 25.79 -18.81 20.61
C LEU A 223 25.39 -17.35 20.35
N ALA A 224 24.29 -17.14 19.60
CA ALA A 224 23.73 -15.84 19.24
C ALA A 224 23.33 -15.04 20.49
N LYS A 225 22.75 -15.72 21.51
CA LYS A 225 22.34 -15.18 22.81
C LYS A 225 23.56 -14.71 23.61
N GLY A 226 24.66 -15.43 23.47
CA GLY A 226 25.93 -15.12 24.13
C GLY A 226 26.57 -13.86 23.59
N PHE A 227 26.40 -13.59 22.26
CA PHE A 227 26.97 -12.45 21.54
C PHE A 227 26.10 -11.21 21.52
N PHE A 228 24.77 -11.40 21.50
CA PHE A 228 23.79 -10.31 21.50
C PHE A 228 22.88 -10.50 22.72
N PRO A 229 23.41 -10.24 23.96
CA PRO A 229 22.60 -10.48 25.17
C PRO A 229 21.49 -9.47 25.42
N GLY A 230 21.65 -8.26 24.88
CA GLY A 230 20.68 -7.17 24.97
C GLY A 230 19.49 -7.44 24.08
N SER A 231 19.78 -7.95 22.85
CA SER A 231 18.80 -8.33 21.83
C SER A 231 17.92 -9.51 22.32
N ALA A 232 18.56 -10.48 23.03
CA ALA A 232 17.91 -11.67 23.59
C ALA A 232 17.09 -11.39 24.85
N GLN A 233 17.48 -10.37 25.65
CA GLN A 233 16.78 -9.97 26.87
C GLN A 233 15.49 -9.20 26.54
N SER A 234 15.43 -8.60 25.31
CA SER A 234 14.29 -7.83 24.80
C SER A 234 13.28 -8.73 24.09
N CYS A 235 13.77 -9.71 23.29
CA CYS A 235 12.96 -10.65 22.52
C CYS A 235 13.48 -12.09 22.68
N GLU A 236 12.57 -13.04 23.01
CA GLU A 236 12.88 -14.46 23.19
C GLU A 236 13.52 -15.08 21.92
N ALA A 237 12.95 -14.78 20.75
CA ALA A 237 13.43 -15.27 19.46
C ALA A 237 13.89 -14.08 18.60
N PHE A 238 15.00 -13.41 19.02
CA PHE A 238 15.53 -12.21 18.35
C PHE A 238 16.10 -12.50 16.93
N LEU A 239 16.50 -13.75 16.67
CA LEU A 239 16.98 -14.12 15.35
C LEU A 239 15.84 -14.00 14.31
N ARG A 240 14.55 -14.07 14.77
CA ARG A 240 13.33 -13.92 13.94
C ARG A 240 13.22 -12.54 13.31
N HIS A 241 13.92 -11.51 13.87
CA HIS A 241 13.99 -10.14 13.34
C HIS A 241 14.77 -10.13 12.03
N LYS A 242 15.57 -11.18 11.78
CA LYS A 242 16.39 -11.44 10.58
C LYS A 242 17.38 -10.28 10.38
N MET A 243 18.18 -10.03 11.45
CA MET A 243 19.16 -8.95 11.47
C MET A 243 20.60 -9.42 11.75
N THR A 244 20.76 -10.65 12.23
CA THR A 244 22.04 -11.17 12.69
C THR A 244 22.75 -11.96 11.63
N LEU A 245 23.98 -11.53 11.32
CA LEU A 245 24.86 -12.19 10.35
C LEU A 245 26.05 -12.75 11.10
N ILE A 246 26.37 -14.03 10.87
CA ILE A 246 27.47 -14.74 11.53
C ILE A 246 28.29 -15.45 10.47
N SER A 247 29.61 -15.12 10.40
CA SER A 247 30.50 -15.67 9.37
C SER A 247 30.79 -17.16 9.56
N PRO A 248 31.05 -17.93 8.45
CA PRO A 248 31.39 -19.36 8.60
C PRO A 248 32.57 -19.61 9.54
N LEU A 249 33.53 -18.70 9.58
CA LEU A 249 34.71 -18.75 10.45
C LEU A 249 34.35 -18.63 11.92
N MET A 250 33.32 -17.80 12.29
CA MET A 250 32.85 -17.68 13.70
C MET A 250 32.14 -18.95 14.11
N LEU A 251 31.27 -19.47 13.20
CA LEU A 251 30.54 -20.72 13.39
C LEU A 251 31.52 -21.80 13.66
N LYS A 252 32.61 -21.89 12.86
CA LYS A 252 33.67 -22.90 12.98
C LYS A 252 34.40 -22.74 14.28
N LYS A 253 34.72 -21.48 14.63
CA LYS A 253 35.45 -21.13 15.87
C LYS A 253 34.73 -21.61 17.12
N TYR A 254 33.39 -21.59 17.14
CA TYR A 254 32.56 -22.01 18.26
C TYR A 254 31.88 -23.36 18.09
N GLY A 255 32.41 -24.14 17.15
CA GLY A 255 31.96 -25.50 16.92
C GLY A 255 30.51 -25.69 16.52
N ILE A 256 29.91 -24.68 15.85
CA ILE A 256 28.56 -24.84 15.32
C ILE A 256 28.64 -25.65 14.00
N PRO A 257 28.00 -26.85 13.88
CA PRO A 257 28.04 -27.59 12.61
C PRO A 257 27.18 -26.89 11.55
N PHE A 258 27.74 -26.71 10.35
CA PHE A 258 27.07 -26.05 9.23
C PHE A 258 27.56 -26.59 7.91
N ASP A 259 26.86 -26.21 6.83
CA ASP A 259 27.24 -26.57 5.47
C ASP A 259 26.97 -25.37 4.55
N LYS A 260 27.60 -25.34 3.37
CA LYS A 260 27.37 -24.28 2.41
C LYS A 260 27.08 -24.84 1.01
N VAL A 261 26.26 -24.11 0.24
CA VAL A 261 25.84 -24.45 -1.12
C VAL A 261 25.55 -23.18 -1.92
N THR A 262 25.85 -23.20 -3.24
CA THR A 262 25.60 -22.10 -4.18
C THR A 262 24.45 -22.52 -5.10
N GLN A 263 23.36 -21.75 -5.08
CA GLN A 263 22.20 -21.95 -5.93
C GLN A 263 22.39 -21.15 -7.22
N GLU A 264 22.26 -21.83 -8.36
CA GLU A 264 22.41 -21.20 -9.68
C GLU A 264 21.05 -21.00 -10.36
N ALA A 265 21.01 -20.15 -11.41
CA ALA A 265 19.75 -19.82 -12.08
C ALA A 265 19.08 -21.08 -12.59
N GLY A 266 17.77 -21.16 -12.34
CA GLY A 266 16.93 -22.30 -12.70
C GLY A 266 16.96 -23.46 -11.72
N GLU A 267 17.42 -23.23 -10.47
CA GLU A 267 17.48 -24.28 -9.44
C GLU A 267 16.61 -23.88 -8.26
N PHE A 268 16.09 -24.89 -7.54
CA PHE A 268 15.26 -24.71 -6.35
C PHE A 268 16.05 -25.04 -5.09
N MET A 269 15.76 -24.32 -4.00
CA MET A 269 16.28 -24.61 -2.68
C MET A 269 15.09 -24.84 -1.77
N ILE A 270 15.16 -25.92 -0.99
CA ILE A 270 14.12 -26.26 -0.02
C ILE A 270 14.72 -26.10 1.38
N THR A 271 14.01 -25.37 2.26
CA THR A 271 14.38 -25.21 3.66
C THR A 271 13.34 -26.02 4.42
N PHE A 272 13.81 -26.72 5.46
CA PHE A 272 13.03 -27.63 6.27
C PHE A 272 12.66 -27.04 7.63
N PRO A 273 11.58 -27.51 8.31
CA PRO A 273 11.25 -26.95 9.64
C PRO A 273 12.42 -26.88 10.61
N TYR A 274 12.66 -25.69 11.15
CA TYR A 274 13.70 -25.37 12.13
C TYR A 274 15.13 -25.48 11.55
N GLY A 275 15.25 -25.36 10.23
CA GLY A 275 16.54 -25.30 9.56
C GLY A 275 16.98 -23.86 9.42
N TYR A 276 17.97 -23.42 10.21
CA TYR A 276 18.52 -22.04 10.17
C TYR A 276 19.35 -21.85 8.92
N HIS A 277 19.12 -20.78 8.20
CA HIS A 277 19.86 -20.46 6.98
C HIS A 277 20.12 -18.99 6.88
N ALA A 278 21.16 -18.63 6.12
CA ALA A 278 21.59 -17.27 5.82
C ALA A 278 22.34 -17.32 4.51
N GLY A 279 22.61 -16.17 3.93
CA GLY A 279 23.38 -16.12 2.69
C GLY A 279 23.44 -14.74 2.08
N PHE A 280 23.89 -14.70 0.82
CA PHE A 280 24.10 -13.50 0.02
C PHE A 280 23.96 -13.79 -1.48
N ASN A 281 23.71 -12.71 -2.24
CA ASN A 281 23.59 -12.70 -3.69
C ASN A 281 24.91 -12.30 -4.31
N HIS A 282 25.30 -12.96 -5.41
CA HIS A 282 26.54 -12.73 -6.13
C HIS A 282 26.41 -11.51 -7.03
N GLY A 283 25.20 -11.18 -7.43
CA GLY A 283 24.94 -10.04 -8.29
C GLY A 283 23.48 -9.96 -8.62
N PHE A 284 23.13 -9.22 -9.71
CA PHE A 284 21.75 -9.04 -10.18
C PHE A 284 21.09 -10.36 -10.43
N ASN A 285 19.98 -10.57 -9.74
CA ASN A 285 19.25 -11.83 -9.84
C ASN A 285 17.81 -11.66 -9.38
N CYS A 286 17.00 -12.66 -9.64
CA CYS A 286 15.64 -12.68 -9.19
C CYS A 286 15.24 -14.08 -8.71
N ALA A 287 14.78 -14.16 -7.45
CA ALA A 287 14.30 -15.38 -6.77
C ALA A 287 12.83 -15.27 -6.36
N GLU A 288 12.10 -16.38 -6.44
CA GLU A 288 10.71 -16.45 -6.00
C GLU A 288 10.61 -17.38 -4.80
N SER A 289 9.88 -16.96 -3.78
CA SER A 289 9.78 -17.72 -2.54
C SER A 289 8.37 -17.76 -1.96
N THR A 290 8.10 -18.79 -1.14
CA THR A 290 6.88 -19.01 -0.35
C THR A 290 7.11 -20.11 0.71
N ASN A 291 6.18 -20.22 1.66
CA ASN A 291 6.21 -21.21 2.72
C ASN A 291 5.26 -22.33 2.37
N PHE A 292 5.50 -23.53 2.90
CA PHE A 292 4.65 -24.69 2.69
C PHE A 292 4.77 -25.62 3.86
N ALA A 293 3.87 -26.58 3.95
CA ALA A 293 3.86 -27.53 5.04
C ALA A 293 3.66 -28.97 4.56
N THR A 294 3.99 -29.93 5.43
CA THR A 294 3.79 -31.37 5.33
C THR A 294 3.19 -31.75 6.69
N ARG A 295 2.75 -33.01 6.87
CA ARG A 295 2.23 -33.47 8.16
C ARG A 295 3.28 -33.35 9.31
N ARG A 296 4.59 -33.50 8.99
CA ARG A 296 5.71 -33.38 9.92
C ARG A 296 5.81 -31.99 10.60
N TRP A 297 5.50 -30.90 9.85
CA TRP A 297 5.53 -29.54 10.37
C TRP A 297 4.58 -29.24 11.52
N ILE A 298 3.36 -29.86 11.54
CA ILE A 298 2.36 -29.58 12.58
C ILE A 298 2.99 -29.50 14.00
N GLU A 299 3.85 -30.48 14.38
CA GLU A 299 4.52 -30.48 15.68
C GLU A 299 5.48 -29.30 15.88
N TYR A 300 6.17 -28.88 14.81
CA TYR A 300 7.05 -27.73 14.78
C TYR A 300 6.24 -26.44 14.94
N GLY A 301 5.05 -26.39 14.33
CA GLY A 301 4.16 -25.22 14.38
C GLY A 301 3.64 -24.99 15.78
N LYS A 302 3.26 -26.10 16.46
CA LYS A 302 2.76 -26.16 17.83
C LYS A 302 3.84 -25.67 18.81
N GLN A 303 5.08 -26.18 18.67
CA GLN A 303 6.23 -25.92 19.53
C GLN A 303 7.10 -24.71 19.15
N ALA A 304 6.79 -23.99 18.04
CA ALA A 304 7.60 -22.86 17.56
C ALA A 304 7.67 -21.69 18.54
N VAL A 305 8.91 -21.25 18.88
CA VAL A 305 9.16 -20.10 19.76
C VAL A 305 9.18 -18.84 18.88
N LEU A 306 8.18 -17.97 19.07
CA LEU A 306 7.95 -16.77 18.25
C LEU A 306 8.52 -15.48 18.82
N CYS A 307 8.59 -14.47 17.95
CA CYS A 307 9.04 -13.12 18.27
C CYS A 307 7.97 -12.40 19.15
N SER A 308 8.41 -11.90 20.31
CA SER A 308 7.57 -11.17 21.28
C SER A 308 7.10 -9.80 20.76
N CYS A 309 8.05 -8.99 20.25
CA CYS A 309 7.81 -7.66 19.72
C CYS A 309 7.35 -7.70 18.27
N MET A 313 4.72 -9.77 13.99
CA MET A 313 5.19 -11.15 13.91
C MET A 313 4.15 -12.04 13.23
N VAL A 314 4.60 -13.03 12.41
CA VAL A 314 3.72 -13.98 11.70
C VAL A 314 3.27 -15.11 12.64
N LYS A 315 1.97 -15.11 13.00
CA LYS A 315 1.38 -16.12 13.88
C LYS A 315 0.22 -16.86 13.19
N ILE A 316 0.25 -18.20 13.27
CA ILE A 316 -0.77 -19.07 12.68
C ILE A 316 -1.44 -19.82 13.83
N SER A 317 -2.79 -19.90 13.83
CA SER A 317 -3.51 -20.67 14.85
C SER A 317 -3.36 -22.15 14.46
N MET A 318 -2.79 -22.96 15.37
CA MET A 318 -2.51 -24.37 15.11
C MET A 318 -3.70 -25.31 15.31
N ASP A 319 -4.78 -24.81 15.99
CA ASP A 319 -6.01 -25.54 16.32
C ASP A 319 -6.59 -26.36 15.16
N VAL A 320 -6.73 -25.73 13.97
CA VAL A 320 -7.25 -26.35 12.73
C VAL A 320 -6.39 -27.56 12.30
N PHE A 321 -5.06 -27.47 12.47
CA PHE A 321 -4.13 -28.54 12.13
C PHE A 321 -4.22 -29.74 13.09
N VAL A 322 -4.20 -29.44 14.42
CA VAL A 322 -4.34 -30.47 15.47
C VAL A 322 -5.71 -31.16 15.35
N ARG A 323 -6.79 -30.40 15.04
CA ARG A 323 -8.18 -30.88 14.88
C ARG A 323 -8.38 -31.89 13.72
N LYS A 324 -7.52 -31.84 12.70
CA LYS A 324 -7.62 -32.69 11.52
C LYS A 324 -6.63 -33.87 11.50
N PHE A 325 -5.35 -33.62 11.83
CA PHE A 325 -4.28 -34.61 11.74
C PHE A 325 -3.90 -35.28 13.05
N GLN A 326 -4.27 -34.68 14.17
CA GLN A 326 -4.02 -35.25 15.50
C GLN A 326 -5.34 -35.15 16.33
N PRO A 327 -6.50 -35.69 15.88
CA PRO A 327 -7.73 -35.48 16.68
C PRO A 327 -7.66 -36.01 18.10
N GLU A 328 -6.92 -37.13 18.30
CA GLU A 328 -6.72 -37.81 19.58
C GLU A 328 -5.89 -36.98 20.57
N ARG A 329 -4.98 -36.14 20.04
CA ARG A 329 -4.08 -35.31 20.85
C ARG A 329 -4.64 -33.90 21.12
N TYR A 330 -5.72 -33.49 20.39
CA TYR A 330 -6.37 -32.17 20.49
C TYR A 330 -6.72 -31.74 21.91
N LYS A 331 -7.40 -32.64 22.68
CA LYS A 331 -7.80 -32.39 24.07
C LYS A 331 -6.57 -32.21 24.96
N LEU A 332 -5.60 -33.16 24.88
CA LEU A 332 -4.34 -33.17 25.64
C LEU A 332 -3.54 -31.89 25.41
N TRP A 333 -3.41 -31.44 24.13
CA TRP A 333 -2.69 -30.22 23.69
C TRP A 333 -3.41 -28.95 24.17
N LYS A 334 -4.77 -28.89 24.00
CA LYS A 334 -5.62 -27.76 24.39
C LYS A 334 -5.55 -27.50 25.90
N ALA A 335 -5.11 -28.52 26.67
CA ALA A 335 -4.95 -28.46 28.12
C ALA A 335 -3.52 -28.08 28.55
N GLY A 336 -2.53 -28.50 27.75
CA GLY A 336 -1.11 -28.26 28.00
C GLY A 336 -0.37 -29.52 28.43
N LYS A 337 -1.06 -30.68 28.31
CA LYS A 337 -0.56 -32.01 28.65
C LYS A 337 0.14 -32.74 27.47
N ASP A 338 0.24 -32.08 26.29
CA ASP A 338 0.93 -32.64 25.12
C ASP A 338 2.36 -32.07 25.10
N ASN A 339 3.34 -32.88 25.55
CA ASN A 339 4.74 -32.45 25.65
C ASN A 339 5.70 -33.33 24.82
N THR A 340 5.23 -33.74 23.61
CA THR A 340 5.92 -34.53 22.60
C THR A 340 7.24 -33.86 22.21
N VAL A 341 8.37 -34.57 22.40
CA VAL A 341 9.70 -34.09 22.04
C VAL A 341 9.90 -34.40 20.54
N ILE A 342 10.21 -33.36 19.75
CA ILE A 342 10.42 -33.51 18.31
C ILE A 342 11.75 -34.24 18.03
N ASP A 343 11.72 -35.22 17.09
CA ASP A 343 12.91 -35.91 16.60
C ASP A 343 13.19 -35.26 15.21
N HIS A 344 14.27 -34.48 15.12
CA HIS A 344 14.62 -33.76 13.87
C HIS A 344 15.08 -34.68 12.74
N THR A 345 15.51 -35.93 13.08
CA THR A 345 16.01 -36.92 12.13
C THR A 345 14.90 -37.70 11.42
N LEU A 346 13.70 -37.76 12.02
CA LEU A 346 12.54 -38.49 11.48
C LEU A 346 11.94 -37.86 10.23
N PRO A 347 11.67 -38.67 9.15
CA PRO A 347 11.03 -38.10 7.95
C PRO A 347 9.52 -37.97 8.11
N THR A 348 8.92 -37.20 7.18
CA THR A 348 7.49 -36.93 7.18
C THR A 348 6.69 -38.27 7.05
N PRO A 349 5.52 -38.42 7.70
CA PRO A 349 4.75 -39.67 7.53
C PRO A 349 4.51 -40.05 6.06
N GLU A 350 4.37 -39.04 5.16
CA GLU A 350 4.14 -39.17 3.70
C GLU A 350 5.28 -39.92 2.99
N ALA A 351 6.47 -39.95 3.62
CA ALA A 351 7.67 -40.62 3.11
C ALA A 351 7.62 -42.17 3.26
N ALA A 352 6.45 -42.71 3.71
CA ALA A 352 6.20 -44.14 3.92
C ALA A 352 6.36 -45.01 2.66
N GLU A 353 5.87 -44.52 1.51
CA GLU A 353 5.96 -45.21 0.20
C GLU A 353 7.40 -45.28 -0.37
N PHE A 354 8.35 -44.55 0.24
CA PHE A 354 9.76 -44.53 -0.19
C PHE A 354 10.71 -45.24 0.84
N LEU A 355 10.11 -45.84 1.90
CA LEU A 355 10.82 -46.56 2.97
C LEU A 355 10.19 -47.90 3.22
N THR B 8 -24.99 7.73 -4.22
CA THR B 8 -26.14 7.51 -3.34
C THR B 8 -26.44 8.73 -2.41
N LEU B 9 -25.41 9.26 -1.67
CA LEU B 9 -25.60 10.41 -0.74
C LEU B 9 -25.38 11.77 -1.44
N ASN B 10 -26.14 12.80 -0.98
CA ASN B 10 -26.23 14.16 -1.55
C ASN B 10 -26.71 14.08 -3.04
N PRO B 11 -27.91 13.51 -3.29
CA PRO B 11 -28.38 13.36 -4.70
C PRO B 11 -28.58 14.68 -5.45
N SER B 12 -28.81 15.78 -4.71
CA SER B 12 -29.01 17.12 -5.27
C SER B 12 -27.71 17.80 -5.65
N ALA B 13 -26.56 17.31 -5.14
CA ALA B 13 -25.23 17.89 -5.36
C ALA B 13 -25.16 19.38 -4.91
N ARG B 14 -25.73 19.65 -3.71
CA ARG B 14 -25.77 21.01 -3.14
C ARG B 14 -24.64 21.19 -2.17
N ILE B 15 -24.17 22.43 -2.03
CA ILE B 15 -23.09 22.76 -1.10
C ILE B 15 -23.55 22.39 0.34
N MET B 16 -22.80 21.47 1.02
CA MET B 16 -23.08 21.03 2.39
C MET B 16 -22.18 21.71 3.43
N THR B 17 -22.74 22.05 4.58
CA THR B 17 -22.04 22.73 5.67
C THR B 17 -21.91 21.78 6.84
N PHE B 18 -20.69 21.69 7.39
CA PHE B 18 -20.37 20.82 8.51
C PHE B 18 -19.91 21.61 9.74
N TYR B 19 -20.28 21.12 10.92
CA TYR B 19 -19.93 21.73 12.19
C TYR B 19 -19.22 20.70 13.09
N PRO B 20 -17.95 20.32 12.78
CA PRO B 20 -17.25 19.34 13.61
C PRO B 20 -16.99 19.79 15.04
N THR B 21 -16.96 18.79 15.96
CA THR B 21 -16.62 19.00 17.36
C THR B 21 -15.09 19.08 17.40
N MET B 22 -14.49 19.40 18.55
CA MET B 22 -13.02 19.45 18.66
C MET B 22 -12.38 18.09 18.35
N GLU B 23 -13.01 16.98 18.79
CA GLU B 23 -12.53 15.61 18.56
C GLU B 23 -12.56 15.24 17.07
N GLU B 24 -13.67 15.56 16.37
CA GLU B 24 -13.84 15.31 14.93
C GLU B 24 -12.83 16.12 14.12
N PHE B 25 -12.70 17.41 14.48
CA PHE B 25 -11.85 18.40 13.86
C PHE B 25 -10.34 18.15 13.99
N ARG B 26 -9.87 17.43 15.01
CA ARG B 26 -8.44 17.17 15.24
C ARG B 26 -7.72 16.43 14.10
N ASN B 27 -8.41 15.54 13.36
CA ASN B 27 -7.79 14.81 12.24
C ASN B 27 -8.36 15.32 10.92
N PHE B 28 -7.53 16.10 10.19
CA PHE B 28 -7.86 16.72 8.90
C PHE B 28 -8.32 15.70 7.84
N SER B 29 -7.41 14.79 7.43
CA SER B 29 -7.67 13.75 6.41
C SER B 29 -8.86 12.84 6.75
N ARG B 30 -9.02 12.50 8.05
CA ARG B 30 -10.14 11.70 8.51
C ARG B 30 -11.45 12.49 8.29
N TYR B 31 -11.47 13.76 8.69
CA TYR B 31 -12.64 14.60 8.50
C TYR B 31 -12.99 14.81 7.03
N ILE B 32 -11.98 14.93 6.18
CA ILE B 32 -12.20 15.08 4.75
C ILE B 32 -12.90 13.83 4.22
N ALA B 33 -12.46 12.67 4.68
CA ALA B 33 -13.03 11.39 4.33
C ALA B 33 -14.46 11.30 4.85
N TYR B 34 -14.71 11.85 6.03
CA TYR B 34 -16.06 11.85 6.59
C TYR B 34 -17.04 12.70 5.77
N ILE B 35 -16.65 13.92 5.39
CA ILE B 35 -17.53 14.79 4.60
C ILE B 35 -17.80 14.20 3.20
N GLU B 36 -16.84 13.42 2.61
CA GLU B 36 -17.04 12.72 1.34
C GLU B 36 -18.05 11.63 1.49
N SER B 37 -18.02 10.86 2.60
CA SER B 37 -18.96 9.76 2.89
C SER B 37 -20.43 10.26 3.01
N GLN B 38 -20.59 11.57 3.26
CA GLN B 38 -21.86 12.28 3.38
C GLN B 38 -22.28 12.90 2.01
N GLY B 39 -21.45 12.69 0.98
CA GLY B 39 -21.64 13.20 -0.37
C GLY B 39 -21.28 14.65 -0.62
N ALA B 40 -20.52 15.30 0.27
CA ALA B 40 -20.15 16.70 0.12
C ALA B 40 -19.41 17.02 -1.15
N HIS B 41 -18.57 16.07 -1.62
CA HIS B 41 -17.75 16.19 -2.83
C HIS B 41 -18.54 16.37 -4.12
N ARG B 42 -19.80 15.90 -4.13
CA ARG B 42 -20.70 15.98 -5.28
C ARG B 42 -20.99 17.41 -5.75
N ALA B 43 -21.03 18.36 -4.82
CA ALA B 43 -21.25 19.76 -5.14
C ALA B 43 -19.96 20.42 -5.64
N GLY B 44 -18.81 19.78 -5.33
CA GLY B 44 -17.48 20.26 -5.68
C GLY B 44 -16.93 21.29 -4.70
N LEU B 45 -17.76 21.72 -3.74
CA LEU B 45 -17.45 22.75 -2.76
C LEU B 45 -18.24 22.46 -1.48
N ALA B 46 -17.55 22.50 -0.32
CA ALA B 46 -18.15 22.31 1.01
C ALA B 46 -17.68 23.42 1.96
N LYS B 47 -18.47 23.69 3.01
CA LYS B 47 -18.11 24.62 4.08
C LYS B 47 -17.91 23.84 5.36
N VAL B 48 -16.83 24.14 6.07
CA VAL B 48 -16.54 23.53 7.36
C VAL B 48 -16.35 24.66 8.38
N VAL B 49 -17.32 24.74 9.32
CA VAL B 49 -17.28 25.72 10.40
C VAL B 49 -16.52 25.07 11.57
N PRO B 50 -15.33 25.58 11.94
CA PRO B 50 -14.56 24.91 13.00
C PRO B 50 -15.14 25.12 14.40
N PRO B 51 -14.72 24.37 15.44
CA PRO B 51 -15.25 24.63 16.80
C PRO B 51 -14.94 26.06 17.26
N LYS B 52 -15.89 26.74 17.95
CA LYS B 52 -15.78 28.14 18.43
C LYS B 52 -14.50 28.46 19.21
N GLU B 53 -14.02 27.49 20.00
CA GLU B 53 -12.81 27.63 20.80
C GLU B 53 -11.55 27.62 19.93
N TRP B 54 -11.61 26.99 18.74
CA TRP B 54 -10.45 26.90 17.83
C TRP B 54 -10.17 28.22 17.11
N LYS B 55 -8.88 28.63 17.15
CA LYS B 55 -8.33 29.85 16.53
C LYS B 55 -6.91 29.56 16.02
N PRO B 56 -6.59 29.87 14.75
CA PRO B 56 -5.22 29.59 14.24
C PRO B 56 -4.17 30.64 14.64
N ARG B 57 -4.62 31.77 15.22
CA ARG B 57 -3.79 32.91 15.62
C ARG B 57 -4.57 33.75 16.65
N ALA B 58 -3.88 34.16 17.71
CA ALA B 58 -4.48 34.94 18.79
C ALA B 58 -4.96 36.30 18.37
N SER B 59 -4.20 36.98 17.52
CA SER B 59 -4.58 38.31 17.08
C SER B 59 -4.09 38.60 15.67
N TYR B 60 -4.78 39.50 14.98
CA TYR B 60 -4.38 39.88 13.63
C TYR B 60 -3.84 41.31 13.60
N ASP B 61 -3.37 41.78 14.73
CA ASP B 61 -2.84 43.12 14.88
C ASP B 61 -1.36 43.33 14.56
N ASP B 62 -0.64 42.26 14.28
CA ASP B 62 0.78 42.39 14.01
C ASP B 62 1.20 42.21 12.58
N ILE B 63 0.25 42.23 11.65
CA ILE B 63 0.59 41.94 10.25
C ILE B 63 0.66 43.17 9.33
N ASP B 64 0.56 44.40 9.86
CA ASP B 64 0.57 45.61 9.04
C ASP B 64 1.81 45.80 8.16
N ASP B 65 2.97 45.28 8.61
CA ASP B 65 4.26 45.38 7.94
C ASP B 65 4.59 44.19 7.07
N LEU B 66 3.62 43.31 6.87
CA LEU B 66 3.67 42.11 6.04
C LEU B 66 3.49 42.61 4.59
N VAL B 67 4.39 42.13 3.70
CA VAL B 67 4.48 42.53 2.30
C VAL B 67 3.77 41.60 1.39
N ILE B 68 3.01 42.21 0.45
CA ILE B 68 2.33 41.71 -0.74
C ILE B 68 3.27 42.10 -1.93
N PRO B 69 4.17 41.18 -2.35
CA PRO B 69 5.17 41.51 -3.39
C PRO B 69 4.64 41.87 -4.77
N ALA B 70 3.54 41.24 -5.16
CA ALA B 70 2.94 41.46 -6.46
C ALA B 70 1.44 41.68 -6.47
N PRO B 71 0.96 42.84 -6.04
CA PRO B 71 -0.47 43.12 -6.07
C PRO B 71 -0.98 43.24 -7.50
N ILE B 72 -2.18 42.77 -7.78
CA ILE B 72 -2.70 42.86 -9.14
C ILE B 72 -3.94 43.71 -9.29
N GLN B 73 -3.95 44.59 -10.28
CA GLN B 73 -5.13 45.35 -10.53
C GLN B 73 -5.92 44.51 -11.52
N GLN B 74 -7.18 44.30 -11.20
CA GLN B 74 -8.04 43.42 -12.02
C GLN B 74 -8.93 44.18 -12.99
N LEU B 75 -8.54 44.15 -14.28
CA LEU B 75 -9.30 44.76 -15.37
C LEU B 75 -10.20 43.75 -16.03
N VAL B 76 -11.51 44.03 -16.02
CA VAL B 76 -12.52 43.12 -16.54
C VAL B 76 -13.16 43.71 -17.79
N THR B 77 -13.26 42.89 -18.82
CA THR B 77 -13.86 43.25 -20.09
C THR B 77 -14.98 42.29 -20.42
N GLY B 78 -16.10 42.83 -20.86
CA GLY B 78 -17.25 42.01 -21.20
C GLY B 78 -18.59 42.68 -21.07
N GLN B 79 -19.62 41.88 -21.26
CA GLN B 79 -21.03 42.29 -21.22
C GLN B 79 -21.89 41.06 -21.13
N SER B 80 -23.18 41.28 -20.80
CA SER B 80 -24.24 40.25 -20.73
C SER B 80 -23.81 38.95 -20.00
N GLY B 81 -23.19 39.12 -18.84
CA GLY B 81 -22.75 38.00 -18.03
C GLY B 81 -21.49 37.27 -18.44
N LEU B 82 -20.84 37.69 -19.55
CA LEU B 82 -19.59 37.09 -20.06
C LEU B 82 -18.46 38.05 -20.02
N PHE B 83 -17.41 37.71 -19.27
CA PHE B 83 -16.26 38.59 -19.02
C PHE B 83 -14.90 37.90 -19.10
N THR B 84 -13.86 38.68 -19.34
CA THR B 84 -12.45 38.28 -19.32
C THR B 84 -11.74 39.22 -18.38
N GLN B 85 -10.98 38.65 -17.49
CA GLN B 85 -10.21 39.39 -16.53
C GLN B 85 -8.73 39.40 -16.90
N TYR B 86 -8.17 40.59 -16.95
CA TYR B 86 -6.76 40.85 -17.23
C TYR B 86 -6.13 41.38 -15.97
N ASN B 87 -5.01 40.82 -15.57
CA ASN B 87 -4.29 41.18 -14.35
C ASN B 87 -3.14 42.13 -14.69
N ILE B 88 -3.05 43.27 -13.99
CA ILE B 88 -1.95 44.22 -14.16
C ILE B 88 -1.16 44.21 -12.83
N GLN B 89 0.06 43.65 -12.83
CA GLN B 89 0.88 43.62 -11.62
C GLN B 89 1.31 45.02 -11.28
N LYS B 90 1.12 45.39 -10.01
CA LYS B 90 1.47 46.69 -9.45
C LYS B 90 2.66 46.52 -8.50
N LYS B 91 3.26 47.62 -8.06
CA LYS B 91 4.42 47.55 -7.16
C LYS B 91 4.04 47.01 -5.77
N ALA B 92 5.01 46.38 -5.09
CA ALA B 92 4.90 45.81 -3.75
C ALA B 92 4.34 46.81 -2.75
N MET B 93 3.50 46.36 -1.84
CA MET B 93 2.89 47.21 -0.82
C MET B 93 2.67 46.43 0.46
N THR B 94 2.53 47.15 1.59
CA THR B 94 2.30 46.52 2.89
C THR B 94 0.80 46.31 3.07
N VAL B 95 0.42 45.42 3.99
CA VAL B 95 -0.98 45.18 4.29
C VAL B 95 -1.63 46.47 4.75
N ARG B 96 -0.87 47.30 5.47
CA ARG B 96 -1.32 48.59 5.96
C ARG B 96 -1.66 49.55 4.82
N GLU B 97 -0.82 49.56 3.80
CA GLU B 97 -1.02 50.32 2.57
C GLU B 97 -2.25 49.79 1.83
N PHE B 98 -2.39 48.44 1.77
CA PHE B 98 -3.50 47.75 1.12
C PHE B 98 -4.84 48.03 1.81
N ARG B 99 -4.89 47.93 3.16
CA ARG B 99 -6.05 48.20 4.00
C ARG B 99 -6.57 49.66 3.84
N LYS B 100 -5.64 50.62 3.69
CA LYS B 100 -5.94 52.05 3.53
C LYS B 100 -6.66 52.29 2.20
N ILE B 101 -6.14 51.69 1.12
CA ILE B 101 -6.73 51.73 -0.23
C ILE B 101 -8.06 50.96 -0.22
N ALA B 102 -8.07 49.72 0.31
CA ALA B 102 -9.28 48.89 0.35
C ALA B 102 -10.46 49.62 0.98
N ASN B 103 -10.21 50.33 2.09
CA ASN B 103 -11.25 51.03 2.84
C ASN B 103 -11.49 52.47 2.39
N SER B 104 -10.67 53.01 1.46
CA SER B 104 -10.85 54.37 0.91
C SER B 104 -12.19 54.51 0.15
N ASP B 105 -12.68 55.73 -0.04
CA ASP B 105 -13.93 56.05 -0.76
C ASP B 105 -13.96 55.44 -2.17
N LYS B 106 -12.81 55.51 -2.88
CA LYS B 106 -12.68 54.99 -4.24
C LYS B 106 -12.94 53.47 -4.32
N TYR B 107 -12.51 52.69 -3.31
CA TYR B 107 -12.60 51.24 -3.33
C TYR B 107 -13.50 50.57 -2.31
N CYS B 108 -14.07 51.31 -1.34
CA CYS B 108 -14.89 50.75 -0.28
C CYS B 108 -16.14 50.03 -0.80
N THR B 109 -16.64 49.05 -0.02
CA THR B 109 -17.85 48.26 -0.29
C THR B 109 -19.05 49.20 -0.36
N PRO B 110 -19.97 49.07 -1.34
CA PRO B 110 -21.16 49.93 -1.32
C PRO B 110 -22.15 49.48 -0.23
N ARG B 111 -23.05 50.39 0.19
CA ARG B 111 -24.10 50.11 1.17
C ARG B 111 -25.09 49.13 0.53
N TYR B 112 -25.48 48.10 1.28
CA TYR B 112 -26.40 47.04 0.84
C TYR B 112 -27.19 46.43 2.00
N SER B 113 -28.42 45.95 1.69
CA SER B 113 -29.32 45.35 2.67
C SER B 113 -29.06 43.82 2.72
N GLU B 114 -29.65 43.05 1.77
CA GLU B 114 -29.46 41.61 1.70
C GLU B 114 -28.41 41.31 0.66
N PHE B 115 -27.72 40.14 0.77
CA PHE B 115 -26.68 39.67 -0.15
C PHE B 115 -27.00 39.80 -1.64
N GLU B 116 -28.28 39.55 -2.00
CA GLU B 116 -28.75 39.63 -3.38
C GLU B 116 -28.50 41.03 -4.00
N GLU B 117 -28.58 42.09 -3.16
CA GLU B 117 -28.30 43.47 -3.59
C GLU B 117 -26.83 43.63 -3.95
N LEU B 118 -25.91 43.16 -3.10
CA LEU B 118 -24.47 43.25 -3.32
C LEU B 118 -24.04 42.41 -4.52
N GLU B 119 -24.67 41.25 -4.70
CA GLU B 119 -24.34 40.36 -5.80
C GLU B 119 -24.71 41.04 -7.12
N ARG B 120 -25.96 41.61 -7.21
CA ARG B 120 -26.41 42.38 -8.37
C ARG B 120 -25.46 43.56 -8.62
N LYS B 121 -25.01 44.21 -7.55
CA LYS B 121 -24.08 45.34 -7.56
C LYS B 121 -22.73 44.93 -8.10
N TYR B 122 -22.29 43.70 -7.80
CA TYR B 122 -21.02 43.17 -8.28
C TYR B 122 -21.07 42.91 -9.78
N TRP B 123 -22.11 42.20 -10.25
CA TRP B 123 -22.27 41.84 -11.66
C TRP B 123 -22.56 43.06 -12.50
N LYS B 124 -23.08 44.14 -11.89
CA LYS B 124 -23.36 45.37 -12.63
C LYS B 124 -22.13 46.26 -12.75
N ASN B 125 -21.21 46.23 -11.77
CA ASN B 125 -20.05 47.12 -11.75
C ASN B 125 -18.67 46.48 -11.84
N LEU B 126 -18.56 45.17 -12.13
CA LEU B 126 -17.24 44.53 -12.12
C LEU B 126 -16.25 45.04 -13.19
N THR B 127 -16.74 45.65 -14.28
CA THR B 127 -15.92 46.22 -15.33
C THR B 127 -15.46 47.65 -15.01
N PHE B 128 -16.08 48.29 -14.00
CA PHE B 128 -15.71 49.66 -13.66
C PHE B 128 -14.78 49.73 -12.47
N ASN B 129 -14.02 50.82 -12.36
CA ASN B 129 -13.07 51.08 -11.26
C ASN B 129 -12.28 49.81 -10.82
N PRO B 130 -11.39 49.28 -11.70
CA PRO B 130 -10.64 48.06 -11.35
C PRO B 130 -10.00 48.03 -9.95
N PRO B 131 -10.32 47.01 -9.15
CA PRO B 131 -9.75 46.93 -7.81
C PRO B 131 -8.35 46.30 -7.81
N ILE B 132 -7.68 46.30 -6.64
CA ILE B 132 -6.35 45.69 -6.44
C ILE B 132 -6.54 44.45 -5.55
N TYR B 133 -6.03 43.34 -6.00
CA TYR B 133 -6.11 42.09 -5.27
C TYR B 133 -4.67 41.74 -4.81
N GLY B 134 -4.47 41.67 -3.49
CA GLY B 134 -3.20 41.29 -2.89
C GLY B 134 -3.12 39.76 -2.85
N ALA B 135 -3.17 39.14 -4.05
CA ALA B 135 -3.21 37.69 -4.27
C ALA B 135 -1.84 36.97 -4.36
N ASP B 136 -1.85 35.66 -4.06
CA ASP B 136 -0.73 34.72 -4.17
C ASP B 136 0.51 35.16 -3.40
N VAL B 137 0.31 35.54 -2.16
CA VAL B 137 1.39 35.97 -1.31
C VAL B 137 1.83 34.74 -0.55
N ASN B 138 3.07 34.34 -0.73
CA ASN B 138 3.60 33.20 -0.04
C ASN B 138 3.63 33.52 1.43
N GLY B 139 3.09 32.62 2.23
CA GLY B 139 3.06 32.79 3.66
C GLY B 139 1.89 32.17 4.37
N THR B 140 1.87 32.31 5.68
CA THR B 140 0.82 31.79 6.54
C THR B 140 0.53 32.76 7.68
N LEU B 141 -0.71 32.71 8.18
CA LEU B 141 -1.08 33.51 9.36
C LEU B 141 -1.30 32.59 10.57
N TYR B 142 -1.06 31.28 10.40
CA TYR B 142 -1.14 30.26 11.45
C TYR B 142 0.08 30.40 12.36
N GLU B 143 -0.13 30.29 13.67
CA GLU B 143 0.92 30.30 14.65
C GLU B 143 1.58 28.92 14.60
N LYS B 144 2.91 28.86 14.86
CA LYS B 144 3.77 27.66 14.80
C LYS B 144 3.17 26.41 15.42
N HIS B 145 2.63 26.52 16.63
CA HIS B 145 2.06 25.46 17.47
C HIS B 145 0.70 24.87 17.01
N VAL B 146 -0.09 25.61 16.20
CA VAL B 146 -1.43 25.17 15.75
C VAL B 146 -1.30 23.86 14.93
N ASP B 147 -1.81 22.74 15.48
CA ASP B 147 -1.71 21.43 14.83
C ASP B 147 -2.94 21.02 14.05
N GLU B 148 -4.06 21.72 14.23
CA GLU B 148 -5.31 21.34 13.54
C GLU B 148 -5.52 22.19 12.32
N TRP B 149 -5.79 21.52 11.17
CA TRP B 149 -6.09 22.13 9.88
C TRP B 149 -5.06 23.22 9.51
N ASN B 150 -3.77 22.97 9.81
CA ASN B 150 -2.69 23.91 9.50
C ASN B 150 -2.37 23.88 8.03
N ILE B 151 -2.92 24.84 7.28
CA ILE B 151 -2.75 24.97 5.82
C ILE B 151 -1.25 24.87 5.42
N GLY B 152 -0.35 25.32 6.31
CA GLY B 152 1.09 25.30 6.10
C GLY B 152 1.73 23.92 6.12
N ARG B 153 1.02 22.92 6.71
CA ARG B 153 1.49 21.53 6.88
C ARG B 153 0.32 20.54 7.11
N LEU B 154 -0.49 20.28 6.06
CA LEU B 154 -1.65 19.39 6.18
C LEU B 154 -1.30 17.89 6.21
N ARG B 155 -0.09 17.56 5.71
CA ARG B 155 0.51 16.21 5.65
C ARG B 155 -0.35 15.18 4.87
N THR B 156 -0.88 15.58 3.68
CA THR B 156 -1.66 14.67 2.83
C THR B 156 -0.68 13.89 1.93
N ILE B 157 -1.19 12.95 1.09
CA ILE B 157 -0.36 12.19 0.16
C ILE B 157 0.34 13.14 -0.89
N LEU B 158 -0.14 14.39 -1.01
CA LEU B 158 0.44 15.37 -1.91
C LEU B 158 1.92 15.65 -1.60
N ASP B 159 2.32 15.55 -0.32
CA ASP B 159 3.69 15.74 0.16
C ASP B 159 4.73 14.82 -0.51
N LEU B 160 4.26 13.72 -1.17
CA LEU B 160 5.07 12.76 -1.91
C LEU B 160 5.79 13.40 -3.09
N VAL B 161 5.27 14.54 -3.62
CA VAL B 161 5.85 15.31 -4.74
C VAL B 161 7.29 15.73 -4.36
N GLU B 162 7.45 16.25 -3.10
CA GLU B 162 8.71 16.67 -2.50
C GLU B 162 9.66 15.48 -2.26
N LYS B 163 9.15 14.41 -1.57
CA LYS B 163 9.89 13.18 -1.22
C LYS B 163 10.49 12.44 -2.43
N GLY B 171 5.15 26.22 -6.18
CA GLY B 171 4.49 25.87 -4.93
C GLY B 171 3.07 25.33 -5.08
N VAL B 172 2.83 24.09 -4.59
CA VAL B 172 1.51 23.45 -4.66
C VAL B 172 1.10 22.92 -3.29
N ASN B 173 2.07 22.57 -2.44
CA ASN B 173 1.77 22.17 -1.09
C ASN B 173 2.28 23.24 -0.12
N THR B 174 2.55 24.47 -0.63
CA THR B 174 2.94 25.64 0.17
C THR B 174 1.73 26.59 0.37
N PRO B 175 1.64 27.38 1.48
CA PRO B 175 0.47 28.25 1.65
C PRO B 175 0.56 29.60 0.97
N TYR B 176 -0.63 30.17 0.65
CA TYR B 176 -0.79 31.47 0.00
C TYR B 176 -1.77 32.31 0.73
N LEU B 177 -1.48 33.59 0.79
CA LEU B 177 -2.35 34.58 1.42
C LEU B 177 -2.97 35.46 0.35
N TYR B 178 -4.25 35.83 0.56
CA TYR B 178 -5.04 36.65 -0.37
C TYR B 178 -5.71 37.75 0.42
N PHE B 179 -5.25 38.97 0.19
CA PHE B 179 -5.75 40.19 0.79
C PHE B 179 -6.67 40.81 -0.25
N GLY B 180 -7.97 40.73 0.03
CA GLY B 180 -8.98 41.25 -0.87
C GLY B 180 -9.55 42.60 -0.51
N MET B 181 -10.21 43.19 -1.47
CA MET B 181 -11.02 44.40 -1.34
C MET B 181 -12.30 44.13 -2.12
N TRP B 182 -13.31 44.98 -1.96
CA TRP B 182 -14.57 44.86 -2.66
C TRP B 182 -14.35 44.67 -4.15
N LYS B 183 -15.10 43.71 -4.77
CA LYS B 183 -15.10 43.44 -6.22
C LYS B 183 -13.88 42.70 -6.73
N THR B 184 -12.91 42.33 -5.85
CA THR B 184 -11.80 41.49 -6.36
C THR B 184 -12.39 40.12 -6.64
N SER B 185 -11.98 39.50 -7.74
CA SER B 185 -12.56 38.24 -8.17
C SER B 185 -11.63 37.12 -8.46
N PHE B 186 -12.18 35.92 -8.37
CA PHE B 186 -11.48 34.73 -8.83
C PHE B 186 -12.38 34.16 -9.92
N ALA B 187 -11.78 33.93 -11.08
CA ALA B 187 -12.45 33.41 -12.26
C ALA B 187 -12.76 31.93 -12.23
N TRP B 188 -13.61 31.47 -13.13
CA TRP B 188 -13.99 30.03 -13.17
C TRP B 188 -12.80 29.15 -13.43
N HIS B 189 -12.60 28.15 -12.58
CA HIS B 189 -11.47 27.22 -12.70
C HIS B 189 -11.61 26.05 -11.79
N THR B 190 -10.84 25.01 -12.07
CA THR B 190 -10.61 23.86 -11.21
C THR B 190 -9.19 24.07 -10.69
N GLU B 191 -8.79 23.30 -9.69
CA GLU B 191 -7.42 23.41 -9.16
C GLU B 191 -6.37 22.85 -10.15
N ASP B 192 -5.11 23.24 -9.97
CA ASP B 192 -4.02 22.73 -10.78
C ASP B 192 -3.97 21.25 -10.54
N MET B 193 -3.82 20.46 -11.61
CA MET B 193 -3.80 18.97 -11.56
C MET B 193 -5.11 18.39 -11.04
N ASP B 194 -6.18 19.20 -11.04
CA ASP B 194 -7.53 18.88 -10.55
C ASP B 194 -7.48 18.37 -9.11
N LEU B 195 -6.71 19.07 -8.27
CA LEU B 195 -6.47 18.78 -6.86
C LEU B 195 -7.59 19.35 -5.99
N TYR B 196 -7.50 19.11 -4.67
CA TYR B 196 -8.42 19.69 -3.70
C TYR B 196 -7.78 21.01 -3.29
N SER B 197 -8.57 21.86 -2.63
CA SER B 197 -8.06 23.06 -2.03
C SER B 197 -8.81 23.35 -0.71
N ILE B 198 -8.12 23.99 0.19
CA ILE B 198 -8.60 24.44 1.49
C ILE B 198 -8.41 25.96 1.48
N ASN B 199 -9.45 26.68 1.93
CA ASN B 199 -9.48 28.13 2.00
C ASN B 199 -10.05 28.53 3.34
N TYR B 200 -9.27 29.23 4.15
CA TYR B 200 -9.72 29.71 5.45
C TYR B 200 -9.78 31.24 5.40
N LEU B 201 -10.94 31.83 5.78
CA LEU B 201 -11.07 33.26 5.81
C LEU B 201 -10.60 33.71 7.21
N HIS B 202 -9.35 34.19 7.31
CA HIS B 202 -8.73 34.62 8.55
C HIS B 202 -9.51 35.73 9.23
N PHE B 203 -9.85 36.77 8.45
CA PHE B 203 -10.60 37.90 8.97
C PHE B 203 -11.23 38.70 7.86
N GLY B 204 -12.06 39.63 8.26
CA GLY B 204 -12.63 40.60 7.36
C GLY B 204 -14.00 40.28 6.82
N GLU B 205 -14.28 40.95 5.71
CA GLU B 205 -15.50 40.93 4.97
C GLU B 205 -15.68 39.59 4.26
N PRO B 206 -16.94 39.12 4.01
CA PRO B 206 -17.12 37.80 3.40
C PRO B 206 -16.53 37.62 2.00
N LYS B 207 -16.51 36.35 1.57
CA LYS B 207 -16.09 35.90 0.24
C LYS B 207 -17.22 35.02 -0.30
N SER B 208 -17.81 35.39 -1.46
CA SER B 208 -18.88 34.64 -2.15
C SER B 208 -18.35 33.74 -3.21
N TRP B 209 -18.91 32.52 -3.23
CA TRP B 209 -18.49 31.48 -4.15
C TRP B 209 -19.63 30.96 -4.95
N TYR B 210 -19.31 30.51 -6.15
CA TYR B 210 -20.17 29.81 -7.12
C TYR B 210 -19.47 28.49 -7.42
N SER B 211 -20.24 27.44 -7.64
N SER B 211 -20.25 27.40 -7.57
CA SER B 211 -19.71 26.10 -7.89
CA SER B 211 -19.73 26.06 -7.79
C SER B 211 -20.55 25.33 -8.85
C SER B 211 -20.56 25.24 -8.75
N VAL B 212 -19.90 24.56 -9.69
CA VAL B 212 -20.54 23.69 -10.64
C VAL B 212 -20.11 22.27 -10.19
N PRO B 213 -21.08 21.37 -9.93
CA PRO B 213 -20.72 20.00 -9.53
C PRO B 213 -19.75 19.32 -10.51
N PRO B 214 -18.70 18.57 -10.03
CA PRO B 214 -17.82 17.86 -10.96
C PRO B 214 -18.54 17.07 -12.04
N GLU B 215 -19.71 16.46 -11.72
CA GLU B 215 -20.46 15.67 -12.71
C GLU B 215 -21.02 16.52 -13.90
N HIS B 216 -21.03 17.87 -13.76
CA HIS B 216 -21.48 18.79 -14.81
C HIS B 216 -20.38 19.70 -15.30
N GLY B 217 -19.14 19.44 -14.89
CA GLY B 217 -17.97 20.26 -15.23
C GLY B 217 -17.73 20.45 -16.71
N LYS B 218 -18.00 19.39 -17.47
CA LYS B 218 -17.89 19.32 -18.94
C LYS B 218 -18.96 20.17 -19.64
N ARG B 219 -20.12 20.34 -19.01
CA ARG B 219 -21.22 21.17 -19.49
C ARG B 219 -20.81 22.65 -19.41
N LEU B 220 -20.14 23.03 -18.30
CA LEU B 220 -19.60 24.38 -18.14
C LEU B 220 -18.55 24.68 -19.24
N GLU B 221 -17.52 23.79 -19.41
CA GLU B 221 -16.45 23.82 -20.39
C GLU B 221 -17.00 23.99 -21.80
N ARG B 222 -18.09 23.25 -22.14
CA ARG B 222 -18.72 23.29 -23.47
C ARG B 222 -19.35 24.65 -23.74
N LEU B 223 -20.00 25.21 -22.71
CA LEU B 223 -20.59 26.52 -22.79
C LEU B 223 -19.48 27.58 -23.00
N ALA B 224 -18.37 27.51 -22.21
CA ALA B 224 -17.21 28.42 -22.27
C ALA B 224 -16.52 28.39 -23.63
N LYS B 225 -16.40 27.19 -24.24
CA LYS B 225 -15.83 26.95 -25.56
C LYS B 225 -16.71 27.59 -26.66
N GLY B 226 -18.03 27.58 -26.45
CA GLY B 226 -19.00 28.18 -27.35
C GLY B 226 -18.93 29.70 -27.36
N PHE B 227 -18.58 30.33 -26.22
CA PHE B 227 -18.48 31.77 -26.01
C PHE B 227 -17.11 32.36 -26.31
N PHE B 228 -16.04 31.60 -26.05
CA PHE B 228 -14.66 32.00 -26.29
C PHE B 228 -14.03 30.94 -27.20
N PRO B 229 -14.41 30.93 -28.52
CA PRO B 229 -13.88 29.91 -29.44
C PRO B 229 -12.42 30.14 -29.86
N GLY B 230 -11.97 31.40 -29.81
CA GLY B 230 -10.61 31.79 -30.14
C GLY B 230 -9.64 31.38 -29.05
N SER B 231 -10.08 31.55 -27.77
CA SER B 231 -9.35 31.18 -26.55
C SER B 231 -9.16 29.65 -26.47
N ALA B 232 -10.22 28.90 -26.88
CA ALA B 232 -10.25 27.43 -26.86
C ALA B 232 -9.45 26.81 -28.02
N GLN B 233 -9.35 27.51 -29.17
CA GLN B 233 -8.58 27.04 -30.34
C GLN B 233 -7.07 27.19 -30.11
N SER B 234 -6.68 28.11 -29.20
CA SER B 234 -5.30 28.40 -28.81
C SER B 234 -4.81 27.48 -27.70
N CYS B 235 -5.67 27.21 -26.69
CA CYS B 235 -5.38 26.36 -25.53
C CYS B 235 -6.53 25.40 -25.25
N GLU B 236 -6.21 24.13 -25.06
CA GLU B 236 -7.18 23.08 -24.79
C GLU B 236 -7.94 23.28 -23.48
N ALA B 237 -7.24 23.80 -22.48
CA ALA B 237 -7.82 24.07 -21.19
C ALA B 237 -7.57 25.53 -20.87
N PHE B 238 -8.28 26.39 -21.59
CA PHE B 238 -8.15 27.85 -21.47
C PHE B 238 -8.71 28.39 -20.17
N LEU B 239 -9.67 27.65 -19.54
CA LEU B 239 -10.21 28.05 -18.24
C LEU B 239 -9.13 28.00 -17.15
N ARG B 240 -8.05 27.20 -17.35
CA ARG B 240 -6.86 27.08 -16.48
C ARG B 240 -6.08 28.40 -16.38
N HIS B 241 -6.25 29.33 -17.36
CA HIS B 241 -5.62 30.67 -17.33
C HIS B 241 -6.24 31.51 -16.22
N LYS B 242 -7.46 31.11 -15.75
CA LYS B 242 -8.25 31.73 -14.67
C LYS B 242 -8.56 33.19 -15.01
N MET B 243 -9.16 33.37 -16.20
CA MET B 243 -9.50 34.67 -16.75
C MET B 243 -10.98 34.83 -17.09
N THR B 244 -11.73 33.75 -17.13
CA THR B 244 -13.12 33.76 -17.58
C THR B 244 -14.11 33.86 -16.44
N LEU B 245 -14.95 34.88 -16.50
CA LEU B 245 -15.99 35.15 -15.50
C LEU B 245 -17.34 34.97 -16.15
N ILE B 246 -18.23 34.16 -15.55
CA ILE B 246 -19.57 33.86 -16.08
C ILE B 246 -20.56 34.10 -14.95
N SER B 247 -21.54 34.97 -15.19
CA SER B 247 -22.55 35.32 -14.18
C SER B 247 -23.53 34.21 -13.88
N PRO B 248 -24.06 34.09 -12.63
CA PRO B 248 -25.08 33.07 -12.33
C PRO B 248 -26.28 33.10 -13.25
N LEU B 249 -26.69 34.28 -13.71
CA LEU B 249 -27.79 34.47 -14.64
C LEU B 249 -27.49 33.87 -16.02
N MET B 250 -26.21 33.92 -16.48
CA MET B 250 -25.77 33.27 -17.74
C MET B 250 -25.89 31.78 -17.58
N LEU B 251 -25.36 31.25 -16.46
CA LEU B 251 -25.41 29.82 -16.16
C LEU B 251 -26.85 29.31 -16.12
N LYS B 252 -27.76 30.11 -15.53
CA LYS B 252 -29.20 29.79 -15.43
C LYS B 252 -29.86 29.83 -16.81
N LYS B 253 -29.51 30.83 -17.64
CA LYS B 253 -30.04 30.96 -19.01
C LYS B 253 -29.74 29.73 -19.88
N TYR B 254 -28.56 29.15 -19.71
CA TYR B 254 -28.06 27.99 -20.44
C TYR B 254 -28.20 26.68 -19.71
N GLY B 255 -28.99 26.67 -18.63
CA GLY B 255 -29.29 25.47 -17.84
C GLY B 255 -28.12 24.75 -17.18
N ILE B 256 -27.04 25.49 -16.86
CA ILE B 256 -25.90 24.87 -16.20
C ILE B 256 -26.19 24.72 -14.70
N PRO B 257 -26.12 23.50 -14.13
CA PRO B 257 -26.36 23.37 -12.68
C PRO B 257 -25.21 23.97 -11.86
N PHE B 258 -25.58 24.81 -10.89
CA PHE B 258 -24.63 25.48 -10.01
C PHE B 258 -25.26 25.78 -8.67
N ASP B 259 -24.43 26.14 -7.71
CA ASP B 259 -24.89 26.53 -6.39
C ASP B 259 -24.05 27.73 -5.91
N LYS B 260 -24.55 28.46 -4.91
CA LYS B 260 -23.81 29.58 -4.35
C LYS B 260 -23.79 29.52 -2.83
N VAL B 261 -22.72 30.05 -2.24
CA VAL B 261 -22.46 30.08 -0.80
C VAL B 261 -21.57 31.27 -0.45
N THR B 262 -21.81 31.91 0.69
CA THR B 262 -21.02 33.01 1.22
C THR B 262 -20.21 32.51 2.42
N GLN B 263 -18.89 32.62 2.32
CA GLN B 263 -17.94 32.23 3.35
C GLN B 263 -17.71 33.44 4.25
N GLU B 264 -17.88 33.25 5.55
CA GLU B 264 -17.67 34.30 6.55
C GLU B 264 -16.37 34.07 7.32
N ALA B 265 -15.87 35.15 7.98
CA ALA B 265 -14.61 35.09 8.70
C ALA B 265 -14.62 33.95 9.73
N GLY B 266 -13.53 33.20 9.74
CA GLY B 266 -13.34 32.03 10.60
C GLY B 266 -13.91 30.75 10.06
N GLU B 267 -14.24 30.68 8.76
CA GLU B 267 -14.81 29.47 8.15
C GLU B 267 -13.87 28.95 7.08
N PHE B 268 -13.92 27.63 6.84
CA PHE B 268 -13.15 26.96 5.80
C PHE B 268 -14.06 26.57 4.64
N MET B 269 -13.49 26.63 3.43
CA MET B 269 -14.14 26.13 2.23
C MET B 269 -13.22 25.07 1.67
N ILE B 270 -13.80 23.95 1.29
CA ILE B 270 -13.09 22.85 0.65
C ILE B 270 -13.57 22.74 -0.79
N THR B 271 -12.60 22.70 -1.76
CA THR B 271 -12.88 22.48 -3.17
C THR B 271 -12.39 21.07 -3.44
N PHE B 272 -13.16 20.32 -4.25
CA PHE B 272 -12.93 18.93 -4.55
C PHE B 272 -12.38 18.72 -5.96
N PRO B 273 -11.69 17.57 -6.27
CA PRO B 273 -11.16 17.39 -7.63
C PRO B 273 -12.19 17.61 -8.73
N TYR B 274 -11.83 18.47 -9.70
CA TYR B 274 -12.67 18.80 -10.87
C TYR B 274 -13.97 19.61 -10.51
N GLY B 275 -13.96 20.25 -9.35
CA GLY B 275 -15.03 21.13 -8.92
C GLY B 275 -14.73 22.56 -9.38
N TYR B 276 -15.45 23.05 -10.42
CA TYR B 276 -15.29 24.42 -10.96
C TYR B 276 -15.87 25.41 -9.99
N HIS B 277 -15.11 26.48 -9.66
CA HIS B 277 -15.54 27.52 -8.74
C HIS B 277 -15.07 28.86 -9.19
N ALA B 278 -15.79 29.90 -8.79
CA ALA B 278 -15.51 31.32 -9.05
C ALA B 278 -16.14 32.11 -7.95
N GLY B 279 -15.83 33.38 -7.86
CA GLY B 279 -16.42 34.23 -6.85
C GLY B 279 -15.78 35.58 -6.70
N PHE B 280 -16.08 36.27 -5.58
CA PHE B 280 -15.65 37.65 -5.30
C PHE B 280 -15.63 37.92 -3.80
N ASN B 281 -14.84 38.96 -3.44
CA ASN B 281 -14.70 39.45 -2.07
C ASN B 281 -15.64 40.63 -1.87
N HIS B 282 -16.27 40.69 -0.68
CA HIS B 282 -17.22 41.74 -0.29
C HIS B 282 -16.48 42.98 0.16
N GLY B 283 -15.24 42.79 0.58
CA GLY B 283 -14.43 43.91 1.02
C GLY B 283 -13.12 43.45 1.59
N PHE B 284 -12.45 44.36 2.38
CA PHE B 284 -11.17 44.10 3.02
C PHE B 284 -11.20 42.82 3.87
N ASN B 285 -10.40 41.81 3.49
CA ASN B 285 -10.34 40.52 4.16
C ASN B 285 -9.03 39.89 3.89
N CYS B 286 -8.80 38.73 4.50
CA CYS B 286 -7.63 37.94 4.25
C CYS B 286 -7.99 36.47 4.34
N ALA B 287 -7.63 35.69 3.28
CA ALA B 287 -7.82 34.24 3.15
C ALA B 287 -6.50 33.51 2.98
N GLU B 288 -6.39 32.30 3.56
CA GLU B 288 -5.22 31.45 3.41
C GLU B 288 -5.60 30.22 2.64
N SER B 289 -4.76 29.85 1.67
CA SER B 289 -5.07 28.72 0.79
C SER B 289 -3.87 27.82 0.49
N THR B 290 -4.17 26.57 0.09
CA THR B 290 -3.24 25.53 -0.40
C THR B 290 -4.01 24.40 -1.07
N ASN B 291 -3.28 23.53 -1.78
CA ASN B 291 -3.81 22.34 -2.43
C ASN B 291 -3.50 21.12 -1.57
N PHE B 292 -4.30 20.07 -1.69
CA PHE B 292 -4.08 18.82 -0.98
C PHE B 292 -4.66 17.68 -1.76
N ALA B 293 -4.30 16.44 -1.38
CA ALA B 293 -4.77 15.27 -2.07
C ALA B 293 -5.24 14.19 -1.12
N THR B 294 -6.00 13.26 -1.67
CA THR B 294 -6.46 12.04 -1.01
C THR B 294 -6.14 10.96 -2.05
N ARG B 295 -6.32 9.67 -1.70
CA ARG B 295 -6.10 8.60 -2.67
C ARG B 295 -7.02 8.70 -3.92
N ARG B 296 -8.27 9.25 -3.78
CA ARG B 296 -9.25 9.46 -4.85
C ARG B 296 -8.71 10.43 -5.93
N TRP B 297 -7.92 11.44 -5.52
CA TRP B 297 -7.32 12.41 -6.41
C TRP B 297 -6.42 11.79 -7.48
N ILE B 298 -5.57 10.76 -7.16
CA ILE B 298 -4.62 10.16 -8.11
C ILE B 298 -5.20 9.97 -9.53
N GLU B 299 -6.42 9.40 -9.66
CA GLU B 299 -7.07 9.21 -10.96
C GLU B 299 -7.38 10.53 -11.68
N TYR B 300 -7.78 11.57 -10.93
CA TYR B 300 -8.04 12.92 -11.44
C TYR B 300 -6.71 13.57 -11.90
N GLY B 301 -5.61 13.31 -11.18
CA GLY B 301 -4.30 13.85 -11.56
C GLY B 301 -3.80 13.26 -12.88
N LYS B 302 -4.02 11.94 -13.04
CA LYS B 302 -3.65 11.14 -14.21
C LYS B 302 -4.40 11.62 -15.44
N GLN B 303 -5.74 11.83 -15.30
CA GLN B 303 -6.68 12.23 -16.35
C GLN B 303 -6.87 13.73 -16.54
N ALA B 304 -6.23 14.59 -15.73
CA ALA B 304 -6.36 16.06 -15.81
C ALA B 304 -5.89 16.62 -17.14
N VAL B 305 -6.77 17.43 -17.80
CA VAL B 305 -6.47 18.09 -19.08
C VAL B 305 -5.80 19.43 -18.73
N LEU B 306 -4.51 19.55 -19.08
CA LEU B 306 -3.66 20.69 -18.75
C LEU B 306 -3.59 21.79 -19.80
N CYS B 307 -3.10 22.96 -19.37
CA CYS B 307 -2.88 24.14 -20.21
C CYS B 307 -1.65 23.89 -21.13
N SER B 308 -1.86 24.05 -22.46
CA SER B 308 -0.86 23.86 -23.50
C SER B 308 0.24 24.94 -23.44
N CYS B 309 -0.17 26.24 -23.42
CA CYS B 309 0.71 27.41 -23.37
C CYS B 309 1.16 27.71 -21.94
C MET B 313 2.06 25.22 -14.80
N VAL B 314 1.23 24.81 -13.80
CA VAL B 314 1.66 23.90 -12.74
C VAL B 314 1.43 22.45 -13.16
N LYS B 315 2.55 21.71 -13.37
CA LYS B 315 2.53 20.31 -13.78
C LYS B 315 3.24 19.43 -12.74
N ILE B 316 2.54 18.35 -12.33
CA ILE B 316 3.03 17.38 -11.36
C ILE B 316 3.20 16.05 -12.12
N SER B 317 4.35 15.37 -11.93
CA SER B 317 4.57 14.07 -12.54
C SER B 317 3.77 13.09 -11.69
N MET B 318 2.87 12.33 -12.34
CA MET B 318 1.99 11.39 -11.64
C MET B 318 2.67 10.08 -11.33
N ASP B 319 3.84 9.84 -11.94
CA ASP B 319 4.66 8.63 -11.85
C ASP B 319 4.81 8.08 -10.45
N VAL B 320 5.24 8.94 -9.51
CA VAL B 320 5.45 8.63 -8.09
C VAL B 320 4.17 8.17 -7.40
N PHE B 321 3.00 8.72 -7.80
CA PHE B 321 1.70 8.34 -7.23
C PHE B 321 1.25 6.97 -7.75
N VAL B 322 1.48 6.69 -9.04
CA VAL B 322 1.07 5.47 -9.71
C VAL B 322 1.90 4.31 -9.20
N ARG B 323 3.22 4.47 -9.06
CA ARG B 323 4.10 3.45 -8.50
C ARG B 323 3.60 2.98 -7.11
N LYS B 324 3.39 3.93 -6.19
CA LYS B 324 3.03 3.66 -4.80
C LYS B 324 1.62 3.11 -4.58
N PHE B 325 0.58 3.76 -5.15
CA PHE B 325 -0.81 3.41 -4.89
C PHE B 325 -1.45 2.53 -5.93
N GLN B 326 -0.89 2.49 -7.14
CA GLN B 326 -1.39 1.65 -8.23
C GLN B 326 -0.24 0.82 -8.84
N PRO B 327 0.59 0.05 -8.08
CA PRO B 327 1.73 -0.62 -8.74
C PRO B 327 1.34 -1.59 -9.87
N GLU B 328 0.16 -2.23 -9.76
CA GLU B 328 -0.40 -3.17 -10.74
C GLU B 328 -0.84 -2.49 -12.06
N ARG B 329 -1.16 -1.18 -11.99
N ARG B 329 -1.18 -1.18 -12.01
CA ARG B 329 -1.62 -0.37 -13.12
CA ARG B 329 -1.61 -0.42 -13.17
C ARG B 329 -0.47 0.40 -13.79
C ARG B 329 -0.44 0.37 -13.83
N TYR B 330 0.72 0.43 -13.17
CA TYR B 330 1.91 1.18 -13.61
C TYR B 330 2.38 0.87 -15.02
N LYS B 331 2.47 -0.43 -15.39
CA LYS B 331 2.88 -0.84 -16.73
C LYS B 331 1.82 -0.36 -17.76
N LEU B 332 0.54 -0.67 -17.52
CA LEU B 332 -0.59 -0.29 -18.36
C LEU B 332 -0.67 1.22 -18.59
N TRP B 333 -0.49 2.01 -17.51
CA TRP B 333 -0.55 3.47 -17.51
C TRP B 333 0.65 4.12 -18.23
N LYS B 334 1.86 3.58 -18.03
CA LYS B 334 3.10 4.07 -18.67
C LYS B 334 3.08 3.81 -20.19
N ALA B 335 2.26 2.83 -20.64
CA ALA B 335 2.07 2.49 -22.06
C ALA B 335 0.98 3.39 -22.70
N GLY B 336 -0.03 3.78 -21.91
CA GLY B 336 -1.16 4.59 -22.35
C GLY B 336 -2.44 3.80 -22.44
N LYS B 337 -2.40 2.52 -21.96
CA LYS B 337 -3.50 1.56 -21.95
C LYS B 337 -4.41 1.66 -20.71
N ASP B 338 -4.19 2.67 -19.85
CA ASP B 338 -5.03 2.88 -18.68
C ASP B 338 -6.15 3.86 -19.08
N ASN B 339 -7.38 3.32 -19.17
CA ASN B 339 -8.57 4.07 -19.57
C ASN B 339 -9.69 3.99 -18.51
N THR B 340 -9.29 4.02 -17.22
CA THR B 340 -10.20 4.00 -16.07
C THR B 340 -11.17 5.21 -16.18
N VAL B 341 -12.46 4.95 -16.05
CA VAL B 341 -13.48 6.00 -16.14
C VAL B 341 -13.73 6.54 -14.74
N ILE B 342 -13.64 7.88 -14.55
CA ILE B 342 -13.87 8.51 -13.25
C ILE B 342 -15.36 8.66 -12.96
N ASP B 343 -15.79 8.16 -11.79
CA ASP B 343 -17.15 8.33 -11.28
C ASP B 343 -17.02 9.46 -10.26
N HIS B 344 -17.60 10.64 -10.59
CA HIS B 344 -17.50 11.84 -9.72
C HIS B 344 -18.30 11.73 -8.41
N THR B 345 -19.27 10.79 -8.37
CA THR B 345 -20.15 10.56 -7.20
C THR B 345 -19.49 9.68 -6.12
N LEU B 346 -18.47 8.87 -6.50
CA LEU B 346 -17.79 7.95 -5.58
C LEU B 346 -16.94 8.66 -4.53
N PRO B 347 -17.02 8.24 -3.22
CA PRO B 347 -16.17 8.86 -2.19
C PRO B 347 -14.77 8.24 -2.16
N THR B 348 -13.79 8.94 -1.56
CA THR B 348 -12.38 8.50 -1.48
C THR B 348 -12.29 7.17 -0.78
N PRO B 349 -11.32 6.28 -1.12
CA PRO B 349 -11.23 4.99 -0.41
C PRO B 349 -11.14 5.09 1.12
N GLU B 350 -10.58 6.22 1.64
CA GLU B 350 -10.42 6.56 3.07
C GLU B 350 -11.76 6.68 3.82
N ALA B 351 -12.86 6.97 3.10
CA ALA B 351 -14.22 7.10 3.65
C ALA B 351 -14.87 5.74 4.01
N ALA B 352 -14.11 4.62 3.83
CA ALA B 352 -14.54 3.23 4.09
C ALA B 352 -15.08 3.00 5.51
N GLU B 353 -14.43 3.60 6.54
CA GLU B 353 -14.80 3.49 7.95
C GLU B 353 -16.15 4.18 8.28
N PHE B 354 -16.70 4.96 7.34
CA PHE B 354 -17.95 5.72 7.50
C PHE B 354 -19.09 5.21 6.62
N ASN C 10 43.31 37.37 15.85
CA ASN C 10 43.46 35.91 15.85
C ASN C 10 44.23 35.39 14.59
N PRO C 11 45.57 35.67 14.44
CA PRO C 11 46.29 35.19 13.23
C PRO C 11 46.38 33.67 13.06
N SER C 12 46.35 32.94 14.18
CA SER C 12 46.42 31.48 14.20
C SER C 12 45.05 30.80 13.90
N ALA C 13 43.95 31.60 13.90
CA ALA C 13 42.55 31.16 13.69
C ALA C 13 42.18 29.97 14.62
N ARG C 14 42.59 30.08 15.93
CA ARG C 14 42.33 29.13 17.02
C ARG C 14 41.02 29.51 17.72
N ILE C 15 40.29 28.50 18.24
CA ILE C 15 39.02 28.65 18.95
C ILE C 15 39.26 29.43 20.24
N MET C 16 38.57 30.57 20.37
CA MET C 16 38.71 31.46 21.53
C MET C 16 37.53 31.24 22.47
N THR C 17 37.76 31.53 23.76
CA THR C 17 36.82 31.41 24.87
C THR C 17 36.64 32.77 25.53
N PHE C 18 35.35 33.15 25.75
CA PHE C 18 34.98 34.43 26.37
C PHE C 18 34.21 34.24 27.66
N TYR C 19 34.44 35.13 28.63
CA TYR C 19 33.78 35.09 29.95
C TYR C 19 33.09 36.43 30.25
N PRO C 20 31.93 36.73 29.59
CA PRO C 20 31.26 38.02 29.83
C PRO C 20 30.71 38.18 31.23
N THR C 21 30.65 39.44 31.68
CA THR C 21 30.05 39.81 32.97
C THR C 21 28.53 39.84 32.71
N MET C 22 27.70 40.00 33.76
CA MET C 22 26.26 40.07 33.57
C MET C 22 25.84 41.24 32.65
N GLU C 23 26.51 42.41 32.78
CA GLU C 23 26.26 43.60 31.97
C GLU C 23 26.61 43.38 30.49
N GLU C 24 27.80 42.78 30.21
CA GLU C 24 28.26 42.46 28.85
C GLU C 24 27.32 41.46 28.16
N PHE C 25 26.90 40.42 28.91
CA PHE C 25 26.05 39.30 28.50
C PHE C 25 24.61 39.68 28.16
N ARG C 26 24.09 40.77 28.74
CA ARG C 26 22.70 41.20 28.50
C ARG C 26 22.36 41.51 27.03
N ASN C 27 23.31 42.08 26.26
CA ASN C 27 23.07 42.36 24.84
C ASN C 27 23.78 41.32 23.98
N PHE C 28 22.99 40.40 23.41
CA PHE C 28 23.45 39.30 22.57
C PHE C 28 24.25 39.77 21.35
N SER C 29 23.62 40.52 20.42
CA SER C 29 24.24 41.04 19.19
C SER C 29 25.44 41.92 19.44
N ARG C 30 25.43 42.72 20.51
CA ARG C 30 26.55 43.57 20.89
C ARG C 30 27.73 42.67 21.27
N TYR C 31 27.47 41.59 22.05
CA TYR C 31 28.53 40.67 22.46
C TYR C 31 29.07 39.84 21.30
N ILE C 32 28.23 39.53 20.30
CA ILE C 32 28.65 38.81 19.10
C ILE C 32 29.61 39.73 18.32
N ALA C 33 29.27 41.03 18.25
CA ALA C 33 30.07 42.10 17.62
C ALA C 33 31.41 42.24 18.34
N TYR C 34 31.39 42.15 19.70
CA TYR C 34 32.62 42.24 20.49
C TYR C 34 33.56 41.05 20.25
N ILE C 35 33.05 39.80 20.23
CA ILE C 35 33.89 38.63 20.04
C ILE C 35 34.47 38.60 18.61
N GLU C 36 33.79 39.21 17.62
CA GLU C 36 34.31 39.32 16.25
C GLU C 36 35.44 40.35 16.15
N SER C 37 35.35 41.44 16.96
CA SER C 37 36.38 42.48 17.03
C SER C 37 37.68 41.92 17.62
N GLN C 38 37.57 40.79 18.35
CA GLN C 38 38.68 40.06 18.95
C GLN C 38 39.19 38.95 17.99
N GLY C 39 38.55 38.81 16.81
CA GLY C 39 38.89 37.83 15.78
C GLY C 39 38.38 36.42 16.00
N ALA C 40 37.38 36.24 16.87
CA ALA C 40 36.82 34.93 17.18
C ALA C 40 36.28 34.18 15.97
N HIS C 41 35.70 34.91 15.01
CA HIS C 41 35.10 34.40 13.79
C HIS C 41 36.07 33.68 12.86
N ARG C 42 37.38 33.99 12.96
CA ARG C 42 38.43 33.41 12.12
C ARG C 42 38.54 31.91 12.26
N ALA C 43 38.29 31.37 13.46
CA ALA C 43 38.33 29.95 13.75
C ALA C 43 37.04 29.27 13.26
N GLY C 44 35.98 30.05 13.08
CA GLY C 44 34.65 29.59 12.66
C GLY C 44 33.79 29.08 13.80
N LEU C 45 34.39 29.00 15.01
CA LEU C 45 33.77 28.50 16.23
C LEU C 45 34.39 29.19 17.43
N ALA C 46 33.55 29.55 18.41
CA ALA C 46 33.97 30.20 19.65
C ALA C 46 33.11 29.72 20.79
N LYS C 47 33.64 29.77 22.03
CA LYS C 47 32.98 29.37 23.28
C LYS C 47 32.70 30.59 24.12
N VAL C 48 31.47 30.67 24.66
CA VAL C 48 31.07 31.76 25.54
C VAL C 48 30.55 31.15 26.84
N VAL C 49 31.30 31.38 27.90
CA VAL C 49 30.96 30.90 29.24
C VAL C 49 30.11 31.99 29.92
N PRO C 50 28.83 31.75 30.19
CA PRO C 50 27.99 32.80 30.76
C PRO C 50 28.30 33.10 32.23
N PRO C 51 27.81 34.23 32.81
CA PRO C 51 28.08 34.49 34.23
C PRO C 51 27.49 33.40 35.12
N LYS C 52 28.22 33.01 36.20
CA LYS C 52 27.81 31.96 37.16
C LYS C 52 26.41 32.15 37.75
N GLU C 53 25.95 33.40 37.89
CA GLU C 53 24.62 33.77 38.41
C GLU C 53 23.48 33.60 37.39
N TRP C 54 23.85 33.31 36.12
CA TRP C 54 22.89 33.11 35.03
C TRP C 54 22.55 31.64 34.83
N LYS C 55 21.23 31.35 34.76
CA LYS C 55 20.66 30.01 34.53
C LYS C 55 19.39 30.14 33.66
N PRO C 56 19.26 29.36 32.56
CA PRO C 56 18.05 29.50 31.72
C PRO C 56 16.80 28.75 32.24
N ARG C 57 16.98 27.80 33.18
CA ARG C 57 15.92 26.99 33.80
C ARG C 57 16.38 26.58 35.22
N ALA C 58 15.43 26.55 36.20
CA ALA C 58 15.70 26.24 37.62
C ALA C 58 16.10 24.78 37.88
N SER C 59 15.44 23.82 37.20
CA SER C 59 15.73 22.38 37.32
C SER C 59 15.39 21.64 36.02
N TYR C 60 16.05 20.49 35.77
CA TYR C 60 15.82 19.69 34.57
C TYR C 60 15.18 18.32 34.90
N ASP C 61 14.46 18.22 36.03
CA ASP C 61 13.78 16.99 36.52
C ASP C 61 12.29 16.87 36.16
N ASP C 62 11.79 17.79 35.34
CA ASP C 62 10.41 17.82 34.87
C ASP C 62 10.32 17.50 33.36
N ILE C 63 11.40 16.99 32.76
CA ILE C 63 11.37 16.75 31.32
C ILE C 63 11.38 15.25 30.92
N ASP C 64 11.21 14.31 31.89
CA ASP C 64 11.19 12.86 31.60
C ASP C 64 10.10 12.43 30.63
N ASP C 65 8.96 13.15 30.65
CA ASP C 65 7.79 12.86 29.81
C ASP C 65 7.77 13.69 28.54
N LEU C 66 8.90 14.35 28.22
CA LEU C 66 9.07 15.12 26.98
C LEU C 66 9.26 14.11 25.84
N VAL C 67 8.53 14.32 24.76
CA VAL C 67 8.55 13.46 23.59
C VAL C 67 9.59 13.92 22.56
N ILE C 68 10.41 12.95 22.11
CA ILE C 68 11.38 13.07 21.04
C ILE C 68 10.62 12.40 19.85
N PRO C 69 9.95 13.19 18.96
CA PRO C 69 9.13 12.59 17.89
C PRO C 69 9.82 11.70 16.88
N ALA C 70 11.07 12.03 16.52
CA ALA C 70 11.80 11.28 15.51
C ALA C 70 13.24 10.91 15.92
N PRO C 71 13.44 9.95 16.87
CA PRO C 71 14.82 9.56 17.24
C PRO C 71 15.55 8.92 16.05
N ILE C 72 16.84 9.21 15.90
CA ILE C 72 17.57 8.66 14.75
C ILE C 72 18.64 7.67 15.17
N GLN C 73 18.53 6.42 14.71
CA GLN C 73 19.62 5.50 14.91
C GLN C 73 20.69 5.90 13.87
N GLN C 74 21.90 6.13 14.32
CA GLN C 74 22.96 6.62 13.45
C GLN C 74 23.87 5.49 13.08
N LEU C 75 23.76 5.04 11.85
CA LEU C 75 24.59 4.00 11.28
C LEU C 75 25.71 4.60 10.50
N VAL C 76 26.95 4.25 10.81
CA VAL C 76 28.15 4.80 10.19
C VAL C 76 28.85 3.71 9.42
N THR C 77 29.19 4.02 8.16
CA THR C 77 29.88 3.10 7.28
C THR C 77 31.15 3.78 6.79
N GLY C 78 32.24 3.03 6.77
CA GLY C 78 33.51 3.55 6.32
C GLY C 78 34.71 2.87 6.94
N GLN C 79 35.88 3.46 6.63
CA GLN C 79 37.20 3.00 7.04
C GLN C 79 38.20 4.12 6.77
N SER C 80 39.41 3.96 7.31
CA SER C 80 40.58 4.85 7.17
C SER C 80 40.23 6.35 7.37
N GLY C 81 39.47 6.66 8.42
CA GLY C 81 39.10 8.03 8.75
C GLY C 81 38.00 8.66 7.92
N LEU C 82 37.45 7.91 6.93
CA LEU C 82 36.39 8.38 6.03
C LEU C 82 35.12 7.58 6.18
N PHE C 83 34.05 8.25 6.56
CA PHE C 83 32.79 7.64 6.90
C PHE C 83 31.57 8.36 6.35
N THR C 84 30.45 7.60 6.21
CA THR C 84 29.13 8.07 5.83
C THR C 84 28.17 7.65 6.89
N GLN C 85 27.39 8.59 7.35
CA GLN C 85 26.39 8.36 8.36
C GLN C 85 25.02 8.30 7.74
N TYR C 86 24.29 7.24 8.04
CA TYR C 86 22.92 7.00 7.61
C TYR C 86 22.07 7.13 8.86
N ASN C 87 21.03 7.95 8.79
CA ASN C 87 20.10 8.17 9.88
C ASN C 87 18.87 7.31 9.63
N ILE C 88 18.52 6.45 10.60
CA ILE C 88 17.38 5.54 10.55
C ILE C 88 16.38 6.08 11.55
N GLN C 89 15.25 6.65 11.05
CA GLN C 89 14.24 7.20 11.95
C GLN C 89 13.56 6.07 12.66
N LYS C 90 13.46 6.19 13.98
CA LYS C 90 12.85 5.24 14.90
C LYS C 90 11.55 5.86 15.43
N LYS C 91 10.73 5.07 16.12
CA LYS C 91 9.47 5.58 16.68
C LYS C 91 9.73 6.50 17.87
N ALA C 92 8.81 7.47 18.08
CA ALA C 92 8.83 8.46 19.16
C ALA C 92 9.10 7.85 20.51
N MET C 93 9.90 8.53 21.31
CA MET C 93 10.25 8.07 22.66
C MET C 93 10.37 9.24 23.62
N THR C 94 10.26 8.95 24.92
CA THR C 94 10.37 9.96 25.96
C THR C 94 11.83 10.18 26.32
N VAL C 95 12.11 11.28 27.02
CA VAL C 95 13.46 11.60 27.50
C VAL C 95 13.92 10.50 28.46
N ARG C 96 12.97 9.93 29.24
CA ARG C 96 13.15 8.84 30.21
C ARG C 96 13.60 7.55 29.50
N GLU C 97 12.95 7.21 28.35
CA GLU C 97 13.23 6.01 27.56
C GLU C 97 14.59 6.17 26.88
N PHE C 98 14.90 7.41 26.47
CA PHE C 98 16.17 7.79 25.88
C PHE C 98 17.34 7.70 26.91
N ARG C 99 17.15 8.29 28.10
N ARG C 99 17.15 8.31 28.10
CA ARG C 99 18.08 8.30 29.23
CA ARG C 99 18.11 8.30 29.22
C ARG C 99 18.45 6.87 29.68
C ARG C 99 18.45 6.88 29.70
N LYS C 100 17.47 5.93 29.64
CA LYS C 100 17.66 4.51 30.02
C LYS C 100 18.56 3.82 29.00
N ILE C 101 18.27 4.06 27.70
CA ILE C 101 19.06 3.54 26.61
C ILE C 101 20.46 4.17 26.68
N ALA C 102 20.54 5.50 26.86
CA ALA C 102 21.80 6.24 26.91
C ALA C 102 22.77 5.75 28.01
N ASN C 103 22.22 5.44 29.20
CA ASN C 103 23.00 5.00 30.36
C ASN C 103 23.13 3.47 30.52
N SER C 104 22.47 2.65 29.65
CA SER C 104 22.56 1.18 29.74
C SER C 104 23.98 0.69 29.43
N ASP C 105 24.30 -0.57 29.77
CA ASP C 105 25.60 -1.19 29.50
C ASP C 105 25.96 -1.17 28.01
N LYS C 106 24.97 -1.43 27.13
CA LYS C 106 25.13 -1.45 25.67
C LYS C 106 25.57 -0.08 25.11
N TYR C 107 25.05 1.03 25.69
CA TYR C 107 25.31 2.37 25.18
C TYR C 107 26.09 3.34 26.05
N CYS C 108 26.45 2.96 27.30
CA CYS C 108 27.16 3.86 28.21
C CYS C 108 28.55 4.25 27.72
N THR C 109 29.05 5.43 28.17
CA THR C 109 30.37 5.99 27.84
C THR C 109 31.46 5.03 28.36
N PRO C 110 32.53 4.74 27.59
CA PRO C 110 33.61 3.91 28.14
C PRO C 110 34.45 4.66 29.18
N ARG C 111 35.20 3.91 30.02
CA ARG C 111 36.09 4.50 31.04
C ARG C 111 37.26 5.16 30.32
N TYR C 112 37.61 6.39 30.73
CA TYR C 112 38.68 7.19 30.12
C TYR C 112 39.32 8.17 31.10
N SER C 113 40.62 8.48 30.88
CA SER C 113 41.37 9.41 31.71
C SER C 113 41.23 10.83 31.13
N GLU C 114 41.91 11.09 30.00
CA GLU C 114 41.95 12.36 29.27
C GLU C 114 41.01 12.33 28.07
N PHE C 115 40.63 13.51 27.52
CA PHE C 115 39.77 13.62 26.34
C PHE C 115 40.36 12.87 25.14
N GLU C 116 41.69 12.98 24.97
CA GLU C 116 42.42 12.31 23.89
C GLU C 116 42.08 10.82 23.85
N GLU C 117 41.91 10.19 25.05
CA GLU C 117 41.53 8.78 25.22
C GLU C 117 40.11 8.55 24.66
N LEU C 118 39.09 9.32 25.13
CA LEU C 118 37.70 9.20 24.63
C LEU C 118 37.59 9.46 23.13
N GLU C 119 38.34 10.48 22.62
CA GLU C 119 38.39 10.83 21.21
C GLU C 119 38.89 9.61 20.38
N ARG C 120 40.01 8.96 20.81
CA ARG C 120 40.57 7.77 20.15
C ARG C 120 39.56 6.64 20.06
N LYS C 121 38.84 6.36 21.19
CA LYS C 121 37.79 5.32 21.28
C LYS C 121 36.68 5.64 20.30
N TYR C 122 36.28 6.93 20.19
CA TYR C 122 35.21 7.35 19.30
C TYR C 122 35.54 7.02 17.87
N TRP C 123 36.72 7.44 17.40
CA TRP C 123 37.14 7.20 16.02
C TRP C 123 37.42 5.74 15.72
N LYS C 124 37.75 4.98 16.76
CA LYS C 124 37.99 3.54 16.60
C LYS C 124 36.67 2.76 16.49
N ASN C 125 35.60 3.26 17.13
CA ASN C 125 34.32 2.56 17.26
C ASN C 125 33.07 3.22 16.71
N LEU C 126 33.14 4.36 16.03
CA LEU C 126 31.91 5.03 15.53
C LEU C 126 31.08 4.16 14.57
N THR C 127 31.69 3.12 13.94
CA THR C 127 30.94 2.21 13.04
C THR C 127 30.26 1.07 13.80
N PHE C 128 30.63 0.86 15.08
CA PHE C 128 30.08 -0.23 15.89
C PHE C 128 28.99 0.24 16.80
N ASN C 129 28.09 -0.69 17.22
CA ASN C 129 26.97 -0.44 18.15
C ASN C 129 26.29 0.93 17.86
N PRO C 130 25.61 1.09 16.69
CA PRO C 130 24.99 2.38 16.35
C PRO C 130 24.15 3.01 17.48
N PRO C 131 24.46 4.25 17.87
CA PRO C 131 23.67 4.87 18.95
C PRO C 131 22.39 5.52 18.43
N ILE C 132 21.52 6.00 19.35
CA ILE C 132 20.30 6.72 19.01
C ILE C 132 20.50 8.20 19.33
N TYR C 133 20.20 9.09 18.37
CA TYR C 133 20.32 10.53 18.62
C TYR C 133 18.90 11.11 18.65
N GLY C 134 18.54 11.73 19.78
CA GLY C 134 17.25 12.39 19.95
C GLY C 134 17.38 13.81 19.42
N ALA C 135 17.68 13.93 18.12
CA ALA C 135 17.97 15.17 17.39
C ALA C 135 16.78 15.88 16.78
N ASP C 136 16.93 17.21 16.56
CA ASP C 136 15.99 18.12 15.89
C ASP C 136 14.60 18.10 16.50
N VAL C 137 14.54 18.16 17.83
CA VAL C 137 13.28 18.17 18.57
C VAL C 137 12.89 19.62 18.69
N ASN C 138 11.78 19.99 18.08
CA ASN C 138 11.28 21.35 18.16
C ASN C 138 10.94 21.67 19.60
N GLY C 139 11.57 22.71 20.14
CA GLY C 139 11.33 23.13 21.50
C GLY C 139 12.44 23.86 22.18
N THR C 140 12.16 24.32 23.39
CA THR C 140 13.10 25.06 24.23
C THR C 140 13.06 24.56 25.67
N LEU C 141 14.17 24.71 26.37
CA LEU C 141 14.22 24.40 27.78
C LEU C 141 14.39 25.70 28.60
N TYR C 142 14.36 26.87 27.92
CA TYR C 142 14.45 28.18 28.56
C TYR C 142 13.10 28.48 29.19
N GLU C 143 13.11 29.08 30.39
CA GLU C 143 11.90 29.53 31.07
C GLU C 143 11.47 30.83 30.39
N LYS C 144 10.15 31.07 30.33
CA LYS C 144 9.51 32.21 29.65
C LYS C 144 10.18 33.57 29.90
N HIS C 145 10.49 33.88 31.18
CA HIS C 145 11.08 35.12 31.68
C HIS C 145 12.56 35.37 31.35
N VAL C 146 13.35 34.33 31.04
CA VAL C 146 14.80 34.45 30.75
C VAL C 146 15.03 35.34 29.52
N ASP C 147 15.65 36.51 29.75
CA ASP C 147 15.84 37.55 28.75
C ASP C 147 17.21 37.64 28.09
N GLU C 148 18.21 36.92 28.62
CA GLU C 148 19.56 36.99 28.05
C GLU C 148 19.92 35.71 27.31
N TRP C 149 20.31 35.85 26.04
CA TRP C 149 20.72 34.75 25.18
C TRP C 149 19.64 33.64 25.05
N ASN C 150 18.36 34.06 24.97
CA ASN C 150 17.23 33.18 24.82
C ASN C 150 17.19 32.69 23.38
N ILE C 151 17.68 31.45 23.15
CA ILE C 151 17.75 30.81 21.83
C ILE C 151 16.37 30.87 21.09
N GLY C 152 15.28 30.89 21.86
CA GLY C 152 13.93 31.01 21.32
C GLY C 152 13.60 32.37 20.72
N ARG C 153 14.28 33.44 21.17
CA ARG C 153 14.06 34.84 20.74
C ARG C 153 15.32 35.74 20.86
N LEU C 154 16.37 35.50 20.02
CA LEU C 154 17.63 36.27 20.05
C LEU C 154 17.54 37.70 19.42
N ARG C 155 16.48 37.95 18.60
CA ARG C 155 16.15 39.25 17.97
C ARG C 155 17.27 39.83 17.04
N THR C 156 17.85 38.98 16.18
CA THR C 156 18.89 39.38 15.20
C THR C 156 18.20 39.89 13.91
N ILE C 157 18.99 40.34 12.91
CA ILE C 157 18.44 40.79 11.61
C ILE C 157 17.76 39.61 10.86
N LEU C 158 18.01 38.35 11.30
CA LEU C 158 17.39 37.15 10.72
C LEU C 158 15.86 37.20 10.81
N ASP C 159 15.32 37.85 11.87
CA ASP C 159 13.89 38.04 12.11
C ASP C 159 13.17 38.73 10.96
N LEU C 160 13.90 39.40 10.04
CA LEU C 160 13.36 40.08 8.87
C LEU C 160 12.65 39.13 7.90
N VAL C 161 13.05 37.84 7.91
CA VAL C 161 12.43 36.79 7.08
C VAL C 161 10.91 36.68 7.41
N GLU C 162 10.62 36.64 8.73
CA GLU C 162 9.28 36.54 9.33
C GLU C 162 8.47 37.80 9.09
N LYS C 163 9.03 39.01 9.39
CA LYS C 163 8.37 40.33 9.24
C LYS C 163 7.58 40.52 7.94
N GLU C 164 8.08 39.93 6.84
CA GLU C 164 7.47 40.00 5.52
C GLU C 164 7.03 38.62 5.06
N GLU C 170 8.53 30.62 8.52
CA GLU C 170 9.94 30.20 8.65
C GLU C 170 10.13 29.04 9.63
N GLY C 171 11.34 28.47 9.62
CA GLY C 171 11.76 27.35 10.47
C GLY C 171 13.25 27.29 10.70
N VAL C 172 13.90 28.47 10.66
CA VAL C 172 15.34 28.69 10.84
C VAL C 172 15.53 29.41 12.17
N ASN C 173 14.55 30.27 12.53
CA ASN C 173 14.56 31.07 13.76
C ASN C 173 14.20 30.25 15.00
N THR C 174 13.41 29.19 14.80
CA THR C 174 12.90 28.33 15.86
C THR C 174 14.00 27.49 16.56
N PRO C 175 13.83 27.21 17.88
CA PRO C 175 14.84 26.39 18.58
C PRO C 175 14.65 24.87 18.42
N TYR C 176 15.76 24.15 18.47
CA TYR C 176 15.82 22.70 18.36
C TYR C 176 16.57 22.12 19.54
N LEU C 177 16.07 21.02 20.09
CA LEU C 177 16.68 20.28 21.21
C LEU C 177 17.36 19.01 20.70
N TYR C 178 18.51 18.67 21.29
CA TYR C 178 19.31 17.51 20.93
C TYR C 178 19.66 16.73 22.18
N PHE C 179 19.08 15.56 22.32
CA PHE C 179 19.30 14.63 23.42
C PHE C 179 20.28 13.60 22.87
N GLY C 180 21.51 13.69 23.40
CA GLY C 180 22.60 12.85 22.95
C GLY C 180 22.92 11.73 23.89
N MET C 181 23.74 10.83 23.41
CA MET C 181 24.27 9.72 24.16
C MET C 181 25.65 9.49 23.63
N TRP C 182 26.47 8.68 24.30
CA TRP C 182 27.84 8.42 23.84
C TRP C 182 27.87 8.06 22.36
N LYS C 183 28.81 8.67 21.60
CA LYS C 183 29.07 8.35 20.19
C LYS C 183 28.06 8.94 19.19
N THR C 184 27.01 9.68 19.66
CA THR C 184 26.12 10.32 18.69
C THR C 184 26.90 11.47 18.05
N SER C 185 26.65 11.77 16.78
CA SER C 185 27.43 12.76 16.07
C SER C 185 26.74 13.70 15.11
N PHE C 186 27.45 14.79 14.83
CA PHE C 186 27.05 15.71 13.81
C PHE C 186 28.20 15.67 12.79
N ALA C 187 27.85 15.48 11.53
CA ALA C 187 28.78 15.40 10.43
C ALA C 187 29.29 16.77 9.97
N TRP C 188 30.35 16.78 9.17
CA TRP C 188 30.93 18.03 8.68
C TRP C 188 29.94 18.84 7.88
N HIS C 189 29.76 20.12 8.25
CA HIS C 189 28.78 21.00 7.59
C HIS C 189 28.94 22.44 8.05
N THR C 190 28.36 23.35 7.26
CA THR C 190 28.20 24.75 7.59
C THR C 190 26.68 24.85 7.84
N GLU C 191 26.22 25.97 8.36
CA GLU C 191 24.80 26.20 8.62
C GLU C 191 24.02 26.41 7.31
N ASP C 192 22.71 26.25 7.37
CA ASP C 192 21.85 26.50 6.21
C ASP C 192 22.00 27.98 5.86
N MET C 193 22.13 28.29 4.56
CA MET C 193 22.34 29.67 4.05
C MET C 193 23.64 30.28 4.58
N ASP C 194 24.56 29.42 5.09
CA ASP C 194 25.86 29.79 5.69
C ASP C 194 25.68 30.82 6.81
N LEU C 195 24.67 30.58 7.66
CA LEU C 195 24.28 31.42 8.78
C LEU C 195 25.18 31.17 10.00
N TYR C 196 24.92 31.90 11.10
CA TYR C 196 25.58 31.66 12.37
C TYR C 196 24.71 30.66 13.10
N SER C 197 25.24 30.09 14.18
CA SER C 197 24.45 29.26 15.08
C SER C 197 24.91 29.43 16.51
N ILE C 198 23.99 29.21 17.45
CA ILE C 198 24.20 29.24 18.89
C ILE C 198 23.81 27.84 19.39
N ASN C 199 24.65 27.27 20.26
CA ASN C 199 24.42 25.97 20.87
C ASN C 199 24.70 26.07 22.36
N TYR C 200 23.69 25.79 23.20
CA TYR C 200 23.83 25.80 24.66
C TYR C 200 23.67 24.37 25.19
N LEU C 201 24.65 23.89 25.97
CA LEU C 201 24.58 22.58 26.57
C LEU C 201 23.84 22.72 27.89
N HIS C 202 22.53 22.42 27.90
CA HIS C 202 21.66 22.52 29.07
C HIS C 202 22.16 21.70 30.26
N PHE C 203 22.48 20.43 30.02
CA PHE C 203 22.97 19.54 31.07
C PHE C 203 23.66 18.32 30.49
N GLY C 204 24.25 17.54 31.39
CA GLY C 204 24.86 16.26 31.08
C GLY C 204 26.30 16.27 30.64
N GLU C 205 26.67 15.17 29.98
CA GLU C 205 28.01 14.90 29.54
C GLU C 205 28.47 15.84 28.40
N PRO C 206 29.80 16.11 28.27
CA PRO C 206 30.24 17.10 27.27
C PRO C 206 29.94 16.76 25.81
N LYS C 207 30.14 17.76 24.93
CA LYS C 207 29.99 17.70 23.50
C LYS C 207 31.32 18.24 22.91
N SER C 208 32.01 17.45 22.12
CA SER C 208 33.24 17.84 21.49
C SER C 208 32.98 18.31 20.10
N TRP C 209 33.80 19.23 19.67
CA TRP C 209 33.65 19.89 18.37
C TRP C 209 35.00 19.95 17.70
N TYR C 210 34.93 19.98 16.36
CA TYR C 210 36.02 20.20 15.43
C TYR C 210 35.56 21.33 14.55
N SER C 211 36.49 22.24 14.22
CA SER C 211 36.19 23.34 13.33
C SER C 211 37.31 23.58 12.32
N VAL C 212 36.92 23.99 11.10
CA VAL C 212 37.82 24.36 10.00
C VAL C 212 37.56 25.85 9.81
N PRO C 213 38.61 26.70 9.89
CA PRO C 213 38.41 28.14 9.69
C PRO C 213 37.72 28.47 8.36
N PRO C 214 36.75 29.43 8.31
CA PRO C 214 36.13 29.79 7.03
C PRO C 214 37.11 30.05 5.88
N GLU C 215 38.30 30.62 6.17
CA GLU C 215 39.33 30.89 5.14
C GLU C 215 39.89 29.59 4.50
N HIS C 216 39.66 28.42 5.11
CA HIS C 216 40.09 27.13 4.57
C HIS C 216 38.91 26.19 4.24
N GLY C 217 37.68 26.69 4.30
CA GLY C 217 36.47 25.93 4.04
C GLY C 217 36.42 25.24 2.69
N LYS C 218 36.97 25.91 1.64
CA LYS C 218 37.05 25.41 0.27
C LYS C 218 38.06 24.26 0.15
N ARG C 219 39.10 24.24 1.02
CA ARG C 219 40.09 23.17 1.09
C ARG C 219 39.41 21.87 1.58
N LEU C 220 38.48 21.95 2.57
CA LEU C 220 37.76 20.77 3.07
C LEU C 220 36.80 20.24 2.00
N GLU C 221 36.05 21.15 1.37
CA GLU C 221 35.14 20.83 0.26
C GLU C 221 35.86 20.07 -0.87
N ARG C 222 37.07 20.54 -1.26
CA ARG C 222 37.92 19.95 -2.32
C ARG C 222 38.37 18.55 -1.91
N LEU C 223 38.74 18.37 -0.64
CA LEU C 223 39.13 17.09 -0.09
C LEU C 223 37.96 16.11 -0.13
N ALA C 224 36.77 16.55 0.37
CA ALA C 224 35.53 15.77 0.42
C ALA C 224 35.09 15.32 -0.97
N LYS C 225 35.22 16.19 -1.99
CA LYS C 225 34.90 15.93 -3.39
C LYS C 225 35.85 14.86 -3.98
N GLY C 226 37.11 14.87 -3.54
CA GLY C 226 38.12 13.90 -3.95
C GLY C 226 37.85 12.51 -3.42
N PHE C 227 37.25 12.39 -2.22
CA PHE C 227 36.91 11.14 -1.51
C PHE C 227 35.54 10.58 -1.81
N PHE C 228 34.56 11.46 -2.04
CA PHE C 228 33.19 11.09 -2.37
C PHE C 228 32.86 11.72 -3.72
N PRO C 229 33.43 11.19 -4.85
CA PRO C 229 33.17 11.81 -6.16
C PRO C 229 31.78 11.51 -6.74
N GLY C 230 31.16 10.41 -6.30
CA GLY C 230 29.81 10.02 -6.69
C GLY C 230 28.77 10.89 -6.04
N SER C 231 28.99 11.21 -4.74
CA SER C 231 28.15 12.09 -3.90
C SER C 231 28.18 13.53 -4.43
N ALA C 232 29.36 13.98 -4.92
CA ALA C 232 29.59 15.32 -5.45
C ALA C 232 29.05 15.50 -6.88
N GLN C 233 29.01 14.40 -7.68
CA GLN C 233 28.49 14.41 -9.04
C GLN C 233 26.95 14.47 -9.04
N SER C 234 26.32 14.02 -7.93
CA SER C 234 24.86 14.00 -7.73
C SER C 234 24.36 15.33 -7.14
N CYS C 235 25.10 15.91 -6.17
CA CYS C 235 24.78 17.17 -5.49
C CYS C 235 26.01 18.08 -5.41
N GLU C 236 25.86 19.37 -5.82
CA GLU C 236 26.93 20.38 -5.78
C GLU C 236 27.48 20.59 -4.34
N ALA C 237 26.57 20.70 -3.35
CA ALA C 237 26.91 20.88 -1.95
C ALA C 237 26.44 19.64 -1.15
N PHE C 238 27.06 18.46 -1.43
CA PHE C 238 26.72 17.19 -0.79
C PHE C 238 26.97 17.19 0.71
N LEU C 239 27.96 18.00 1.21
CA LEU C 239 28.26 18.13 2.64
C LEU C 239 27.05 18.68 3.42
N ARG C 240 26.12 19.39 2.72
CA ARG C 240 24.87 19.94 3.25
C ARG C 240 23.90 18.85 3.72
N HIS C 241 24.06 17.59 3.21
CA HIS C 241 23.25 16.43 3.61
C HIS C 241 23.59 16.05 5.06
N LYS C 242 24.78 16.50 5.55
CA LYS C 242 25.32 16.29 6.89
C LYS C 242 25.46 14.79 7.18
N MET C 243 26.17 14.09 6.27
CA MET C 243 26.39 12.65 6.32
C MET C 243 27.87 12.26 6.36
N THR C 244 28.77 13.18 6.04
CA THR C 244 30.19 12.91 5.91
C THR C 244 30.97 13.19 7.19
N LEU C 245 31.67 12.15 7.68
CA LEU C 245 32.51 12.22 8.86
C LEU C 245 33.96 12.01 8.42
N ILE C 246 34.86 12.92 8.86
CA ILE C 246 36.28 12.90 8.51
C ILE C 246 37.06 13.04 9.78
N SER C 247 37.91 12.04 10.10
CA SER C 247 38.70 12.02 11.33
C SER C 247 39.78 13.10 11.38
N PRO C 248 40.15 13.65 12.60
CA PRO C 248 41.22 14.65 12.68
C PRO C 248 42.53 14.19 12.05
N LEU C 249 42.84 12.88 12.14
CA LEU C 249 44.03 12.26 11.54
C LEU C 249 44.02 12.39 10.00
N MET C 250 42.85 12.22 9.37
CA MET C 250 42.66 12.38 7.93
C MET C 250 42.89 13.83 7.56
N LEU C 251 42.27 14.77 8.31
CA LEU C 251 42.44 16.23 8.09
C LEU C 251 43.90 16.63 8.19
N LYS C 252 44.62 16.06 9.17
CA LYS C 252 46.03 16.33 9.40
C LYS C 252 46.87 15.78 8.26
N LYS C 253 46.57 14.55 7.79
CA LYS C 253 47.28 13.89 6.69
C LYS C 253 47.26 14.74 5.40
N TYR C 254 46.09 15.36 5.13
CA TYR C 254 45.81 16.14 3.94
C TYR C 254 45.99 17.64 4.11
N GLY C 255 46.61 18.02 5.23
CA GLY C 255 46.96 19.40 5.54
C GLY C 255 45.82 20.37 5.69
N ILE C 256 44.66 19.88 6.12
CA ILE C 256 43.52 20.76 6.35
C ILE C 256 43.68 21.40 7.74
N PRO C 257 43.74 22.76 7.84
CA PRO C 257 43.88 23.38 9.17
C PRO C 257 42.55 23.29 9.94
N PHE C 258 42.64 22.86 11.20
CA PHE C 258 41.48 22.67 12.07
C PHE C 258 41.88 22.84 13.51
N ASP C 259 40.87 22.95 14.38
CA ASP C 259 41.05 23.04 15.83
C ASP C 259 39.96 22.23 16.52
N LYS C 260 40.18 21.88 17.79
CA LYS C 260 39.19 21.13 18.57
C LYS C 260 38.93 21.78 19.93
N VAL C 261 37.68 21.65 20.42
CA VAL C 261 37.20 22.19 21.70
C VAL C 261 36.10 21.28 22.28
N THR C 262 36.08 21.15 23.61
CA THR C 262 35.07 20.39 24.34
C THR C 262 34.15 21.38 25.06
N GLN C 263 32.85 21.33 24.74
CA GLN C 263 31.81 22.16 25.35
C GLN C 263 31.27 21.41 26.56
N GLU C 264 31.28 22.06 27.73
CA GLU C 264 30.79 21.49 28.99
C GLU C 264 29.41 22.04 29.33
N ALA C 265 28.67 21.35 30.22
CA ALA C 265 27.31 21.76 30.61
C ALA C 265 27.31 23.18 31.12
N GLY C 266 26.34 23.96 30.63
CA GLY C 266 26.17 25.37 30.93
C GLY C 266 27.02 26.33 30.11
N GLU C 267 27.58 25.87 28.97
CA GLU C 267 28.41 26.72 28.09
C GLU C 267 27.76 26.83 26.73
N PHE C 268 28.02 27.95 26.03
CA PHE C 268 27.54 28.24 24.68
C PHE C 268 28.66 28.06 23.65
N MET C 269 28.29 27.62 22.46
CA MET C 269 29.19 27.57 21.30
C MET C 269 28.54 28.37 20.20
N ILE C 270 29.33 29.22 19.56
CA ILE C 270 28.91 30.07 18.44
C ILE C 270 29.65 29.61 17.20
N THR C 271 28.91 29.34 16.11
CA THR C 271 29.44 28.97 14.82
C THR C 271 29.22 30.20 13.95
N PHE C 272 30.21 30.51 13.10
CA PHE C 272 30.25 31.67 12.26
C PHE C 272 29.96 31.34 10.79
N PRO C 273 29.49 32.33 9.94
CA PRO C 273 29.20 32.01 8.54
C PRO C 273 30.34 31.31 7.82
N TYR C 274 30.02 30.19 7.17
CA TYR C 274 30.94 29.36 6.39
C TYR C 274 32.03 28.67 7.27
N GLY C 275 31.75 28.52 8.58
CA GLY C 275 32.61 27.79 9.50
C GLY C 275 32.17 26.34 9.55
N TYR C 276 32.95 25.42 8.93
CA TYR C 276 32.66 23.98 8.92
C TYR C 276 32.93 23.40 10.29
N HIS C 277 32.00 22.61 10.81
CA HIS C 277 32.14 21.98 12.12
C HIS C 277 31.55 20.59 12.07
N ALA C 278 32.01 19.74 12.99
CA ALA C 278 31.56 18.36 13.21
C ALA C 278 31.88 18.05 14.66
N GLY C 279 31.35 16.96 15.19
CA GLY C 279 31.63 16.56 16.56
C GLY C 279 30.83 15.39 17.03
N PHE C 280 30.91 15.11 18.36
CA PHE C 280 30.23 13.97 19.02
C PHE C 280 29.93 14.28 20.47
N ASN C 281 28.97 13.55 21.04
CA ASN C 281 28.55 13.61 22.42
C ASN C 281 29.29 12.57 23.23
N HIS C 282 29.69 12.93 24.47
CA HIS C 282 30.44 12.04 25.38
C HIS C 282 29.52 11.12 26.08
N GLY C 283 28.28 11.54 26.24
CA GLY C 283 27.31 10.75 26.99
C GLY C 283 26.03 11.51 27.07
N PHE C 284 25.11 11.07 27.96
CA PHE C 284 23.77 11.62 28.08
C PHE C 284 23.77 13.11 28.34
N ASN C 285 23.27 13.88 27.39
CA ASN C 285 23.24 15.32 27.50
C ASN C 285 22.08 15.89 26.77
N CYS C 286 21.89 17.20 26.90
CA CYS C 286 20.88 17.91 26.16
C CYS C 286 21.39 19.28 25.77
N ALA C 287 21.34 19.60 24.45
CA ALA C 287 21.75 20.88 23.83
C ALA C 287 20.57 21.58 23.13
N GLU C 288 20.54 22.92 23.17
CA GLU C 288 19.53 23.73 22.48
C GLU C 288 20.25 24.56 21.41
N SER C 289 19.67 24.59 20.20
CA SER C 289 20.28 25.28 19.06
C SER C 289 19.29 26.05 18.21
N THR C 290 19.80 27.05 17.46
CA THR C 290 19.11 27.89 16.46
C THR C 290 20.14 28.67 15.61
N ASN C 291 19.68 29.26 14.50
CA ASN C 291 20.48 30.08 13.60
C ASN C 291 20.22 31.56 13.89
N PHE C 292 21.19 32.43 13.54
CA PHE C 292 21.06 33.87 13.69
C PHE C 292 21.93 34.57 12.67
N ALA C 293 21.74 35.88 12.50
CA ALA C 293 22.49 36.64 11.52
C ALA C 293 22.99 37.96 12.08
N THR C 294 23.97 38.55 11.37
CA THR C 294 24.52 39.89 11.60
C THR C 294 24.57 40.50 10.21
N ARG C 295 24.92 41.80 10.07
CA ARG C 295 25.04 42.44 8.77
C ARG C 295 26.10 41.76 7.86
N ARG C 296 27.18 41.20 8.45
CA ARG C 296 28.27 40.51 7.75
C ARG C 296 27.75 39.27 7.00
N TRP C 297 26.74 38.59 7.58
CA TRP C 297 26.13 37.40 7.01
C TRP C 297 25.53 37.60 5.62
N ILE C 298 24.85 38.73 5.35
CA ILE C 298 24.15 39.01 4.09
C ILE C 298 24.98 38.57 2.85
N GLU C 299 26.28 38.91 2.79
CA GLU C 299 27.13 38.52 1.66
C GLU C 299 27.33 36.99 1.54
N TYR C 300 27.40 36.30 2.69
CA TYR C 300 27.50 34.85 2.78
C TYR C 300 26.17 34.20 2.30
N GLY C 301 25.04 34.81 2.65
CA GLY C 301 23.72 34.34 2.26
C GLY C 301 23.52 34.41 0.75
N LYS C 302 23.97 35.53 0.16
CA LYS C 302 23.93 35.83 -1.28
C LYS C 302 24.76 34.83 -2.08
N GLN C 303 26.01 34.56 -1.61
CA GLN C 303 26.99 33.68 -2.23
C GLN C 303 26.93 32.19 -1.83
N ALA C 304 26.05 31.81 -0.88
CA ALA C 304 25.92 30.41 -0.40
C ALA C 304 25.55 29.41 -1.48
N VAL C 305 26.38 28.33 -1.61
CA VAL C 305 26.16 27.22 -2.55
C VAL C 305 25.27 26.19 -1.84
N LEU C 306 24.04 26.04 -2.32
CA LEU C 306 23.00 25.19 -1.74
C LEU C 306 22.91 23.77 -2.33
N CYS C 307 22.21 22.90 -1.59
CA CYS C 307 21.95 21.52 -1.96
C CYS C 307 20.93 21.49 -3.12
N SER C 308 21.29 20.79 -4.22
CA SER C 308 20.46 20.61 -5.41
C SER C 308 19.14 19.85 -5.10
N CYS C 309 19.18 18.92 -4.12
CA CYS C 309 18.00 18.14 -3.68
N VAL C 314 17.14 23.95 2.98
CA VAL C 314 16.59 25.17 3.54
C VAL C 314 17.06 26.37 2.73
N LYS C 315 16.11 27.06 2.07
CA LYS C 315 16.38 28.22 1.23
C LYS C 315 15.67 29.49 1.73
N ILE C 316 16.43 30.59 1.83
CA ILE C 316 15.95 31.88 2.28
C ILE C 316 16.07 32.85 1.11
N SER C 317 15.00 33.65 0.85
CA SER C 317 15.00 34.68 -0.18
C SER C 317 15.86 35.82 0.36
N MET C 318 16.92 36.16 -0.39
CA MET C 318 17.89 37.18 0.00
C MET C 318 17.43 38.62 -0.27
N ASP C 319 16.54 38.82 -1.28
CA ASP C 319 16.06 40.14 -1.72
C ASP C 319 15.71 41.14 -0.59
N VAL C 320 15.04 40.66 0.49
CA VAL C 320 14.64 41.46 1.67
C VAL C 320 15.88 42.04 2.38
N PHE C 321 16.96 41.23 2.47
CA PHE C 321 18.22 41.64 3.10
C PHE C 321 18.98 42.64 2.23
N VAL C 322 19.02 42.37 0.91
CA VAL C 322 19.66 43.22 -0.08
C VAL C 322 18.93 44.58 -0.14
N ARG C 323 17.59 44.57 -0.06
CA ARG C 323 16.76 45.78 -0.10
C ARG C 323 17.03 46.80 1.02
N LYS C 324 17.20 46.34 2.27
CA LYS C 324 17.41 47.21 3.45
C LYS C 324 18.87 47.53 3.78
N PHE C 325 19.84 46.60 3.54
CA PHE C 325 21.24 46.81 3.91
C PHE C 325 22.21 47.10 2.76
N GLN C 326 21.88 46.65 1.53
CA GLN C 326 22.70 46.93 0.34
C GLN C 326 21.79 47.54 -0.77
N PRO C 327 21.27 48.79 -0.63
CA PRO C 327 20.35 49.31 -1.65
C PRO C 327 21.03 49.64 -2.98
N GLU C 328 22.24 50.23 -2.90
CA GLU C 328 23.11 50.57 -4.03
C GLU C 328 23.49 49.33 -4.85
N ARG C 329 23.56 48.17 -4.18
CA ARG C 329 23.94 46.90 -4.80
C ARG C 329 22.73 46.10 -5.27
N TYR C 330 21.50 46.45 -4.82
CA TYR C 330 20.25 45.73 -5.15
C TYR C 330 20.00 45.53 -6.64
N LYS C 331 20.15 46.59 -7.46
CA LYS C 331 19.97 46.53 -8.91
C LYS C 331 21.02 45.61 -9.55
N LEU C 332 22.33 45.86 -9.26
CA LEU C 332 23.47 45.07 -9.76
C LEU C 332 23.43 43.60 -9.32
N TRP C 333 22.91 43.30 -8.13
CA TRP C 333 22.75 41.93 -7.61
C TRP C 333 21.56 41.21 -8.23
N LYS C 334 20.42 41.91 -8.42
CA LYS C 334 19.21 41.33 -9.03
C LYS C 334 19.44 40.98 -10.51
N ALA C 335 20.43 41.65 -11.15
CA ALA C 335 20.83 41.42 -12.53
C ALA C 335 21.84 40.25 -12.64
N GLY C 336 22.70 40.10 -11.62
CA GLY C 336 23.74 39.09 -11.57
C GLY C 336 25.13 39.66 -11.74
N LYS C 337 25.23 41.01 -11.74
CA LYS C 337 26.47 41.79 -11.89
C LYS C 337 27.21 42.03 -10.56
N ASP C 338 26.71 41.45 -9.45
CA ASP C 338 27.35 41.57 -8.14
C ASP C 338 28.31 40.39 -7.98
N ASN C 339 29.62 40.69 -7.99
CA ASN C 339 30.68 39.69 -7.87
C ASN C 339 31.61 39.94 -6.66
N THR C 340 31.06 40.53 -5.57
CA THR C 340 31.78 40.88 -4.33
C THR C 340 32.53 39.67 -3.79
N VAL C 341 33.83 39.87 -3.49
CA VAL C 341 34.65 38.81 -2.93
C VAL C 341 34.61 38.95 -1.39
N ILE C 342 34.24 37.84 -0.69
CA ILE C 342 34.15 37.82 0.77
C ILE C 342 35.53 37.68 1.40
N ASP C 343 35.83 38.57 2.38
CA ASP C 343 37.04 38.49 3.21
C ASP C 343 36.59 37.83 4.52
N HIS C 344 37.00 36.59 4.75
CA HIS C 344 36.62 35.81 5.93
C HIS C 344 37.26 36.32 7.25
N THR C 345 38.34 37.13 7.15
CA THR C 345 39.06 37.69 8.30
C THR C 345 38.41 38.98 8.83
N LEU C 346 37.62 39.65 7.96
CA LEU C 346 36.93 40.90 8.23
C LEU C 346 35.79 40.71 9.21
N PRO C 347 35.73 41.52 10.29
CA PRO C 347 34.62 41.37 11.25
C PRO C 347 33.35 42.10 10.81
N THR C 348 32.25 41.84 11.55
CA THR C 348 30.92 42.41 11.26
C THR C 348 30.90 43.93 11.41
N PRO C 349 30.21 44.67 10.51
CA PRO C 349 30.19 46.15 10.63
C PRO C 349 29.77 46.68 12.01
N GLU C 350 28.86 45.97 12.72
CA GLU C 350 28.36 46.32 14.05
C GLU C 350 29.47 46.43 15.12
N ALA C 351 30.60 45.71 14.89
CA ALA C 351 31.78 45.66 15.75
C ALA C 351 32.63 46.93 15.74
N ALA C 352 32.24 47.94 14.94
CA ALA C 352 32.88 49.25 14.76
C ALA C 352 33.23 49.96 16.07
N GLU C 353 32.33 49.87 17.08
CA GLU C 353 32.50 50.49 18.41
C GLU C 353 33.64 49.88 19.25
N PHE C 354 34.19 48.74 18.81
CA PHE C 354 35.28 48.02 19.49
C PHE C 354 36.60 48.02 18.69
N LEU C 355 36.61 48.77 17.56
CA LEU C 355 37.75 48.86 16.64
C LEU C 355 37.96 50.30 16.21
N MET D 2 -43.52 -1.52 -15.25
CA MET D 2 -43.05 -1.53 -13.86
C MET D 2 -41.86 -2.49 -13.63
N ALA D 3 -41.83 -3.58 -14.41
CA ALA D 3 -40.80 -4.61 -14.39
C ALA D 3 -39.50 -4.10 -15.03
N SER D 4 -38.36 -4.73 -14.69
CA SER D 4 -37.04 -4.40 -15.26
C SER D 4 -36.87 -5.03 -16.68
N GLU D 5 -35.74 -4.74 -17.37
CA GLU D 5 -35.39 -5.25 -18.70
C GLU D 5 -35.42 -6.79 -18.70
N SER D 6 -35.00 -7.38 -17.57
CA SER D 6 -34.95 -8.81 -17.31
C SER D 6 -36.37 -9.38 -17.10
N GLU D 7 -37.15 -8.81 -16.13
CA GLU D 7 -38.52 -9.23 -15.73
C GLU D 7 -39.56 -9.25 -16.88
N THR D 8 -39.16 -8.77 -18.07
CA THR D 8 -39.96 -8.72 -19.30
C THR D 8 -39.59 -9.89 -20.27
N LEU D 9 -38.35 -10.45 -20.19
CA LEU D 9 -37.90 -11.58 -21.03
C LEU D 9 -38.35 -12.87 -20.33
N ASN D 10 -39.15 -13.72 -21.03
CA ASN D 10 -39.76 -14.97 -20.51
C ASN D 10 -40.55 -14.64 -19.19
N PRO D 11 -41.54 -13.74 -19.25
CA PRO D 11 -42.24 -13.35 -18.00
C PRO D 11 -42.95 -14.48 -17.28
N SER D 12 -43.35 -15.54 -18.03
CA SER D 12 -44.03 -16.69 -17.45
C SER D 12 -43.06 -17.73 -16.90
N ALA D 13 -41.72 -17.56 -17.12
CA ALA D 13 -40.67 -18.47 -16.64
C ALA D 13 -40.95 -19.95 -17.03
N ARG D 14 -41.34 -20.16 -18.32
CA ARG D 14 -41.62 -21.45 -18.95
C ARG D 14 -40.32 -22.02 -19.56
N ILE D 15 -40.20 -23.34 -19.58
CA ILE D 15 -39.05 -24.01 -20.13
C ILE D 15 -38.99 -23.79 -21.63
N MET D 16 -37.83 -23.37 -22.11
CA MET D 16 -37.62 -23.07 -23.50
C MET D 16 -36.79 -24.13 -24.19
N THR D 17 -37.02 -24.30 -25.48
CA THR D 17 -36.30 -25.24 -26.30
C THR D 17 -35.54 -24.52 -27.39
N PHE D 18 -34.27 -24.88 -27.56
CA PHE D 18 -33.38 -24.25 -28.55
C PHE D 18 -32.89 -25.27 -29.56
N TYR D 19 -32.74 -24.82 -30.82
CA TYR D 19 -32.28 -25.65 -31.93
C TYR D 19 -31.04 -24.99 -32.59
N PRO D 20 -29.84 -25.02 -31.93
CA PRO D 20 -28.66 -24.37 -32.52
C PRO D 20 -28.19 -25.03 -33.81
N THR D 21 -27.58 -24.21 -34.68
CA THR D 21 -26.96 -24.68 -35.92
C THR D 21 -25.59 -25.24 -35.50
N MET D 22 -24.85 -25.86 -36.43
CA MET D 22 -23.52 -26.39 -36.10
C MET D 22 -22.55 -25.28 -35.61
N GLU D 23 -22.61 -24.09 -36.26
CA GLU D 23 -21.79 -22.92 -35.92
C GLU D 23 -22.11 -22.38 -34.52
N GLU D 24 -23.42 -22.23 -34.19
CA GLU D 24 -23.88 -21.75 -32.88
C GLU D 24 -23.47 -22.70 -31.76
N PHE D 25 -23.65 -24.02 -32.01
CA PHE D 25 -23.39 -25.14 -31.10
C PHE D 25 -21.93 -25.35 -30.74
N ARG D 26 -20.99 -24.94 -31.62
CA ARG D 26 -19.55 -25.13 -31.38
C ARG D 26 -19.02 -24.48 -30.10
N ASN D 27 -19.52 -23.30 -29.71
CA ASN D 27 -19.06 -22.64 -28.49
C ASN D 27 -20.12 -22.82 -27.39
N PHE D 28 -19.81 -23.69 -26.43
CA PHE D 28 -20.69 -24.05 -25.33
C PHE D 28 -21.10 -22.84 -24.46
N SER D 29 -20.11 -22.18 -23.80
CA SER D 29 -20.33 -21.02 -22.93
C SER D 29 -20.99 -19.85 -23.63
N ARG D 30 -20.66 -19.62 -24.92
CA ARG D 30 -21.27 -18.56 -25.73
C ARG D 30 -22.77 -18.89 -25.89
N TYR D 31 -23.11 -20.17 -26.19
CA TYR D 31 -24.50 -20.57 -26.37
C TYR D 31 -25.30 -20.55 -25.07
N ILE D 32 -24.64 -20.79 -23.92
CA ILE D 32 -25.29 -20.72 -22.62
C ILE D 32 -25.66 -19.24 -22.36
N ALA D 33 -24.71 -18.32 -22.67
CA ALA D 33 -24.91 -16.87 -22.57
C ALA D 33 -26.07 -16.45 -23.48
N TYR D 34 -26.10 -16.98 -24.74
CA TYR D 34 -27.15 -16.65 -25.70
C TYR D 34 -28.52 -17.03 -25.19
N ILE D 35 -28.67 -18.25 -24.63
CA ILE D 35 -29.99 -18.67 -24.18
C ILE D 35 -30.37 -17.83 -22.95
N GLU D 36 -29.37 -17.42 -22.15
CA GLU D 36 -29.63 -16.56 -20.99
C GLU D 36 -30.10 -15.16 -21.42
N SER D 37 -29.72 -14.71 -22.62
CA SER D 37 -30.17 -13.43 -23.18
C SER D 37 -31.66 -13.56 -23.55
N GLN D 38 -32.14 -14.81 -23.74
CA GLN D 38 -33.51 -15.13 -24.15
C GLN D 38 -34.48 -15.32 -22.98
N GLY D 39 -33.95 -15.41 -21.74
CA GLY D 39 -34.73 -15.62 -20.52
C GLY D 39 -34.89 -17.09 -20.16
N ALA D 40 -34.09 -17.98 -20.79
CA ALA D 40 -34.08 -19.43 -20.58
C ALA D 40 -33.90 -19.80 -19.11
N HIS D 41 -33.00 -19.08 -18.41
CA HIS D 41 -32.58 -19.29 -17.01
C HIS D 41 -33.70 -19.05 -15.99
N ARG D 42 -34.72 -18.23 -16.35
CA ARG D 42 -35.86 -17.90 -15.49
C ARG D 42 -36.67 -19.12 -15.09
N ALA D 43 -36.79 -20.11 -15.96
CA ALA D 43 -37.50 -21.35 -15.72
C ALA D 43 -36.69 -22.30 -14.86
N GLY D 44 -35.36 -22.08 -14.82
CA GLY D 44 -34.38 -22.89 -14.09
C GLY D 44 -33.96 -24.15 -14.81
N LEU D 45 -34.58 -24.42 -15.97
CA LEU D 45 -34.35 -25.58 -16.82
C LEU D 45 -34.63 -25.22 -18.29
N ALA D 46 -33.75 -25.70 -19.25
CA ALA D 46 -33.87 -25.49 -20.69
C ALA D 46 -33.52 -26.76 -21.43
N LYS D 47 -34.06 -26.91 -22.65
CA LYS D 47 -33.77 -28.02 -23.55
C LYS D 47 -33.02 -27.49 -24.74
N VAL D 48 -31.94 -28.18 -25.11
CA VAL D 48 -31.13 -27.83 -26.27
C VAL D 48 -31.06 -29.07 -27.17
N VAL D 49 -31.67 -28.97 -28.33
CA VAL D 49 -31.68 -30.03 -29.33
C VAL D 49 -30.47 -29.78 -30.24
N PRO D 50 -29.44 -30.66 -30.23
CA PRO D 50 -28.24 -30.41 -31.04
C PRO D 50 -28.46 -30.60 -32.54
N PRO D 51 -27.56 -30.11 -33.42
CA PRO D 51 -27.77 -30.34 -34.87
C PRO D 51 -27.80 -31.84 -35.20
N LYS D 52 -28.68 -32.26 -36.15
CA LYS D 52 -28.86 -33.65 -36.57
C LYS D 52 -27.54 -34.35 -36.99
N GLU D 53 -26.58 -33.59 -37.53
CA GLU D 53 -25.27 -34.07 -37.99
C GLU D 53 -24.28 -34.29 -36.82
N TRP D 54 -24.66 -33.90 -35.61
CA TRP D 54 -23.83 -34.06 -34.41
C TRP D 54 -24.17 -35.34 -33.64
N LYS D 55 -23.11 -36.11 -33.28
CA LYS D 55 -23.16 -37.35 -32.52
C LYS D 55 -21.94 -37.44 -31.57
N PRO D 56 -22.12 -37.70 -30.26
CA PRO D 56 -20.94 -37.78 -29.36
C PRO D 56 -20.19 -39.13 -29.40
N ARG D 57 -20.83 -40.17 -29.97
CA ARG D 57 -20.32 -41.54 -30.05
C ARG D 57 -20.90 -42.21 -31.32
N ALA D 58 -20.07 -42.99 -32.01
CA ALA D 58 -20.50 -43.69 -33.21
C ALA D 58 -21.56 -44.75 -32.98
N SER D 59 -21.42 -45.52 -31.89
CA SER D 59 -22.38 -46.56 -31.54
C SER D 59 -22.34 -46.89 -30.07
N TYR D 60 -23.39 -47.53 -29.58
CA TYR D 60 -23.46 -47.91 -28.18
C TYR D 60 -23.44 -49.41 -27.91
N ASP D 61 -22.93 -50.20 -28.84
CA ASP D 61 -22.90 -51.65 -28.63
C ASP D 61 -21.71 -52.21 -27.85
N ASP D 62 -20.78 -51.36 -27.47
CA ASP D 62 -19.66 -51.86 -26.69
C ASP D 62 -19.84 -51.61 -25.21
N ILE D 63 -21.03 -51.21 -24.79
CA ILE D 63 -21.22 -50.92 -23.36
C ILE D 63 -21.92 -51.95 -22.47
N ASP D 64 -22.30 -53.09 -23.01
CA ASP D 64 -22.93 -54.14 -22.20
C ASP D 64 -22.05 -54.65 -21.04
N ASP D 65 -20.71 -54.62 -21.23
CA ASP D 65 -19.71 -55.06 -20.26
C ASP D 65 -19.19 -53.94 -19.36
N LEU D 66 -19.90 -52.79 -19.36
CA LEU D 66 -19.54 -51.66 -18.53
C LEU D 66 -20.09 -51.93 -17.13
N VAL D 67 -19.26 -51.70 -16.11
CA VAL D 67 -19.58 -51.92 -14.71
C VAL D 67 -20.23 -50.68 -14.07
N ILE D 68 -21.37 -50.92 -13.39
CA ILE D 68 -22.09 -49.94 -12.58
C ILE D 68 -21.65 -50.35 -11.12
N PRO D 69 -20.66 -49.66 -10.51
CA PRO D 69 -20.15 -50.11 -9.20
C PRO D 69 -21.13 -50.09 -8.03
N ALA D 70 -22.03 -49.11 -8.02
CA ALA D 70 -22.97 -48.98 -6.91
C ALA D 70 -24.43 -48.75 -7.27
N PRO D 71 -25.11 -49.77 -7.75
CA PRO D 71 -26.52 -49.68 -8.10
C PRO D 71 -27.37 -49.41 -6.88
N ILE D 72 -28.36 -48.55 -7.03
CA ILE D 72 -29.20 -48.21 -5.90
C ILE D 72 -30.64 -48.62 -6.10
N GLN D 73 -31.20 -49.27 -5.11
CA GLN D 73 -32.58 -49.66 -5.15
C GLN D 73 -33.29 -48.50 -4.49
N GLN D 74 -34.30 -47.97 -5.15
CA GLN D 74 -35.00 -46.78 -4.65
C GLN D 74 -36.31 -47.09 -3.96
N LEU D 75 -36.28 -47.04 -2.63
CA LEU D 75 -37.45 -47.29 -1.80
C LEU D 75 -38.11 -46.00 -1.44
N VAL D 76 -39.38 -45.85 -1.77
CA VAL D 76 -40.15 -44.62 -1.57
C VAL D 76 -41.24 -44.89 -0.54
N THR D 77 -41.35 -43.95 0.42
CA THR D 77 -42.33 -44.00 1.47
C THR D 77 -43.12 -42.71 1.46
N GLY D 78 -44.43 -42.80 1.56
CA GLY D 78 -45.25 -41.60 1.59
C GLY D 78 -46.69 -41.80 1.18
N GLN D 79 -47.38 -40.65 1.11
CA GLN D 79 -48.79 -40.56 0.74
C GLN D 79 -49.12 -39.11 0.43
N SER D 80 -50.30 -38.89 -0.16
CA SER D 80 -50.86 -37.59 -0.50
C SER D 80 -49.87 -36.63 -1.22
N GLY D 81 -49.12 -37.14 -2.20
CA GLY D 81 -48.16 -36.37 -2.98
C GLY D 81 -46.84 -36.03 -2.30
N LEU D 82 -46.64 -36.50 -1.04
CA LEU D 82 -45.43 -36.28 -0.23
C LEU D 82 -44.73 -37.58 0.08
N PHE D 83 -43.49 -37.71 -0.40
CA PHE D 83 -42.70 -38.93 -0.30
C PHE D 83 -41.25 -38.68 0.11
N THR D 84 -40.63 -39.74 0.68
CA THR D 84 -39.22 -39.82 1.06
C THR D 84 -38.65 -41.02 0.36
N GLN D 85 -37.54 -40.81 -0.33
CA GLN D 85 -36.84 -41.83 -1.03
C GLN D 85 -35.60 -42.27 -0.23
N TYR D 86 -35.47 -43.57 -0.01
CA TYR D 86 -34.35 -44.18 0.65
C TYR D 86 -33.61 -44.98 -0.39
N ASN D 87 -32.30 -44.80 -0.45
CA ASN D 87 -31.47 -45.52 -1.40
C ASN D 87 -30.81 -46.70 -0.72
N ILE D 88 -30.90 -47.89 -1.32
CA ILE D 88 -30.23 -49.05 -0.76
C ILE D 88 -29.19 -49.52 -1.77
N GLN D 89 -27.90 -49.34 -1.45
CA GLN D 89 -26.81 -49.74 -2.32
C GLN D 89 -26.81 -51.24 -2.49
N LYS D 90 -26.74 -51.67 -3.75
CA LYS D 90 -26.74 -53.05 -4.16
C LYS D 90 -25.35 -53.37 -4.72
N LYS D 91 -25.04 -54.67 -4.93
CA LYS D 91 -23.73 -55.03 -5.46
C LYS D 91 -23.59 -54.61 -6.93
N ALA D 92 -22.33 -54.37 -7.36
CA ALA D 92 -21.93 -54.01 -8.72
C ALA D 92 -22.55 -54.93 -9.77
N MET D 93 -22.94 -54.34 -10.90
CA MET D 93 -23.52 -55.10 -12.01
C MET D 93 -23.16 -54.49 -13.35
N THR D 94 -23.28 -55.27 -14.43
CA THR D 94 -22.98 -54.80 -15.78
C THR D 94 -24.22 -54.13 -16.38
N VAL D 95 -24.03 -53.36 -17.47
CA VAL D 95 -25.13 -52.69 -18.19
C VAL D 95 -26.10 -53.79 -18.75
N ARG D 96 -25.54 -54.97 -19.10
CA ARG D 96 -26.28 -56.14 -19.58
C ARG D 96 -27.19 -56.73 -18.50
N GLU D 97 -26.67 -56.86 -17.25
CA GLU D 97 -27.39 -57.36 -16.07
C GLU D 97 -28.48 -56.35 -15.68
N PHE D 98 -28.17 -55.06 -15.82
CA PHE D 98 -29.08 -53.92 -15.57
C PHE D 98 -30.25 -53.90 -16.58
N ARG D 99 -29.94 -54.04 -17.86
CA ARG D 99 -30.88 -54.05 -18.97
C ARG D 99 -31.87 -55.22 -18.91
N LYS D 100 -31.41 -56.35 -18.44
CA LYS D 100 -32.22 -57.56 -18.27
C LYS D 100 -33.31 -57.29 -17.23
N ILE D 101 -32.93 -56.70 -16.10
CA ILE D 101 -33.83 -56.37 -15.02
C ILE D 101 -34.74 -55.22 -15.46
N ALA D 102 -34.18 -54.18 -16.08
CA ALA D 102 -34.94 -53.02 -16.56
C ALA D 102 -36.05 -53.43 -17.55
N ASN D 103 -35.76 -54.37 -18.46
CA ASN D 103 -36.76 -54.80 -19.44
C ASN D 103 -37.59 -56.01 -19.00
N SER D 104 -37.29 -56.60 -17.81
CA SER D 104 -38.01 -57.75 -17.23
C SER D 104 -39.45 -57.36 -16.88
N ASP D 105 -40.37 -58.35 -16.86
CA ASP D 105 -41.80 -58.16 -16.53
C ASP D 105 -42.02 -57.40 -15.22
N LYS D 106 -41.20 -57.68 -14.21
CA LYS D 106 -41.26 -57.05 -12.89
C LYS D 106 -41.01 -55.54 -12.94
N TYR D 107 -40.09 -55.11 -13.83
CA TYR D 107 -39.64 -53.71 -13.90
C TYR D 107 -39.95 -52.93 -15.16
N CYS D 108 -40.46 -53.59 -16.22
CA CYS D 108 -40.75 -52.95 -17.51
C CYS D 108 -41.76 -51.79 -17.41
N THR D 109 -41.66 -50.83 -18.36
CA THR D 109 -42.52 -49.67 -18.48
C THR D 109 -43.95 -50.16 -18.78
N PRO D 110 -45.01 -49.61 -18.12
CA PRO D 110 -46.37 -50.04 -18.48
C PRO D 110 -46.80 -49.50 -19.86
N ARG D 111 -47.81 -50.13 -20.50
CA ARG D 111 -48.31 -49.68 -21.80
C ARG D 111 -49.07 -48.38 -21.58
N TYR D 112 -48.86 -47.37 -22.46
CA TYR D 112 -49.46 -46.04 -22.33
C TYR D 112 -49.66 -45.32 -23.67
N SER D 113 -50.66 -44.41 -23.71
CA SER D 113 -51.03 -43.62 -24.88
C SER D 113 -50.21 -42.31 -24.87
N GLU D 114 -50.59 -41.34 -24.01
CA GLU D 114 -49.94 -40.03 -23.86
C GLU D 114 -49.06 -40.00 -22.61
N PHE D 115 -48.15 -39.01 -22.50
CA PHE D 115 -47.27 -38.83 -21.33
C PHE D 115 -48.08 -38.66 -20.05
N GLU D 116 -49.18 -37.89 -20.12
CA GLU D 116 -50.07 -37.61 -19.00
C GLU D 116 -50.49 -38.90 -18.33
N GLU D 117 -50.74 -39.97 -19.15
CA GLU D 117 -51.11 -41.32 -18.68
C GLU D 117 -49.92 -41.97 -17.92
N LEU D 118 -48.70 -41.94 -18.52
CA LEU D 118 -47.50 -42.46 -17.85
C LEU D 118 -47.15 -41.67 -16.55
N GLU D 119 -47.30 -40.34 -16.54
CA GLU D 119 -47.08 -39.48 -15.40
C GLU D 119 -48.02 -39.89 -14.26
N ARG D 120 -49.31 -40.09 -14.55
CA ARG D 120 -50.32 -40.53 -13.57
C ARG D 120 -49.93 -41.85 -12.93
N LYS D 121 -49.45 -42.83 -13.75
CA LYS D 121 -48.98 -44.16 -13.34
C LYS D 121 -47.76 -44.06 -12.46
N TYR D 122 -46.89 -43.08 -12.73
CA TYR D 122 -45.71 -42.91 -11.93
C TYR D 122 -46.07 -42.44 -10.53
N TRP D 123 -46.90 -41.37 -10.42
CA TRP D 123 -47.29 -40.82 -9.12
C TRP D 123 -48.20 -41.75 -8.35
N LYS D 124 -48.89 -42.67 -9.04
CA LYS D 124 -49.77 -43.64 -8.39
C LYS D 124 -48.97 -44.87 -7.88
N ASN D 125 -47.88 -45.25 -8.56
CA ASN D 125 -47.12 -46.44 -8.20
C ASN D 125 -45.66 -46.25 -7.73
N LEU D 126 -45.21 -45.03 -7.44
CA LEU D 126 -43.80 -44.85 -7.11
C LEU D 126 -43.36 -45.48 -5.80
N THR D 127 -44.29 -45.81 -4.89
CA THR D 127 -43.97 -46.52 -3.63
C THR D 127 -43.93 -48.02 -3.81
N PHE D 128 -44.46 -48.54 -4.95
CA PHE D 128 -44.51 -49.99 -5.17
C PHE D 128 -43.37 -50.47 -6.03
N ASN D 129 -43.02 -51.75 -5.91
CA ASN D 129 -41.97 -52.43 -6.69
C ASN D 129 -40.71 -51.54 -6.86
N PRO D 130 -39.98 -51.24 -5.77
CA PRO D 130 -38.79 -50.37 -5.89
C PRO D 130 -37.84 -50.68 -7.05
N PRO D 131 -37.57 -49.70 -7.92
CA PRO D 131 -36.65 -49.97 -9.05
C PRO D 131 -35.18 -49.85 -8.68
N ILE D 132 -34.27 -50.26 -9.58
CA ILE D 132 -32.82 -50.11 -9.45
C ILE D 132 -32.34 -48.98 -10.38
N TYR D 133 -31.58 -48.04 -9.83
CA TYR D 133 -31.03 -46.93 -10.59
C TYR D 133 -29.50 -47.12 -10.62
N GLY D 134 -28.95 -47.26 -11.84
CA GLY D 134 -27.51 -47.37 -12.07
C GLY D 134 -26.92 -45.97 -12.14
N ALA D 135 -27.04 -45.23 -11.02
CA ALA D 135 -26.65 -43.83 -10.88
C ALA D 135 -25.22 -43.56 -10.44
N ASP D 136 -24.72 -42.34 -10.74
CA ASP D 136 -23.41 -41.79 -10.35
C ASP D 136 -22.22 -42.68 -10.72
N VAL D 137 -22.23 -43.18 -11.96
CA VAL D 137 -21.16 -44.01 -12.48
C VAL D 137 -20.14 -43.04 -13.06
N ASN D 138 -18.90 -43.07 -12.54
N ASN D 138 -18.90 -43.03 -12.51
CA ASN D 138 -17.79 -42.22 -12.98
CA ASN D 138 -17.83 -42.16 -12.99
C ASN D 138 -17.41 -42.62 -14.40
C ASN D 138 -17.44 -42.60 -14.39
N GLY D 139 -17.62 -41.71 -15.35
CA GLY D 139 -17.31 -41.98 -16.73
C GLY D 139 -18.02 -41.16 -17.78
N THR D 140 -17.62 -41.39 -19.03
CA THR D 140 -18.18 -40.70 -20.18
C THR D 140 -18.47 -41.68 -21.32
N LEU D 141 -19.44 -41.32 -22.17
CA LEU D 141 -19.71 -42.09 -23.37
C LEU D 141 -19.28 -41.29 -24.62
N TYR D 142 -18.70 -40.09 -24.41
CA TYR D 142 -18.18 -39.23 -25.48
C TYR D 142 -16.87 -39.84 -25.99
N GLU D 143 -16.66 -39.78 -27.32
CA GLU D 143 -15.42 -40.22 -27.93
C GLU D 143 -14.42 -39.08 -27.71
N LYS D 144 -13.13 -39.43 -27.51
CA LYS D 144 -12.04 -38.51 -27.20
C LYS D 144 -12.01 -37.24 -28.06
N HIS D 145 -12.14 -37.36 -29.39
CA HIS D 145 -12.09 -36.30 -30.39
C HIS D 145 -13.29 -35.30 -30.44
N VAL D 146 -14.46 -35.67 -29.90
CA VAL D 146 -15.67 -34.83 -29.90
C VAL D 146 -15.41 -33.50 -29.13
N ASP D 147 -15.39 -32.37 -29.85
CA ASP D 147 -15.07 -31.06 -29.28
C ASP D 147 -16.27 -30.20 -28.91
N GLU D 148 -17.46 -30.55 -29.41
CA GLU D 148 -18.67 -29.78 -29.15
C GLU D 148 -19.47 -30.40 -27.97
N TRP D 149 -19.75 -29.56 -26.91
CA TRP D 149 -20.53 -29.88 -25.72
C TRP D 149 -20.05 -31.17 -25.02
N ASN D 150 -18.71 -31.34 -24.94
CA ASN D 150 -18.10 -32.49 -24.31
C ASN D 150 -18.21 -32.38 -22.79
N ILE D 151 -19.19 -33.07 -22.20
CA ILE D 151 -19.45 -33.09 -20.75
C ILE D 151 -18.15 -33.40 -19.94
N GLY D 152 -17.24 -34.17 -20.52
CA GLY D 152 -15.97 -34.52 -19.91
C GLY D 152 -14.94 -33.41 -19.81
N ARG D 153 -15.12 -32.33 -20.62
CA ARG D 153 -14.22 -31.17 -20.70
C ARG D 153 -14.93 -29.90 -21.28
N LEU D 154 -15.89 -29.31 -20.51
CA LEU D 154 -16.65 -28.15 -21.00
C LEU D 154 -15.86 -26.82 -20.99
N ARG D 155 -14.77 -26.79 -20.22
CA ARG D 155 -13.83 -25.66 -20.07
C ARG D 155 -14.53 -24.35 -19.61
N THR D 156 -15.39 -24.45 -18.58
CA THR D 156 -16.05 -23.30 -17.96
C THR D 156 -15.12 -22.73 -16.87
N ILE D 157 -15.53 -21.62 -16.21
CA ILE D 157 -14.75 -21.01 -15.14
C ILE D 157 -14.65 -21.98 -13.92
N LEU D 158 -15.51 -23.03 -13.88
CA LEU D 158 -15.52 -24.05 -12.83
C LEU D 158 -14.19 -24.78 -12.73
N ASP D 159 -13.46 -24.92 -13.86
CA ASP D 159 -12.12 -25.55 -13.95
C ASP D 159 -11.08 -24.91 -13.02
N LEU D 160 -11.33 -23.67 -12.54
CA LEU D 160 -10.47 -22.93 -11.62
C LEU D 160 -10.32 -23.63 -10.26
N VAL D 161 -11.27 -24.53 -9.91
CA VAL D 161 -11.27 -25.36 -8.68
C VAL D 161 -9.99 -26.22 -8.67
N GLU D 162 -9.64 -26.83 -9.82
CA GLU D 162 -8.41 -27.62 -10.02
C GLU D 162 -7.16 -26.73 -9.93
N GLY D 171 -15.13 -35.32 -7.68
CA GLY D 171 -15.60 -33.94 -7.57
C GLY D 171 -16.86 -33.65 -8.37
N VAL D 172 -16.99 -32.40 -8.88
CA VAL D 172 -18.14 -31.98 -9.67
C VAL D 172 -17.76 -31.51 -11.09
N ASN D 173 -16.45 -31.43 -11.38
CA ASN D 173 -15.97 -31.10 -12.70
C ASN D 173 -15.78 -32.40 -13.54
N THR D 174 -16.17 -33.56 -12.97
CA THR D 174 -16.06 -34.89 -13.62
C THR D 174 -17.41 -35.38 -14.16
N PRO D 175 -17.45 -36.19 -15.25
CA PRO D 175 -18.75 -36.68 -15.72
C PRO D 175 -19.27 -37.92 -14.98
N TYR D 176 -20.60 -37.99 -14.84
CA TYR D 176 -21.30 -39.10 -14.20
C TYR D 176 -22.36 -39.65 -15.15
N LEU D 177 -22.43 -41.02 -15.29
CA LEU D 177 -23.37 -41.79 -16.12
C LEU D 177 -24.51 -42.32 -15.27
N TYR D 178 -25.72 -42.31 -15.83
CA TYR D 178 -26.96 -42.74 -15.17
C TYR D 178 -27.72 -43.68 -16.09
N PHE D 179 -27.76 -44.95 -15.69
CA PHE D 179 -28.47 -46.02 -16.38
C PHE D 179 -29.80 -46.18 -15.62
N GLY D 180 -30.88 -45.76 -16.26
CA GLY D 180 -32.19 -45.76 -15.60
C GLY D 180 -33.12 -46.82 -16.07
N MET D 181 -34.20 -47.01 -15.35
CA MET D 181 -35.27 -47.94 -15.74
C MET D 181 -36.54 -47.26 -15.35
N TRP D 182 -37.70 -47.83 -15.71
CA TRP D 182 -39.01 -47.23 -15.40
C TRP D 182 -39.13 -46.90 -13.95
N LYS D 183 -39.65 -45.67 -13.62
CA LYS D 183 -39.93 -45.26 -12.23
C LYS D 183 -38.70 -44.87 -11.40
N THR D 184 -37.46 -44.93 -11.97
CA THR D 184 -36.29 -44.45 -11.22
C THR D 184 -36.43 -42.93 -11.17
N SER D 185 -36.13 -42.34 -10.03
CA SER D 185 -36.32 -40.94 -9.79
C SER D 185 -35.19 -40.12 -9.24
N PHE D 186 -35.25 -38.82 -9.53
CA PHE D 186 -34.35 -37.87 -8.92
C PHE D 186 -35.27 -36.95 -8.14
N ALA D 187 -34.99 -36.82 -6.86
CA ALA D 187 -35.75 -36.00 -5.94
C ALA D 187 -35.52 -34.50 -6.09
N TRP D 188 -36.38 -33.70 -5.48
CA TRP D 188 -36.27 -32.22 -5.57
C TRP D 188 -34.97 -31.74 -5.02
N HIS D 189 -34.22 -30.95 -5.81
CA HIS D 189 -32.91 -30.45 -5.42
C HIS D 189 -32.41 -29.41 -6.39
N THR D 190 -31.43 -28.65 -5.95
CA THR D 190 -30.65 -27.73 -6.76
C THR D 190 -29.30 -28.44 -6.85
N GLU D 191 -28.41 -27.95 -7.70
CA GLU D 191 -27.08 -28.53 -7.83
C GLU D 191 -26.21 -28.20 -6.61
N ASP D 192 -25.13 -28.97 -6.42
CA ASP D 192 -24.19 -28.71 -5.35
C ASP D 192 -23.59 -27.32 -5.61
N MET D 193 -23.46 -26.51 -4.54
CA MET D 193 -22.96 -25.13 -4.61
C MET D 193 -23.85 -24.22 -5.50
N ASP D 194 -25.09 -24.68 -5.76
CA ASP D 194 -26.11 -24.03 -6.62
C ASP D 194 -25.53 -23.73 -8.01
N LEU D 195 -24.82 -24.72 -8.57
CA LEU D 195 -24.15 -24.66 -9.87
C LEU D 195 -25.14 -24.94 -11.01
N TYR D 196 -24.64 -24.90 -12.26
CA TYR D 196 -25.42 -25.28 -13.42
C TYR D 196 -25.15 -26.76 -13.60
N SER D 197 -25.96 -27.41 -14.46
CA SER D 197 -25.71 -28.77 -14.86
C SER D 197 -26.15 -28.98 -16.30
N ILE D 198 -25.45 -29.90 -16.97
CA ILE D 198 -25.72 -30.33 -18.33
C ILE D 198 -26.07 -31.83 -18.22
N ASN D 199 -27.16 -32.24 -18.91
CA ASN D 199 -27.61 -33.61 -18.94
C ASN D 199 -27.89 -33.98 -20.40
N TYR D 200 -27.16 -34.97 -20.93
CA TYR D 200 -27.37 -35.47 -22.29
C TYR D 200 -27.92 -36.90 -22.21
N LEU D 201 -29.07 -37.16 -22.88
CA LEU D 201 -29.65 -38.49 -22.93
C LEU D 201 -29.01 -39.20 -24.10
N HIS D 202 -27.98 -40.04 -23.83
CA HIS D 202 -27.23 -40.81 -24.82
C HIS D 202 -28.13 -41.70 -25.66
N PHE D 203 -28.97 -42.50 -24.99
CA PHE D 203 -29.88 -43.42 -25.68
C PHE D 203 -31.02 -43.86 -24.80
N GLY D 204 -31.96 -44.58 -25.39
CA GLY D 204 -33.07 -45.19 -24.68
C GLY D 204 -34.34 -44.40 -24.53
N GLU D 205 -35.13 -44.81 -23.53
CA GLU D 205 -36.44 -44.25 -23.24
C GLU D 205 -36.34 -42.87 -22.60
N PRO D 206 -37.39 -42.02 -22.71
CA PRO D 206 -37.26 -40.64 -22.21
C PRO D 206 -37.06 -40.44 -20.69
N LYS D 207 -36.74 -39.20 -20.32
CA LYS D 207 -36.56 -38.75 -18.96
C LYS D 207 -37.44 -37.52 -18.83
N SER D 208 -38.45 -37.57 -17.92
CA SER D 208 -39.33 -36.42 -17.68
C SER D 208 -38.83 -35.63 -16.49
N TRP D 209 -38.95 -34.31 -16.57
CA TRP D 209 -38.44 -33.37 -15.58
C TRP D 209 -39.53 -32.43 -15.14
N TYR D 210 -39.37 -31.92 -13.90
CA TYR D 210 -40.16 -30.87 -13.26
C TYR D 210 -39.17 -29.82 -12.81
N SER D 211 -39.53 -28.55 -12.96
CA SER D 211 -38.69 -27.46 -12.52
C SER D 211 -39.51 -26.36 -11.83
N VAL D 212 -38.91 -25.74 -10.80
CA VAL D 212 -39.45 -24.61 -10.09
C VAL D 212 -38.50 -23.44 -10.45
N PRO D 213 -39.04 -22.32 -10.97
CA PRO D 213 -38.17 -21.19 -11.31
C PRO D 213 -37.32 -20.73 -10.12
N PRO D 214 -36.00 -20.39 -10.31
CA PRO D 214 -35.20 -19.89 -9.18
C PRO D 214 -35.88 -18.78 -8.36
N GLU D 215 -36.67 -17.89 -9.00
CA GLU D 215 -37.37 -16.79 -8.28
C GLU D 215 -38.43 -17.31 -7.27
N HIS D 216 -38.83 -18.59 -7.36
CA HIS D 216 -39.78 -19.20 -6.44
C HIS D 216 -39.20 -20.34 -5.61
N GLY D 217 -37.88 -20.56 -5.71
CA GLY D 217 -37.15 -21.61 -5.01
C GLY D 217 -37.34 -21.63 -3.50
N LYS D 218 -37.41 -20.44 -2.88
CA LYS D 218 -37.61 -20.25 -1.46
C LYS D 218 -39.03 -20.64 -1.03
N ARG D 219 -40.02 -20.50 -1.93
CA ARG D 219 -41.41 -20.89 -1.69
C ARG D 219 -41.48 -22.40 -1.54
N LEU D 220 -40.69 -23.14 -2.36
CA LEU D 220 -40.62 -24.60 -2.31
C LEU D 220 -39.97 -25.07 -1.03
N GLU D 221 -38.83 -24.45 -0.66
CA GLU D 221 -38.06 -24.71 0.55
C GLU D 221 -38.94 -24.54 1.81
N ARG D 222 -39.77 -23.46 1.85
CA ARG D 222 -40.69 -23.16 2.93
C ARG D 222 -41.76 -24.22 3.07
N LEU D 223 -42.29 -24.67 1.95
CA LEU D 223 -43.27 -25.75 1.86
C LEU D 223 -42.68 -27.06 2.38
N ALA D 224 -41.52 -27.48 1.84
CA ALA D 224 -40.80 -28.71 2.20
C ALA D 224 -40.54 -28.78 3.71
N LYS D 225 -40.21 -27.62 4.35
CA LYS D 225 -40.00 -27.49 5.81
C LYS D 225 -41.27 -27.81 6.59
N GLY D 226 -42.40 -27.20 6.20
CA GLY D 226 -43.71 -27.41 6.83
C GLY D 226 -44.16 -28.86 6.80
N PHE D 227 -43.68 -29.61 5.79
CA PHE D 227 -44.02 -31.02 5.63
C PHE D 227 -43.05 -31.99 6.28
N PHE D 228 -41.74 -31.65 6.30
CA PHE D 228 -40.71 -32.46 6.93
C PHE D 228 -40.02 -31.60 7.98
N PRO D 229 -40.69 -31.31 9.13
CA PRO D 229 -40.09 -30.42 10.14
C PRO D 229 -38.95 -31.04 10.95
N GLY D 230 -38.94 -32.38 11.06
CA GLY D 230 -37.91 -33.12 11.76
C GLY D 230 -36.61 -33.15 10.96
N SER D 231 -36.75 -33.33 9.61
CA SER D 231 -35.68 -33.35 8.61
C SER D 231 -34.99 -31.97 8.55
N ALA D 232 -35.79 -30.88 8.64
CA ALA D 232 -35.34 -29.48 8.60
C ALA D 232 -34.68 -29.01 9.89
N GLN D 233 -35.11 -29.57 11.05
CA GLN D 233 -34.55 -29.24 12.37
C GLN D 233 -33.18 -29.89 12.55
N SER D 234 -32.89 -30.97 11.81
CA SER D 234 -31.62 -31.71 11.83
C SER D 234 -30.59 -31.12 10.84
N CYS D 235 -31.06 -30.76 9.63
CA CYS D 235 -30.23 -30.19 8.56
C CYS D 235 -30.90 -28.94 7.96
N GLU D 236 -30.12 -27.84 7.86
CA GLU D 236 -30.55 -26.55 7.31
C GLU D 236 -31.04 -26.70 5.84
N ALA D 237 -30.29 -27.43 5.03
CA ALA D 237 -30.62 -27.66 3.62
C ALA D 237 -30.87 -29.17 3.40
N PHE D 238 -31.96 -29.72 4.01
CA PHE D 238 -32.31 -31.14 3.94
C PHE D 238 -32.69 -31.60 2.54
N LEU D 239 -33.15 -30.68 1.68
CA LEU D 239 -33.46 -31.02 0.28
C LEU D 239 -32.19 -31.46 -0.49
N ARG D 240 -31.00 -31.04 -0.01
CA ARG D 240 -29.66 -31.38 -0.53
C ARG D 240 -29.36 -32.89 -0.43
N HIS D 241 -30.05 -33.61 0.51
CA HIS D 241 -29.93 -35.06 0.69
C HIS D 241 -30.51 -35.79 -0.52
N LYS D 242 -31.36 -35.08 -1.30
CA LYS D 242 -32.05 -35.52 -2.53
C LYS D 242 -32.90 -36.75 -2.23
N MET D 243 -33.80 -36.59 -1.23
CA MET D 243 -34.69 -37.64 -0.74
C MET D 243 -36.16 -37.28 -0.81
N THR D 244 -36.49 -36.02 -1.02
CA THR D 244 -37.85 -35.52 -0.99
C THR D 244 -38.48 -35.45 -2.38
N LEU D 245 -39.62 -36.12 -2.52
CA LEU D 245 -40.41 -36.16 -3.76
C LEU D 245 -41.74 -35.49 -3.48
N ILE D 246 -42.13 -34.55 -4.37
CA ILE D 246 -43.36 -33.74 -4.22
C ILE D 246 -44.07 -33.77 -5.55
N SER D 247 -45.33 -34.27 -5.56
CA SER D 247 -46.11 -34.41 -6.79
C SER D 247 -46.55 -33.07 -7.40
N PRO D 248 -46.73 -32.97 -8.76
CA PRO D 248 -47.20 -31.71 -9.36
C PRO D 248 -48.51 -31.21 -8.77
N LEU D 249 -49.41 -32.13 -8.38
CA LEU D 249 -50.69 -31.80 -7.71
C LEU D 249 -50.49 -31.12 -6.36
N MET D 250 -49.47 -31.57 -5.57
CA MET D 250 -49.14 -30.95 -4.28
C MET D 250 -48.61 -29.55 -4.53
N LEU D 251 -47.69 -29.38 -5.53
CA LEU D 251 -47.14 -28.07 -5.89
C LEU D 251 -48.25 -27.10 -6.29
N LYS D 252 -49.23 -27.61 -7.07
CA LYS D 252 -50.35 -26.83 -7.54
C LYS D 252 -51.26 -26.45 -6.38
N LYS D 253 -51.52 -27.39 -5.44
CA LYS D 253 -52.37 -27.12 -4.26
C LYS D 253 -51.82 -25.97 -3.39
N TYR D 254 -50.49 -25.91 -3.25
CA TYR D 254 -49.78 -24.95 -2.43
C TYR D 254 -49.25 -23.74 -3.21
N GLY D 255 -49.72 -23.59 -4.44
CA GLY D 255 -49.41 -22.44 -5.27
C GLY D 255 -47.97 -22.27 -5.68
N ILE D 256 -47.20 -23.37 -5.76
CA ILE D 256 -45.82 -23.32 -6.17
C ILE D 256 -45.78 -23.30 -7.74
N PRO D 257 -45.26 -22.24 -8.37
CA PRO D 257 -45.18 -22.21 -9.85
C PRO D 257 -44.11 -23.19 -10.34
N PHE D 258 -44.45 -23.98 -11.38
CA PHE D 258 -43.58 -25.02 -11.92
C PHE D 258 -43.90 -25.28 -13.37
N ASP D 259 -43.03 -26.03 -14.03
CA ASP D 259 -43.23 -26.45 -15.41
C ASP D 259 -42.70 -27.86 -15.57
N LYS D 260 -43.13 -28.55 -16.64
CA LYS D 260 -42.68 -29.91 -16.95
C LYS D 260 -42.24 -30.06 -18.40
N VAL D 261 -41.25 -30.93 -18.63
CA VAL D 261 -40.70 -31.20 -19.96
C VAL D 261 -40.18 -32.65 -20.02
N THR D 262 -40.31 -33.29 -21.21
CA THR D 262 -39.82 -34.65 -21.45
C THR D 262 -38.59 -34.54 -22.36
N GLN D 263 -37.45 -35.05 -21.86
CA GLN D 263 -36.20 -35.10 -22.59
C GLN D 263 -36.14 -36.45 -23.33
N GLU D 264 -35.93 -36.37 -24.66
CA GLU D 264 -35.81 -37.56 -25.48
C GLU D 264 -34.35 -37.86 -25.84
N ALA D 265 -34.06 -39.11 -26.31
CA ALA D 265 -32.70 -39.54 -26.65
C ALA D 265 -32.09 -38.58 -27.65
N GLY D 266 -30.84 -38.19 -27.39
CA GLY D 266 -30.07 -37.26 -28.20
C GLY D 266 -30.33 -35.79 -27.90
N GLU D 267 -30.95 -35.47 -26.73
CA GLU D 267 -31.25 -34.08 -26.34
C GLU D 267 -30.53 -33.73 -25.06
N PHE D 268 -30.23 -32.44 -24.87
CA PHE D 268 -29.60 -31.89 -23.69
C PHE D 268 -30.58 -31.12 -22.84
N MET D 269 -30.39 -31.18 -21.53
CA MET D 269 -31.13 -30.38 -20.56
C MET D 269 -30.09 -29.59 -19.78
N ILE D 270 -30.36 -28.29 -19.61
CA ILE D 270 -29.51 -27.39 -18.83
C ILE D 270 -30.29 -26.95 -17.59
N THR D 271 -29.66 -27.07 -16.42
CA THR D 271 -30.23 -26.62 -15.14
C THR D 271 -29.41 -25.41 -14.78
N PHE D 272 -30.09 -24.40 -14.25
CA PHE D 272 -29.50 -23.09 -13.93
C PHE D 272 -29.32 -22.91 -12.41
N PRO D 273 -28.42 -22.01 -11.96
CA PRO D 273 -28.20 -21.86 -10.51
C PRO D 273 -29.49 -21.63 -9.72
N TYR D 274 -29.67 -22.43 -8.64
CA TYR D 274 -30.83 -22.37 -7.75
C TYR D 274 -32.16 -22.74 -8.44
N GLY D 275 -32.07 -23.49 -9.53
CA GLY D 275 -33.23 -24.03 -10.23
C GLY D 275 -33.52 -25.41 -9.65
N TYR D 276 -34.59 -25.54 -8.84
CA TYR D 276 -35.02 -26.82 -8.25
C TYR D 276 -35.60 -27.69 -9.32
N HIS D 277 -35.17 -28.96 -9.40
CA HIS D 277 -35.68 -29.92 -10.39
C HIS D 277 -35.82 -31.27 -9.77
N ALA D 278 -36.67 -32.10 -10.35
CA ALA D 278 -36.96 -33.48 -9.96
C ALA D 278 -37.49 -34.16 -11.22
N GLY D 279 -37.42 -35.47 -11.29
CA GLY D 279 -37.97 -36.18 -12.43
C GLY D 279 -37.90 -37.68 -12.28
N PHE D 280 -38.23 -38.36 -13.37
CA PHE D 280 -38.23 -39.82 -13.47
C PHE D 280 -37.91 -40.27 -14.89
N ASN D 281 -37.43 -41.52 -14.98
CA ASN D 281 -37.13 -42.20 -16.22
C ASN D 281 -38.32 -43.03 -16.65
N HIS D 282 -38.59 -43.06 -17.97
CA HIS D 282 -39.71 -43.80 -18.59
C HIS D 282 -39.32 -45.23 -18.74
N GLY D 283 -38.03 -45.47 -18.92
CA GLY D 283 -37.58 -46.84 -19.10
C GLY D 283 -36.09 -46.90 -19.27
N PHE D 284 -35.58 -48.01 -19.81
CA PHE D 284 -34.14 -48.18 -20.01
C PHE D 284 -33.57 -47.11 -20.85
N ASN D 285 -32.61 -46.40 -20.27
CA ASN D 285 -31.90 -45.31 -20.94
C ASN D 285 -30.53 -45.05 -20.29
N CYS D 286 -29.74 -44.15 -20.87
CA CYS D 286 -28.47 -43.75 -20.33
C CYS D 286 -28.26 -42.26 -20.56
N ALA D 287 -27.97 -41.51 -19.45
CA ALA D 287 -27.71 -40.05 -19.43
C ALA D 287 -26.34 -39.75 -18.88
N GLU D 288 -25.71 -38.69 -19.43
CA GLU D 288 -24.41 -38.22 -18.94
C GLU D 288 -24.59 -36.83 -18.35
N SER D 289 -23.99 -36.60 -17.19
CA SER D 289 -24.14 -35.36 -16.47
C SER D 289 -22.83 -34.84 -15.83
N THR D 290 -22.76 -33.52 -15.61
CA THR D 290 -21.72 -32.77 -14.93
C THR D 290 -22.22 -31.37 -14.56
N ASN D 291 -21.47 -30.68 -13.69
CA ASN D 291 -21.74 -29.32 -13.27
C ASN D 291 -20.84 -28.38 -14.03
N PHE D 292 -21.29 -27.13 -14.21
CA PHE D 292 -20.51 -26.08 -14.88
C PHE D 292 -20.88 -24.73 -14.33
N ALA D 293 -20.07 -23.72 -14.63
CA ALA D 293 -20.31 -22.39 -14.12
C ALA D 293 -20.16 -21.34 -15.18
N THR D 294 -20.68 -20.15 -14.89
CA THR D 294 -20.55 -18.93 -15.69
C THR D 294 -20.21 -17.87 -14.64
N ARG D 295 -19.91 -16.63 -15.05
CA ARG D 295 -19.61 -15.56 -14.09
C ARG D 295 -20.80 -15.27 -13.14
N ARG D 296 -22.06 -15.41 -13.62
CA ARG D 296 -23.29 -15.21 -12.86
C ARG D 296 -23.35 -16.14 -11.63
N TRP D 297 -22.85 -17.38 -11.77
CA TRP D 297 -22.83 -18.39 -10.73
C TRP D 297 -22.09 -17.96 -9.46
N ILE D 298 -20.94 -17.29 -9.56
CA ILE D 298 -20.11 -16.90 -8.40
C ILE D 298 -20.95 -16.40 -7.21
N GLU D 299 -21.93 -15.50 -7.45
CA GLU D 299 -22.79 -14.97 -6.37
C GLU D 299 -23.66 -16.04 -5.71
N TYR D 300 -24.15 -17.00 -6.53
CA TYR D 300 -24.94 -18.14 -6.07
C TYR D 300 -24.06 -19.08 -5.22
N GLY D 301 -22.79 -19.27 -5.62
CA GLY D 301 -21.83 -20.10 -4.90
C GLY D 301 -21.52 -19.54 -3.53
N LYS D 302 -21.33 -18.21 -3.47
CA LYS D 302 -21.05 -17.44 -2.25
C LYS D 302 -22.21 -17.53 -1.26
N GLN D 303 -23.46 -17.36 -1.75
CA GLN D 303 -24.70 -17.35 -0.98
C GLN D 303 -25.38 -18.71 -0.75
N ALA D 304 -24.84 -19.80 -1.36
CA ALA D 304 -25.43 -21.15 -1.26
C ALA D 304 -25.47 -21.71 0.16
N VAL D 305 -26.68 -22.14 0.59
CA VAL D 305 -26.90 -22.75 1.91
C VAL D 305 -26.66 -24.25 1.73
N LEU D 306 -25.59 -24.76 2.39
CA LEU D 306 -25.15 -26.15 2.27
C LEU D 306 -25.70 -27.08 3.35
N CYS D 307 -25.57 -28.40 3.09
CA CYS D 307 -25.97 -29.47 4.00
C CYS D 307 -25.00 -29.53 5.19
N SER D 308 -25.55 -29.47 6.42
CA SER D 308 -24.81 -29.51 7.68
C SER D 308 -24.15 -30.87 7.92
N CYS D 309 -24.94 -31.96 7.82
CA CYS D 309 -24.49 -33.34 8.03
C CYS D 309 -23.79 -33.92 6.80
N MET D 313 -21.37 -34.06 1.89
CA MET D 313 -21.77 -32.85 1.16
C MET D 313 -20.61 -32.25 0.34
N VAL D 314 -20.91 -31.86 -0.92
CA VAL D 314 -19.93 -31.26 -1.85
C VAL D 314 -19.75 -29.77 -1.56
N LYS D 315 -18.55 -29.40 -1.09
CA LYS D 315 -18.20 -28.01 -0.75
C LYS D 315 -17.06 -27.48 -1.61
N ILE D 316 -17.23 -26.28 -2.17
CA ILE D 316 -16.23 -25.62 -3.01
C ILE D 316 -15.80 -24.33 -2.30
N SER D 317 -14.47 -24.09 -2.23
CA SER D 317 -13.93 -22.87 -1.65
C SER D 317 -14.17 -21.75 -2.69
N MET D 318 -14.91 -20.70 -2.30
CA MET D 318 -15.28 -19.60 -3.21
C MET D 318 -14.19 -18.54 -3.37
N ASP D 319 -13.16 -18.54 -2.47
CA ASP D 319 -12.01 -17.60 -2.42
C ASP D 319 -11.38 -17.33 -3.78
N VAL D 320 -11.03 -18.40 -4.53
CA VAL D 320 -10.40 -18.33 -5.85
C VAL D 320 -11.28 -17.59 -6.88
N PHE D 321 -12.62 -17.75 -6.79
CA PHE D 321 -13.56 -17.11 -7.70
C PHE D 321 -13.69 -15.62 -7.38
N VAL D 322 -13.78 -15.26 -6.08
CA VAL D 322 -13.89 -13.87 -5.63
C VAL D 322 -12.56 -13.14 -5.91
N ARG D 323 -11.43 -13.83 -5.76
CA ARG D 323 -10.09 -13.29 -6.00
C ARG D 323 -9.83 -12.89 -7.45
N LYS D 324 -10.53 -13.50 -8.40
CA LYS D 324 -10.36 -13.26 -9.84
C LYS D 324 -11.43 -12.37 -10.49
N PHE D 325 -12.71 -12.62 -10.19
CA PHE D 325 -13.83 -11.92 -10.82
C PHE D 325 -14.44 -10.80 -10.00
N GLN D 326 -14.19 -10.78 -8.70
CA GLN D 326 -14.67 -9.72 -7.80
C GLN D 326 -13.49 -9.27 -6.90
N PRO D 327 -12.31 -8.84 -7.44
CA PRO D 327 -11.19 -8.49 -6.53
C PRO D 327 -11.49 -7.37 -5.54
N GLU D 328 -12.34 -6.40 -5.95
CA GLU D 328 -12.78 -5.24 -5.16
C GLU D 328 -13.66 -5.64 -3.97
N ARG D 329 -14.41 -6.74 -4.11
CA ARG D 329 -15.33 -7.24 -3.10
C ARG D 329 -14.69 -8.28 -2.16
N TYR D 330 -13.48 -8.80 -2.50
CA TYR D 330 -12.74 -9.81 -1.74
C TYR D 330 -12.57 -9.49 -0.25
N LYS D 331 -12.12 -8.26 0.07
CA LYS D 331 -11.93 -7.82 1.46
C LYS D 331 -13.28 -7.79 2.21
N LEU D 332 -14.29 -7.12 1.60
CA LEU D 332 -15.66 -6.99 2.12
C LEU D 332 -16.31 -8.36 2.37
N TRP D 333 -16.16 -9.29 1.42
CA TRP D 333 -16.71 -10.65 1.48
C TRP D 333 -16.01 -11.53 2.51
N LYS D 334 -14.65 -11.45 2.60
CA LYS D 334 -13.86 -12.21 3.58
C LYS D 334 -14.18 -11.80 5.02
N ALA D 335 -14.67 -10.55 5.20
CA ALA D 335 -15.08 -10.00 6.50
C ALA D 335 -16.54 -10.41 6.85
N GLY D 336 -17.39 -10.53 5.83
CA GLY D 336 -18.81 -10.88 5.97
C GLY D 336 -19.71 -9.69 5.69
N LYS D 337 -19.13 -8.58 5.19
CA LYS D 337 -19.80 -7.32 4.84
C LYS D 337 -20.35 -7.28 3.41
N ASP D 338 -20.27 -8.42 2.68
CA ASP D 338 -20.84 -8.53 1.34
C ASP D 338 -22.27 -9.05 1.49
N ASN D 339 -23.26 -8.18 1.21
CA ASN D 339 -24.68 -8.51 1.33
C ASN D 339 -25.44 -8.34 0.01
N THR D 340 -24.76 -8.63 -1.13
CA THR D 340 -25.32 -8.56 -2.48
C THR D 340 -26.59 -9.39 -2.59
N VAL D 341 -27.67 -8.79 -3.10
CA VAL D 341 -28.94 -9.48 -3.28
C VAL D 341 -28.97 -10.02 -4.71
N ILE D 342 -29.23 -11.33 -4.87
CA ILE D 342 -29.29 -11.98 -6.17
C ILE D 342 -30.62 -11.69 -6.89
N ASP D 343 -30.53 -11.23 -8.15
CA ASP D 343 -31.67 -11.03 -9.05
C ASP D 343 -31.66 -12.26 -9.95
N HIS D 344 -32.65 -13.17 -9.76
CA HIS D 344 -32.74 -14.42 -10.51
C HIS D 344 -33.13 -14.22 -11.98
N THR D 345 -33.71 -13.04 -12.33
CA THR D 345 -34.15 -12.71 -13.69
C THR D 345 -33.01 -12.19 -14.59
N LEU D 346 -31.91 -11.70 -13.98
CA LEU D 346 -30.76 -11.14 -14.70
C LEU D 346 -29.91 -12.18 -15.42
N PRO D 347 -29.51 -11.94 -16.68
CA PRO D 347 -28.65 -12.92 -17.37
C PRO D 347 -27.17 -12.76 -17.00
N THR D 348 -26.36 -13.82 -17.24
CA THR D 348 -24.91 -13.86 -17.00
C THR D 348 -24.23 -12.69 -17.72
N PRO D 349 -23.20 -12.02 -17.13
CA PRO D 349 -22.52 -10.89 -17.82
C PRO D 349 -22.07 -11.17 -19.25
N GLU D 350 -21.75 -12.46 -19.56
CA GLU D 350 -21.34 -12.98 -20.87
C GLU D 350 -22.39 -12.78 -21.99
N ALA D 351 -23.68 -12.61 -21.61
CA ALA D 351 -24.79 -12.37 -22.54
C ALA D 351 -24.79 -10.90 -23.09
N ALA D 352 -23.76 -10.09 -22.75
CA ALA D 352 -23.61 -8.68 -23.17
C ALA D 352 -23.58 -8.46 -24.68
N GLU D 353 -22.93 -9.38 -25.43
CA GLU D 353 -22.84 -9.34 -26.89
C GLU D 353 -24.19 -9.58 -27.60
N PHE D 354 -25.21 -10.04 -26.85
CA PHE D 354 -26.56 -10.36 -27.35
C PHE D 354 -27.63 -9.34 -26.89
N LEU D 355 -27.19 -8.26 -26.19
CA LEU D 355 -28.05 -7.19 -25.69
C LEU D 355 -28.15 -6.06 -26.70
#